data_1EJ2
# 
_entry.id   1EJ2 
# 
_audit_conform.dict_name       mmcif_pdbx.dic 
_audit_conform.dict_version    5.385 
_audit_conform.dict_location   http://mmcif.pdb.org/dictionaries/ascii/mmcif_pdbx.dic 
# 
loop_
_database_2.database_id 
_database_2.database_code 
_database_2.pdbx_database_accession 
_database_2.pdbx_DOI 
PDB   1EJ2         pdb_00001ej2 10.2210/pdb1ej2/pdb 
RCSB  RCSB010624   ?            ?                   
WWPDB D_1000010624 ?            ?                   
# 
loop_
_pdbx_audit_revision_history.ordinal 
_pdbx_audit_revision_history.data_content_type 
_pdbx_audit_revision_history.major_revision 
_pdbx_audit_revision_history.minor_revision 
_pdbx_audit_revision_history.revision_date 
1 'Structure model' 1 0 2001-03-14 
2 'Structure model' 1 1 2008-04-27 
3 'Structure model' 1 2 2011-07-13 
4 'Structure model' 1 3 2024-02-07 
# 
_pdbx_audit_revision_details.ordinal             1 
_pdbx_audit_revision_details.revision_ordinal    1 
_pdbx_audit_revision_details.data_content_type   'Structure model' 
_pdbx_audit_revision_details.provider            repository 
_pdbx_audit_revision_details.type                'Initial release' 
_pdbx_audit_revision_details.description         ? 
_pdbx_audit_revision_details.details             ? 
# 
loop_
_pdbx_audit_revision_group.ordinal 
_pdbx_audit_revision_group.revision_ordinal 
_pdbx_audit_revision_group.data_content_type 
_pdbx_audit_revision_group.group 
1 2 'Structure model' 'Version format compliance' 
2 3 'Structure model' 'Derived calculations'      
3 3 'Structure model' 'Version format compliance' 
4 4 'Structure model' 'Data collection'           
5 4 'Structure model' 'Database references'       
6 4 'Structure model' 'Derived calculations'      
# 
loop_
_pdbx_audit_revision_category.ordinal 
_pdbx_audit_revision_category.revision_ordinal 
_pdbx_audit_revision_category.data_content_type 
_pdbx_audit_revision_category.category 
1 4 'Structure model' chem_comp_atom 
2 4 'Structure model' chem_comp_bond 
3 4 'Structure model' database_2     
4 4 'Structure model' struct_site    
# 
loop_
_pdbx_audit_revision_item.ordinal 
_pdbx_audit_revision_item.revision_ordinal 
_pdbx_audit_revision_item.data_content_type 
_pdbx_audit_revision_item.item 
1 4 'Structure model' '_database_2.pdbx_DOI'                
2 4 'Structure model' '_database_2.pdbx_database_accession' 
3 4 'Structure model' '_struct_site.pdbx_auth_asym_id'      
4 4 'Structure model' '_struct_site.pdbx_auth_comp_id'      
5 4 'Structure model' '_struct_site.pdbx_auth_seq_id'       
# 
_pdbx_database_status.status_code                     REL 
_pdbx_database_status.entry_id                        1EJ2 
_pdbx_database_status.recvd_initial_deposition_date   2000-02-29 
_pdbx_database_status.deposit_site                    RCSB 
_pdbx_database_status.process_site                    RCSB 
_pdbx_database_status.SG_entry                        Y 
_pdbx_database_status.status_code_sf                  ? 
_pdbx_database_status.status_code_mr                  ? 
_pdbx_database_status.pdb_format_compatible           Y 
_pdbx_database_status.status_code_cs                  ? 
_pdbx_database_status.status_code_nmr_data            ? 
_pdbx_database_status.methods_development_category    ? 
# 
loop_
_pdbx_database_related.db_name 
_pdbx_database_related.db_id 
_pdbx_database_related.details 
_pdbx_database_related.content_type 
TargetDB APC050 . unspecified 
TargetDB TT4    . unspecified 
# 
loop_
_audit_author.name 
_audit_author.pdbx_ordinal 
'Saridakis, V.'                                   1 
'Christendat, D.'                                 2 
'Kimber, M.S.'                                    3 
'Edwards, A.M.'                                   4 
'Pai, E.F.'                                       5 
'Midwest Center for Structural Genomics (MCSG)'   6 
'Northeast Structural Genomics Consortium (NESG)' 7 
# 
_citation.id                        primary 
_citation.title                     
;Insights into ligand binding and catalysis of a central step in NAD+ synthesis: structures of Methanobacterium thermoautotrophicum NMN adenylyltransferase complexes.
;
_citation.journal_abbrev            J.Biol.Chem. 
_citation.journal_volume            276 
_citation.page_first                7225 
_citation.page_last                 7232 
_citation.year                      2001 
_citation.journal_id_ASTM           JBCHA3 
_citation.country                   US 
_citation.journal_id_ISSN           0021-9258 
_citation.journal_id_CSD            0071 
_citation.book_publisher            ? 
_citation.pdbx_database_id_PubMed   11063748 
_citation.pdbx_database_id_DOI      10.1074/jbc.M008810200 
# 
loop_
_citation_author.citation_id 
_citation_author.name 
_citation_author.ordinal 
_citation_author.identifier_ORCID 
primary 'Saridakis, V.'   1 ? 
primary 'Christendat, D.' 2 ? 
primary 'Kimber, M.S.'    3 ? 
primary 'Dharamsi, A.'    4 ? 
primary 'Edwards, A.M.'   5 ? 
primary 'Pai, E.F.'       6 ? 
# 
loop_
_entity.id 
_entity.type 
_entity.src_method 
_entity.pdbx_description 
_entity.formula_weight 
_entity.pdbx_number_of_molecules 
_entity.pdbx_ec 
_entity.pdbx_mutation 
_entity.pdbx_fragment 
_entity.details 
1 polymer     man 'NICOTINAMIDE MONONUCLEOTIDE ADENYLYLTRANSFERASE' 20596.793 1   2.7.7.1 ? ? ? 
2 non-polymer syn 'SULFATE ION'                                     96.063    1   ?       ? ? ? 
3 non-polymer syn 'SODIUM ION'                                      22.990    1   ?       ? ? ? 
4 non-polymer syn NICOTINAMIDE-ADENINE-DINUCLEOTIDE                 663.425   1   ?       ? ? ? 
5 water       nat water                                             18.015    120 ?       ? ? ? 
# 
_entity_poly.entity_id                      1 
_entity_poly.type                           'polypeptide(L)' 
_entity_poly.nstd_linkage                   no 
_entity_poly.nstd_monomer                   no 
_entity_poly.pdbx_seq_one_letter_code       
;MMTMRGLLVGRMQPFHRGHLQVIKSILEEVDELIICIGSAQLSHSIRDPFTAGERVMMLTKALSENGIPASRYYIIPVQD
IECNALWVGHIKMLTPPFDRVYSGNPLVQRLFSEDGYEVTAPPLFYRDRYSGTEVRRRMLDDGDWRSLLPESVVEVIDEI
NGVERIKHLAKKEVSELGGIS
;
_entity_poly.pdbx_seq_one_letter_code_can   
;MMTMRGLLVGRMQPFHRGHLQVIKSILEEVDELIICIGSAQLSHSIRDPFTAGERVMMLTKALSENGIPASRYYIIPVQD
IECNALWVGHIKMLTPPFDRVYSGNPLVQRLFSEDGYEVTAPPLFYRDRYSGTEVRRRMLDDGDWRSLLPESVVEVIDEI
NGVERIKHLAKKEVSELGGIS
;
_entity_poly.pdbx_strand_id                 A 
_entity_poly.pdbx_target_identifier         APC050,TT4 
# 
loop_
_pdbx_entity_nonpoly.entity_id 
_pdbx_entity_nonpoly.name 
_pdbx_entity_nonpoly.comp_id 
2 'SULFATE ION'                     SO4 
3 'SODIUM ION'                      NA  
4 NICOTINAMIDE-ADENINE-DINUCLEOTIDE NAD 
5 water                             HOH 
# 
loop_
_entity_poly_seq.entity_id 
_entity_poly_seq.num 
_entity_poly_seq.mon_id 
_entity_poly_seq.hetero 
1 1   MET n 
1 2   MET n 
1 3   THR n 
1 4   MET n 
1 5   ARG n 
1 6   GLY n 
1 7   LEU n 
1 8   LEU n 
1 9   VAL n 
1 10  GLY n 
1 11  ARG n 
1 12  MET n 
1 13  GLN n 
1 14  PRO n 
1 15  PHE n 
1 16  HIS n 
1 17  ARG n 
1 18  GLY n 
1 19  HIS n 
1 20  LEU n 
1 21  GLN n 
1 22  VAL n 
1 23  ILE n 
1 24  LYS n 
1 25  SER n 
1 26  ILE n 
1 27  LEU n 
1 28  GLU n 
1 29  GLU n 
1 30  VAL n 
1 31  ASP n 
1 32  GLU n 
1 33  LEU n 
1 34  ILE n 
1 35  ILE n 
1 36  CYS n 
1 37  ILE n 
1 38  GLY n 
1 39  SER n 
1 40  ALA n 
1 41  GLN n 
1 42  LEU n 
1 43  SER n 
1 44  HIS n 
1 45  SER n 
1 46  ILE n 
1 47  ARG n 
1 48  ASP n 
1 49  PRO n 
1 50  PHE n 
1 51  THR n 
1 52  ALA n 
1 53  GLY n 
1 54  GLU n 
1 55  ARG n 
1 56  VAL n 
1 57  MET n 
1 58  MET n 
1 59  LEU n 
1 60  THR n 
1 61  LYS n 
1 62  ALA n 
1 63  LEU n 
1 64  SER n 
1 65  GLU n 
1 66  ASN n 
1 67  GLY n 
1 68  ILE n 
1 69  PRO n 
1 70  ALA n 
1 71  SER n 
1 72  ARG n 
1 73  TYR n 
1 74  TYR n 
1 75  ILE n 
1 76  ILE n 
1 77  PRO n 
1 78  VAL n 
1 79  GLN n 
1 80  ASP n 
1 81  ILE n 
1 82  GLU n 
1 83  CYS n 
1 84  ASN n 
1 85  ALA n 
1 86  LEU n 
1 87  TRP n 
1 88  VAL n 
1 89  GLY n 
1 90  HIS n 
1 91  ILE n 
1 92  LYS n 
1 93  MET n 
1 94  LEU n 
1 95  THR n 
1 96  PRO n 
1 97  PRO n 
1 98  PHE n 
1 99  ASP n 
1 100 ARG n 
1 101 VAL n 
1 102 TYR n 
1 103 SER n 
1 104 GLY n 
1 105 ASN n 
1 106 PRO n 
1 107 LEU n 
1 108 VAL n 
1 109 GLN n 
1 110 ARG n 
1 111 LEU n 
1 112 PHE n 
1 113 SER n 
1 114 GLU n 
1 115 ASP n 
1 116 GLY n 
1 117 TYR n 
1 118 GLU n 
1 119 VAL n 
1 120 THR n 
1 121 ALA n 
1 122 PRO n 
1 123 PRO n 
1 124 LEU n 
1 125 PHE n 
1 126 TYR n 
1 127 ARG n 
1 128 ASP n 
1 129 ARG n 
1 130 TYR n 
1 131 SER n 
1 132 GLY n 
1 133 THR n 
1 134 GLU n 
1 135 VAL n 
1 136 ARG n 
1 137 ARG n 
1 138 ARG n 
1 139 MET n 
1 140 LEU n 
1 141 ASP n 
1 142 ASP n 
1 143 GLY n 
1 144 ASP n 
1 145 TRP n 
1 146 ARG n 
1 147 SER n 
1 148 LEU n 
1 149 LEU n 
1 150 PRO n 
1 151 GLU n 
1 152 SER n 
1 153 VAL n 
1 154 VAL n 
1 155 GLU n 
1 156 VAL n 
1 157 ILE n 
1 158 ASP n 
1 159 GLU n 
1 160 ILE n 
1 161 ASN n 
1 162 GLY n 
1 163 VAL n 
1 164 GLU n 
1 165 ARG n 
1 166 ILE n 
1 167 LYS n 
1 168 HIS n 
1 169 LEU n 
1 170 ALA n 
1 171 LYS n 
1 172 LYS n 
1 173 GLU n 
1 174 VAL n 
1 175 SER n 
1 176 GLU n 
1 177 LEU n 
1 178 GLY n 
1 179 GLY n 
1 180 ILE n 
1 181 SER n 
# 
_entity_src_gen.entity_id                          1 
_entity_src_gen.pdbx_src_id                        1 
_entity_src_gen.pdbx_alt_source_flag               sample 
_entity_src_gen.pdbx_seq_type                      ? 
_entity_src_gen.pdbx_beg_seq_num                   ? 
_entity_src_gen.pdbx_end_seq_num                   ? 
_entity_src_gen.gene_src_common_name               ? 
_entity_src_gen.gene_src_genus                     Methanothermobacter 
_entity_src_gen.pdbx_gene_src_gene                 ? 
_entity_src_gen.gene_src_species                   ? 
_entity_src_gen.gene_src_strain                    ? 
_entity_src_gen.gene_src_tissue                    ? 
_entity_src_gen.gene_src_tissue_fraction           ? 
_entity_src_gen.gene_src_details                   ? 
_entity_src_gen.pdbx_gene_src_fragment             ? 
_entity_src_gen.pdbx_gene_src_scientific_name      'Methanothermobacter thermautotrophicus' 
_entity_src_gen.pdbx_gene_src_ncbi_taxonomy_id     145262 
_entity_src_gen.pdbx_gene_src_variant              ? 
_entity_src_gen.pdbx_gene_src_cell_line            ? 
_entity_src_gen.pdbx_gene_src_atcc                 ? 
_entity_src_gen.pdbx_gene_src_organ                ? 
_entity_src_gen.pdbx_gene_src_organelle            ? 
_entity_src_gen.pdbx_gene_src_cell                 ? 
_entity_src_gen.pdbx_gene_src_cellular_location    ? 
_entity_src_gen.host_org_common_name               ? 
_entity_src_gen.pdbx_host_org_scientific_name      'Escherichia coli' 
_entity_src_gen.pdbx_host_org_ncbi_taxonomy_id     562 
_entity_src_gen.host_org_genus                     Escherichia 
_entity_src_gen.pdbx_host_org_gene                 ? 
_entity_src_gen.pdbx_host_org_organ                ? 
_entity_src_gen.host_org_species                   ? 
_entity_src_gen.pdbx_host_org_tissue               ? 
_entity_src_gen.pdbx_host_org_tissue_fraction      ? 
_entity_src_gen.pdbx_host_org_strain               ? 
_entity_src_gen.pdbx_host_org_variant              ? 
_entity_src_gen.pdbx_host_org_cell_line            ? 
_entity_src_gen.pdbx_host_org_atcc                 ? 
_entity_src_gen.pdbx_host_org_culture_collection   ? 
_entity_src_gen.pdbx_host_org_cell                 ? 
_entity_src_gen.pdbx_host_org_organelle            ? 
_entity_src_gen.pdbx_host_org_cellular_location    ? 
_entity_src_gen.pdbx_host_org_vector_type          PLASMID 
_entity_src_gen.pdbx_host_org_vector               ? 
_entity_src_gen.host_org_details                   ? 
_entity_src_gen.expression_system_id               ? 
_entity_src_gen.plasmid_name                       PET15B 
_entity_src_gen.plasmid_details                    ? 
_entity_src_gen.pdbx_description                   ? 
# 
loop_
_chem_comp.id 
_chem_comp.type 
_chem_comp.mon_nstd_flag 
_chem_comp.name 
_chem_comp.pdbx_synonyms 
_chem_comp.formula 
_chem_comp.formula_weight 
ALA 'L-peptide linking' y ALANINE                           ? 'C3 H7 N O2'        89.093  
ARG 'L-peptide linking' y ARGININE                          ? 'C6 H15 N4 O2 1'    175.209 
ASN 'L-peptide linking' y ASPARAGINE                        ? 'C4 H8 N2 O3'       132.118 
ASP 'L-peptide linking' y 'ASPARTIC ACID'                   ? 'C4 H7 N O4'        133.103 
CYS 'L-peptide linking' y CYSTEINE                          ? 'C3 H7 N O2 S'      121.158 
GLN 'L-peptide linking' y GLUTAMINE                         ? 'C5 H10 N2 O3'      146.144 
GLU 'L-peptide linking' y 'GLUTAMIC ACID'                   ? 'C5 H9 N O4'        147.129 
GLY 'peptide linking'   y GLYCINE                           ? 'C2 H5 N O2'        75.067  
HIS 'L-peptide linking' y HISTIDINE                         ? 'C6 H10 N3 O2 1'    156.162 
HOH non-polymer         . WATER                             ? 'H2 O'              18.015  
ILE 'L-peptide linking' y ISOLEUCINE                        ? 'C6 H13 N O2'       131.173 
LEU 'L-peptide linking' y LEUCINE                           ? 'C6 H13 N O2'       131.173 
LYS 'L-peptide linking' y LYSINE                            ? 'C6 H15 N2 O2 1'    147.195 
MET 'L-peptide linking' y METHIONINE                        ? 'C5 H11 N O2 S'     149.211 
NA  non-polymer         . 'SODIUM ION'                      ? 'Na 1'              22.990  
NAD non-polymer         . NICOTINAMIDE-ADENINE-DINUCLEOTIDE ? 'C21 H27 N7 O14 P2' 663.425 
PHE 'L-peptide linking' y PHENYLALANINE                     ? 'C9 H11 N O2'       165.189 
PRO 'L-peptide linking' y PROLINE                           ? 'C5 H9 N O2'        115.130 
SER 'L-peptide linking' y SERINE                            ? 'C3 H7 N O3'        105.093 
SO4 non-polymer         . 'SULFATE ION'                     ? 'O4 S -2'           96.063  
THR 'L-peptide linking' y THREONINE                         ? 'C4 H9 N O3'        119.119 
TRP 'L-peptide linking' y TRYPTOPHAN                        ? 'C11 H12 N2 O2'     204.225 
TYR 'L-peptide linking' y TYROSINE                          ? 'C9 H11 N O3'       181.189 
VAL 'L-peptide linking' y VALINE                            ? 'C5 H11 N O2'       117.146 
# 
loop_
_pdbx_poly_seq_scheme.asym_id 
_pdbx_poly_seq_scheme.entity_id 
_pdbx_poly_seq_scheme.seq_id 
_pdbx_poly_seq_scheme.mon_id 
_pdbx_poly_seq_scheme.ndb_seq_num 
_pdbx_poly_seq_scheme.pdb_seq_num 
_pdbx_poly_seq_scheme.auth_seq_num 
_pdbx_poly_seq_scheme.pdb_mon_id 
_pdbx_poly_seq_scheme.auth_mon_id 
_pdbx_poly_seq_scheme.pdb_strand_id 
_pdbx_poly_seq_scheme.pdb_ins_code 
_pdbx_poly_seq_scheme.hetero 
A 1 1   MET 1   1   ?   ?   ?   A . n 
A 1 2   MET 2   2   ?   ?   ?   A . n 
A 1 3   THR 3   3   ?   ?   ?   A . n 
A 1 4   MET 4   4   4   MET MET A . n 
A 1 5   ARG 5   5   5   ARG ARG A . n 
A 1 6   GLY 6   6   6   GLY GLY A . n 
A 1 7   LEU 7   7   7   LEU LEU A . n 
A 1 8   LEU 8   8   8   LEU LEU A . n 
A 1 9   VAL 9   9   9   VAL VAL A . n 
A 1 10  GLY 10  10  10  GLY GLY A . n 
A 1 11  ARG 11  11  11  ARG ARG A . n 
A 1 12  MET 12  12  12  MET MET A . n 
A 1 13  GLN 13  13  13  GLN GLN A . n 
A 1 14  PRO 14  14  14  PRO PRO A . n 
A 1 15  PHE 15  15  15  PHE PHE A . n 
A 1 16  HIS 16  16  16  HIS HIS A . n 
A 1 17  ARG 17  17  17  ARG ARG A . n 
A 1 18  GLY 18  18  18  GLY GLY A . n 
A 1 19  HIS 19  19  19  HIS HIS A . n 
A 1 20  LEU 20  20  20  LEU LEU A . n 
A 1 21  GLN 21  21  21  GLN GLN A . n 
A 1 22  VAL 22  22  22  VAL VAL A . n 
A 1 23  ILE 23  23  23  ILE ILE A . n 
A 1 24  LYS 24  24  24  LYS LYS A . n 
A 1 25  SER 25  25  25  SER SER A . n 
A 1 26  ILE 26  26  26  ILE ILE A . n 
A 1 27  LEU 27  27  27  LEU LEU A . n 
A 1 28  GLU 28  28  28  GLU GLU A . n 
A 1 29  GLU 29  29  29  GLU GLU A . n 
A 1 30  VAL 30  30  30  VAL VAL A . n 
A 1 31  ASP 31  31  31  ASP ASP A . n 
A 1 32  GLU 32  32  32  GLU GLU A . n 
A 1 33  LEU 33  33  33  LEU LEU A . n 
A 1 34  ILE 34  34  34  ILE ILE A . n 
A 1 35  ILE 35  35  35  ILE ILE A . n 
A 1 36  CYS 36  36  36  CYS CYS A . n 
A 1 37  ILE 37  37  37  ILE ILE A . n 
A 1 38  GLY 38  38  38  GLY GLY A . n 
A 1 39  SER 39  39  39  SER SER A . n 
A 1 40  ALA 40  40  40  ALA ALA A . n 
A 1 41  GLN 41  41  41  GLN GLN A . n 
A 1 42  LEU 42  42  42  LEU LEU A . n 
A 1 43  SER 43  43  43  SER SER A . n 
A 1 44  HIS 44  44  44  HIS HIS A . n 
A 1 45  SER 45  45  45  SER SER A . n 
A 1 46  ILE 46  46  46  ILE ILE A . n 
A 1 47  ARG 47  47  47  ARG ARG A . n 
A 1 48  ASP 48  48  48  ASP ASP A . n 
A 1 49  PRO 49  49  49  PRO PRO A . n 
A 1 50  PHE 50  50  50  PHE PHE A . n 
A 1 51  THR 51  51  51  THR THR A . n 
A 1 52  ALA 52  52  52  ALA ALA A . n 
A 1 53  GLY 53  53  53  GLY GLY A . n 
A 1 54  GLU 54  54  54  GLU GLU A . n 
A 1 55  ARG 55  55  55  ARG ARG A . n 
A 1 56  VAL 56  56  56  VAL VAL A . n 
A 1 57  MET 57  57  57  MET MET A . n 
A 1 58  MET 58  58  58  MET MET A . n 
A 1 59  LEU 59  59  59  LEU LEU A . n 
A 1 60  THR 60  60  60  THR THR A . n 
A 1 61  LYS 61  61  61  LYS LYS A . n 
A 1 62  ALA 62  62  62  ALA ALA A . n 
A 1 63  LEU 63  63  63  LEU LEU A . n 
A 1 64  SER 64  64  64  SER SER A . n 
A 1 65  GLU 65  65  65  GLU GLU A . n 
A 1 66  ASN 66  66  66  ASN ASN A . n 
A 1 67  GLY 67  67  67  GLY GLY A . n 
A 1 68  ILE 68  68  68  ILE ILE A . n 
A 1 69  PRO 69  69  69  PRO PRO A . n 
A 1 70  ALA 70  70  70  ALA ALA A . n 
A 1 71  SER 71  71  71  SER SER A . n 
A 1 72  ARG 72  72  72  ARG ARG A . n 
A 1 73  TYR 73  73  73  TYR TYR A . n 
A 1 74  TYR 74  74  74  TYR TYR A . n 
A 1 75  ILE 75  75  75  ILE ILE A . n 
A 1 76  ILE 76  76  76  ILE ILE A . n 
A 1 77  PRO 77  77  77  PRO PRO A . n 
A 1 78  VAL 78  78  78  VAL VAL A . n 
A 1 79  GLN 79  79  79  GLN GLN A . n 
A 1 80  ASP 80  80  80  ASP ASP A . n 
A 1 81  ILE 81  81  81  ILE ILE A . n 
A 1 82  GLU 82  82  82  GLU GLU A . n 
A 1 83  CYS 83  83  83  CYS CYS A . n 
A 1 84  ASN 84  84  84  ASN ASN A . n 
A 1 85  ALA 85  85  85  ALA ALA A . n 
A 1 86  LEU 86  86  86  LEU LEU A . n 
A 1 87  TRP 87  87  87  TRP TRP A . n 
A 1 88  VAL 88  88  88  VAL VAL A . n 
A 1 89  GLY 89  89  89  GLY GLY A . n 
A 1 90  HIS 90  90  90  HIS HIS A . n 
A 1 91  ILE 91  91  91  ILE ILE A . n 
A 1 92  LYS 92  92  92  LYS LYS A . n 
A 1 93  MET 93  93  93  MET MET A . n 
A 1 94  LEU 94  94  94  LEU LEU A . n 
A 1 95  THR 95  95  95  THR THR A . n 
A 1 96  PRO 96  96  96  PRO PRO A . n 
A 1 97  PRO 97  97  97  PRO PRO A . n 
A 1 98  PHE 98  98  98  PHE PHE A . n 
A 1 99  ASP 99  99  99  ASP ASP A . n 
A 1 100 ARG 100 100 100 ARG ARG A . n 
A 1 101 VAL 101 101 101 VAL VAL A . n 
A 1 102 TYR 102 102 102 TYR TYR A . n 
A 1 103 SER 103 103 103 SER SER A . n 
A 1 104 GLY 104 104 104 GLY GLY A . n 
A 1 105 ASN 105 105 105 ASN ASN A . n 
A 1 106 PRO 106 106 106 PRO PRO A . n 
A 1 107 LEU 107 107 107 LEU LEU A . n 
A 1 108 VAL 108 108 108 VAL VAL A . n 
A 1 109 GLN 109 109 109 GLN GLN A . n 
A 1 110 ARG 110 110 110 ARG ARG A . n 
A 1 111 LEU 111 111 111 LEU LEU A . n 
A 1 112 PHE 112 112 112 PHE PHE A . n 
A 1 113 SER 113 113 113 SER SER A . n 
A 1 114 GLU 114 114 114 GLU GLU A . n 
A 1 115 ASP 115 115 115 ASP ASP A . n 
A 1 116 GLY 116 116 116 GLY GLY A . n 
A 1 117 TYR 117 117 117 TYR TYR A . n 
A 1 118 GLU 118 118 118 GLU GLU A . n 
A 1 119 VAL 119 119 119 VAL VAL A . n 
A 1 120 THR 120 120 120 THR THR A . n 
A 1 121 ALA 121 121 121 ALA ALA A . n 
A 1 122 PRO 122 122 122 PRO PRO A . n 
A 1 123 PRO 123 123 123 PRO PRO A . n 
A 1 124 LEU 124 124 124 LEU LEU A . n 
A 1 125 PHE 125 125 125 PHE PHE A . n 
A 1 126 TYR 126 126 126 TYR TYR A . n 
A 1 127 ARG 127 127 127 ARG ARG A . n 
A 1 128 ASP 128 128 128 ASP ASP A . n 
A 1 129 ARG 129 129 129 ARG ARG A . n 
A 1 130 TYR 130 130 130 TYR TYR A . n 
A 1 131 SER 131 131 131 SER SER A . n 
A 1 132 GLY 132 132 132 GLY GLY A . n 
A 1 133 THR 133 133 133 THR THR A . n 
A 1 134 GLU 134 134 134 GLU GLU A . n 
A 1 135 VAL 135 135 135 VAL VAL A . n 
A 1 136 ARG 136 136 136 ARG ARG A . n 
A 1 137 ARG 137 137 137 ARG ARG A . n 
A 1 138 ARG 138 138 138 ARG ARG A . n 
A 1 139 MET 139 139 139 MET MET A . n 
A 1 140 LEU 140 140 140 LEU LEU A . n 
A 1 141 ASP 141 141 141 ASP ASP A . n 
A 1 142 ASP 142 142 142 ASP ASP A . n 
A 1 143 GLY 143 143 143 GLY GLY A . n 
A 1 144 ASP 144 144 144 ASP ASP A . n 
A 1 145 TRP 145 145 145 TRP TRP A . n 
A 1 146 ARG 146 146 146 ARG ARG A . n 
A 1 147 SER 147 147 147 SER SER A . n 
A 1 148 LEU 148 148 148 LEU LEU A . n 
A 1 149 LEU 149 149 149 LEU LEU A . n 
A 1 150 PRO 150 150 150 PRO PRO A . n 
A 1 151 GLU 151 151 151 GLU GLU A . n 
A 1 152 SER 152 152 152 SER SER A . n 
A 1 153 VAL 153 153 153 VAL VAL A . n 
A 1 154 VAL 154 154 154 VAL VAL A . n 
A 1 155 GLU 155 155 155 GLU GLU A . n 
A 1 156 VAL 156 156 156 VAL VAL A . n 
A 1 157 ILE 157 157 157 ILE ILE A . n 
A 1 158 ASP 158 158 158 ASP ASP A . n 
A 1 159 GLU 159 159 159 GLU GLU A . n 
A 1 160 ILE 160 160 160 ILE ILE A . n 
A 1 161 ASN 161 161 161 ASN ASN A . n 
A 1 162 GLY 162 162 162 GLY GLY A . n 
A 1 163 VAL 163 163 163 VAL VAL A . n 
A 1 164 GLU 164 164 164 GLU GLU A . n 
A 1 165 ARG 165 165 165 ARG ARG A . n 
A 1 166 ILE 166 166 166 ILE ILE A . n 
A 1 167 LYS 167 167 167 LYS LYS A . n 
A 1 168 HIS 168 168 168 HIS HIS A . n 
A 1 169 LEU 169 169 169 LEU LEU A . n 
A 1 170 ALA 170 170 170 ALA ALA A . n 
A 1 171 LYS 171 171 ?   ?   ?   A . n 
A 1 172 LYS 172 172 ?   ?   ?   A . n 
A 1 173 GLU 173 173 ?   ?   ?   A . n 
A 1 174 VAL 174 174 ?   ?   ?   A . n 
A 1 175 SER 175 175 ?   ?   ?   A . n 
A 1 176 GLU 176 176 ?   ?   ?   A . n 
A 1 177 LEU 177 177 ?   ?   ?   A . n 
A 1 178 GLY 178 178 ?   ?   ?   A . n 
A 1 179 GLY 179 179 ?   ?   ?   A . n 
A 1 180 ILE 180 180 ?   ?   ?   A . n 
A 1 181 SER 181 181 ?   ?   ?   A . n 
# 
loop_
_pdbx_nonpoly_scheme.asym_id 
_pdbx_nonpoly_scheme.entity_id 
_pdbx_nonpoly_scheme.mon_id 
_pdbx_nonpoly_scheme.ndb_seq_num 
_pdbx_nonpoly_scheme.pdb_seq_num 
_pdbx_nonpoly_scheme.auth_seq_num 
_pdbx_nonpoly_scheme.pdb_mon_id 
_pdbx_nonpoly_scheme.auth_mon_id 
_pdbx_nonpoly_scheme.pdb_strand_id 
_pdbx_nonpoly_scheme.pdb_ins_code 
B 2 SO4 1   1759 1759 SO4 SO4 A . 
C 3 NA  1   1000 1000 NA  NA  A . 
D 4 NAD 1   1339 1339 NAD NAD A . 
E 5 HOH 1   201  201  HOH HOH A . 
E 5 HOH 2   202  202  HOH HOH A . 
E 5 HOH 3   203  203  HOH HOH A . 
E 5 HOH 4   204  204  HOH HOH A . 
E 5 HOH 5   205  205  HOH HOH A . 
E 5 HOH 6   206  206  HOH HOH A . 
E 5 HOH 7   207  207  HOH HOH A . 
E 5 HOH 8   208  208  HOH HOH A . 
E 5 HOH 9   209  209  HOH HOH A . 
E 5 HOH 10  210  210  HOH HOH A . 
E 5 HOH 11  211  211  HOH HOH A . 
E 5 HOH 12  212  212  HOH HOH A . 
E 5 HOH 13  213  213  HOH HOH A . 
E 5 HOH 14  214  214  HOH HOH A . 
E 5 HOH 15  215  215  HOH HOH A . 
E 5 HOH 16  216  216  HOH HOH A . 
E 5 HOH 17  217  217  HOH HOH A . 
E 5 HOH 18  218  218  HOH HOH A . 
E 5 HOH 19  219  219  HOH HOH A . 
E 5 HOH 20  220  220  HOH HOH A . 
E 5 HOH 21  221  221  HOH HOH A . 
E 5 HOH 22  222  222  HOH HOH A . 
E 5 HOH 23  223  223  HOH HOH A . 
E 5 HOH 24  224  224  HOH HOH A . 
E 5 HOH 25  225  225  HOH HOH A . 
E 5 HOH 26  226  226  HOH HOH A . 
E 5 HOH 27  227  227  HOH HOH A . 
E 5 HOH 28  228  228  HOH HOH A . 
E 5 HOH 29  229  229  HOH HOH A . 
E 5 HOH 30  230  230  HOH HOH A . 
E 5 HOH 31  231  231  HOH HOH A . 
E 5 HOH 32  232  232  HOH HOH A . 
E 5 HOH 33  233  233  HOH HOH A . 
E 5 HOH 34  234  234  HOH HOH A . 
E 5 HOH 35  235  235  HOH HOH A . 
E 5 HOH 36  236  236  HOH HOH A . 
E 5 HOH 37  237  237  HOH HOH A . 
E 5 HOH 38  238  238  HOH HOH A . 
E 5 HOH 39  239  239  HOH HOH A . 
E 5 HOH 40  240  240  HOH HOH A . 
E 5 HOH 41  241  241  HOH HOH A . 
E 5 HOH 42  242  242  HOH HOH A . 
E 5 HOH 43  243  243  HOH HOH A . 
E 5 HOH 44  244  244  HOH HOH A . 
E 5 HOH 45  245  245  HOH HOH A . 
E 5 HOH 46  246  246  HOH HOH A . 
E 5 HOH 47  247  247  HOH HOH A . 
E 5 HOH 48  248  248  HOH HOH A . 
E 5 HOH 49  249  249  HOH HOH A . 
E 5 HOH 50  250  250  HOH HOH A . 
E 5 HOH 51  251  251  HOH HOH A . 
E 5 HOH 52  252  252  HOH HOH A . 
E 5 HOH 53  253  253  HOH HOH A . 
E 5 HOH 54  254  254  HOH HOH A . 
E 5 HOH 55  255  255  HOH HOH A . 
E 5 HOH 56  256  256  HOH HOH A . 
E 5 HOH 57  257  257  HOH HOH A . 
E 5 HOH 58  258  258  HOH HOH A . 
E 5 HOH 59  259  259  HOH HOH A . 
E 5 HOH 60  260  260  HOH HOH A . 
E 5 HOH 61  261  261  HOH HOH A . 
E 5 HOH 62  262  262  HOH HOH A . 
E 5 HOH 63  263  263  HOH HOH A . 
E 5 HOH 64  264  264  HOH HOH A . 
E 5 HOH 65  265  265  HOH HOH A . 
E 5 HOH 66  266  266  HOH HOH A . 
E 5 HOH 67  267  267  HOH HOH A . 
E 5 HOH 68  268  268  HOH HOH A . 
E 5 HOH 69  269  269  HOH HOH A . 
E 5 HOH 70  270  270  HOH HOH A . 
E 5 HOH 71  271  271  HOH HOH A . 
E 5 HOH 72  272  272  HOH HOH A . 
E 5 HOH 73  273  273  HOH HOH A . 
E 5 HOH 74  274  274  HOH HOH A . 
E 5 HOH 75  275  275  HOH HOH A . 
E 5 HOH 76  276  276  HOH HOH A . 
E 5 HOH 77  277  277  HOH HOH A . 
E 5 HOH 78  278  278  HOH HOH A . 
E 5 HOH 79  279  279  HOH HOH A . 
E 5 HOH 80  280  280  HOH HOH A . 
E 5 HOH 81  281  281  HOH HOH A . 
E 5 HOH 82  282  282  HOH HOH A . 
E 5 HOH 83  283  283  HOH HOH A . 
E 5 HOH 84  284  284  HOH HOH A . 
E 5 HOH 85  285  285  HOH HOH A . 
E 5 HOH 86  286  286  HOH HOH A . 
E 5 HOH 87  287  287  HOH HOH A . 
E 5 HOH 88  288  288  HOH HOH A . 
E 5 HOH 89  289  289  HOH HOH A . 
E 5 HOH 90  290  290  HOH HOH A . 
E 5 HOH 91  291  291  HOH HOH A . 
E 5 HOH 92  292  292  HOH HOH A . 
E 5 HOH 93  293  293  HOH HOH A . 
E 5 HOH 94  294  294  HOH HOH A . 
E 5 HOH 95  295  295  HOH HOH A . 
E 5 HOH 96  296  296  HOH HOH A . 
E 5 HOH 97  297  297  HOH HOH A . 
E 5 HOH 98  298  298  HOH HOH A . 
E 5 HOH 99  299  299  HOH HOH A . 
E 5 HOH 100 300  300  HOH HOH A . 
E 5 HOH 101 301  301  HOH HOH A . 
E 5 HOH 102 302  302  HOH HOH A . 
E 5 HOH 103 303  303  HOH HOH A . 
E 5 HOH 104 304  304  HOH HOH A . 
E 5 HOH 105 305  305  HOH HOH A . 
E 5 HOH 106 306  306  HOH HOH A . 
E 5 HOH 107 307  307  HOH HOH A . 
E 5 HOH 108 308  308  HOH HOH A . 
E 5 HOH 109 309  309  HOH HOH A . 
E 5 HOH 110 310  310  HOH HOH A . 
E 5 HOH 111 311  311  HOH HOH A . 
E 5 HOH 112 312  312  HOH HOH A . 
E 5 HOH 113 313  313  HOH HOH A . 
E 5 HOH 114 314  314  HOH HOH A . 
E 5 HOH 115 315  315  HOH HOH A . 
E 5 HOH 116 316  316  HOH HOH A . 
E 5 HOH 117 317  317  HOH HOH A . 
E 5 HOH 118 318  318  HOH HOH A . 
E 5 HOH 119 319  319  HOH HOH A . 
E 5 HOH 120 320  320  HOH HOH A . 
# 
loop_
_software.name 
_software.classification 
_software.version 
_software.citation_id 
_software.pdbx_ordinal 
DENZO     'data reduction' .   ? 1 
SCALEPACK 'data scaling'   .   ? 2 
SOLVE     phasing          .   ? 3 
CNS       refinement       0.5 ? 4 
# 
_cell.entry_id           1EJ2 
_cell.length_a           89.084 
_cell.length_b           89.084 
_cell.length_c           109.926 
_cell.angle_alpha        90.00 
_cell.angle_beta         90.00 
_cell.angle_gamma        120.00 
_cell.Z_PDB              12 
_cell.pdbx_unique_axis   ? 
# 
_symmetry.entry_id                         1EJ2 
_symmetry.space_group_name_H-M             'P 63 2 2' 
_symmetry.pdbx_full_space_group_name_H-M   ? 
_symmetry.cell_setting                     ? 
_symmetry.Int_Tables_number                182 
_symmetry.space_group_name_Hall            ? 
# 
_exptl.entry_id          1EJ2 
_exptl.method            'X-RAY DIFFRACTION' 
_exptl.crystals_number   1 
# 
_exptl_crystal.id                    1 
_exptl_crystal.density_meas          ? 
_exptl_crystal.density_Matthews      3.06 
_exptl_crystal.density_percent_sol   59.76 
_exptl_crystal.description           ? 
_exptl_crystal.F_000                 ? 
_exptl_crystal.preparation           ? 
# 
_exptl_crystal_grow.crystal_id      1 
_exptl_crystal_grow.method          'VAPOR DIFFUSION, HANGING DROP' 
_exptl_crystal_grow.temp            ? 
_exptl_crystal_grow.temp_details    ? 
_exptl_crystal_grow.pH              7.5 
_exptl_crystal_grow.pdbx_details    '1.5 M LiSO4, 0.1 M HEPES, pH 7.5, VAPOR DIFFUSION, HANGING DROP' 
_exptl_crystal_grow.pdbx_pH_range   . 
# 
_diffrn.id                     1 
_diffrn.ambient_temp           100.0 
_diffrn.ambient_temp_details   ? 
_diffrn.crystal_id             1 
# 
_diffrn_detector.diffrn_id              1 
_diffrn_detector.detector               CCD 
_diffrn_detector.type                   'ADSC QUANTUM 4' 
_diffrn_detector.pdbx_collection_date   1999-10-11 
_diffrn_detector.details                ? 
# 
_diffrn_radiation.diffrn_id                        1 
_diffrn_radiation.wavelength_id                    1 
_diffrn_radiation.pdbx_monochromatic_or_laue_m_l   M 
_diffrn_radiation.monochromator                    ? 
_diffrn_radiation.pdbx_diffrn_protocol             'SINGLE WAVELENGTH' 
_diffrn_radiation.pdbx_scattering_type             x-ray 
# 
_diffrn_radiation_wavelength.id           1 
_diffrn_radiation_wavelength.wavelength   1.0000 
_diffrn_radiation_wavelength.wt           1.0 
# 
_diffrn_source.diffrn_id                   1 
_diffrn_source.source                      SYNCHROTRON 
_diffrn_source.type                        'APS BEAMLINE 14-BM-C' 
_diffrn_source.pdbx_synchrotron_site       APS 
_diffrn_source.pdbx_synchrotron_beamline   14-BM-C 
_diffrn_source.pdbx_wavelength             1.0000 
_diffrn_source.pdbx_wavelength_list        ? 
# 
_reflns.entry_id                     1EJ2 
_reflns.observed_criterion_sigma_I   521.500 
_reflns.observed_criterion_sigma_F   ? 
_reflns.d_resolution_low             30.000 
_reflns.d_resolution_high            1.900 
_reflns.number_obs                   20932 
_reflns.number_all                   ? 
_reflns.percent_possible_obs         100.0 
_reflns.pdbx_Rmerge_I_obs            0.041 
_reflns.pdbx_Rsym_value              ? 
_reflns.pdbx_netI_over_sigmaI        37.0000 
_reflns.B_iso_Wilson_estimate        25.0 
_reflns.pdbx_redundancy              11.40 
_reflns.R_free_details               ? 
_reflns.limit_h_max                  ? 
_reflns.limit_h_min                  ? 
_reflns.limit_k_max                  ? 
_reflns.limit_k_min                  ? 
_reflns.limit_l_max                  ? 
_reflns.limit_l_min                  ? 
_reflns.observed_criterion_F_max     ? 
_reflns.observed_criterion_F_min     ? 
_reflns.pdbx_chi_squared             ? 
_reflns.pdbx_scaling_rejects         ? 
_reflns.pdbx_ordinal                 1 
_reflns.pdbx_diffrn_id               1 
# 
_reflns_shell.d_res_high             1.90 
_reflns_shell.d_res_low              1.97 
_reflns_shell.percent_possible_all   100.0 
_reflns_shell.Rmerge_I_obs           0.388 
_reflns_shell.pdbx_Rsym_value        ? 
_reflns_shell.meanI_over_sigI_obs    ? 
_reflns_shell.pdbx_redundancy        6.00 
_reflns_shell.percent_possible_obs   ? 
_reflns_shell.number_unique_all      ? 
_reflns_shell.number_measured_all    ? 
_reflns_shell.number_measured_obs    ? 
_reflns_shell.number_unique_obs      ? 
_reflns_shell.pdbx_chi_squared       ? 
_reflns_shell.pdbx_ordinal           1 
_reflns_shell.pdbx_diffrn_id         1 
# 
_refine.entry_id                                 1EJ2 
_refine.ls_number_reflns_obs                     19052 
_refine.ls_number_reflns_all                     ? 
_refine.pdbx_ls_sigma_I                          ? 
_refine.pdbx_ls_sigma_F                          2.0 
_refine.pdbx_data_cutoff_high_absF               1082435.71 
_refine.pdbx_data_cutoff_low_absF                0.00 
_refine.pdbx_data_cutoff_high_rms_absF           ? 
_refine.ls_d_res_low                             28.30 
_refine.ls_d_res_high                            1.90 
_refine.ls_percent_reflns_obs                    91.0 
_refine.ls_R_factor_obs                          0.211 
_refine.ls_R_factor_all                          ? 
_refine.ls_R_factor_R_work                       0.211 
_refine.ls_R_factor_R_free                       0.241 
_refine.ls_R_factor_R_free_error                 0.005 
_refine.ls_R_factor_R_free_error_details         ? 
_refine.ls_percent_reflns_R_free                 10.3 
_refine.ls_number_reflns_R_free                  1957 
_refine.ls_number_parameters                     ? 
_refine.ls_number_restraints                     ? 
_refine.occupancy_min                            ? 
_refine.occupancy_max                            ? 
_refine.B_iso_mean                               36.5 
_refine.aniso_B[1][1]                            0.81 
_refine.aniso_B[2][2]                            0.81 
_refine.aniso_B[3][3]                            -1.61 
_refine.aniso_B[1][2]                            1.62 
_refine.aniso_B[1][3]                            0.00 
_refine.aniso_B[2][3]                            0.00 
_refine.solvent_model_details                    'FLAT MODEL' 
_refine.solvent_model_param_ksol                 0.388 
_refine.solvent_model_param_bsol                 50.04 
_refine.pdbx_ls_cross_valid_method               THROUGHOUT 
_refine.details                                  'SIMULATED ANNEALING' 
_refine.pdbx_starting_model                      ? 
_refine.pdbx_method_to_determine_struct          ? 
_refine.pdbx_isotropic_thermal_model             RESTRAINED 
_refine.pdbx_stereochemistry_target_values       'CNS 0.9' 
_refine.pdbx_stereochem_target_val_spec_case     ? 
_refine.pdbx_R_Free_selection_details            RANDOM 
_refine.pdbx_overall_ESU_R                       ? 
_refine.pdbx_overall_ESU_R_Free                  ? 
_refine.overall_SU_ML                            ? 
_refine.overall_SU_B                             ? 
_refine.ls_redundancy_reflns_obs                 ? 
_refine.B_iso_min                                ? 
_refine.B_iso_max                                ? 
_refine.correlation_coeff_Fo_to_Fc               ? 
_refine.correlation_coeff_Fo_to_Fc_free          ? 
_refine.overall_SU_R_Cruickshank_DPI             ? 
_refine.overall_SU_R_free                        ? 
_refine.pdbx_solvent_vdw_probe_radii             ? 
_refine.pdbx_solvent_ion_probe_radii             ? 
_refine.pdbx_solvent_shrinkage_radii             ? 
_refine.ls_wR_factor_R_free                      ? 
_refine.ls_wR_factor_R_work                      ? 
_refine.overall_FOM_free_R_set                   ? 
_refine.overall_FOM_work_R_set                   ? 
_refine.pdbx_refine_id                           'X-RAY DIFFRACTION' 
_refine.pdbx_diffrn_id                           1 
_refine.pdbx_TLS_residual_ADP_flag               ? 
_refine.pdbx_overall_phase_error                 ? 
_refine.pdbx_overall_SU_R_free_Cruickshank_DPI   ? 
_refine.pdbx_overall_SU_R_Blow_DPI               ? 
_refine.pdbx_overall_SU_R_free_Blow_DPI          ? 
# 
_refine_analyze.entry_id                        1EJ2 
_refine_analyze.Luzzati_coordinate_error_obs    0.23 
_refine_analyze.Luzzati_sigma_a_obs             0.18 
_refine_analyze.Luzzati_d_res_low_obs           5.00 
_refine_analyze.Luzzati_coordinate_error_free   0.27 
_refine_analyze.Luzzati_sigma_a_free            0.21 
_refine_analyze.Luzzati_d_res_low_free          ? 
_refine_analyze.number_disordered_residues      ? 
_refine_analyze.occupancy_sum_hydrogen          ? 
_refine_analyze.occupancy_sum_non_hydrogen      ? 
_refine_analyze.pdbx_Luzzati_d_res_high_obs     ? 
_refine_analyze.pdbx_refine_id                  'X-RAY DIFFRACTION' 
# 
_refine_hist.pdbx_refine_id                   'X-RAY DIFFRACTION' 
_refine_hist.cycle_id                         LAST 
_refine_hist.pdbx_number_atoms_protein        1340 
_refine_hist.pdbx_number_atoms_nucleic_acid   0 
_refine_hist.pdbx_number_atoms_ligand         50 
_refine_hist.number_atoms_solvent             120 
_refine_hist.number_atoms_total               1510 
_refine_hist.d_res_high                       1.90 
_refine_hist.d_res_low                        28.30 
# 
loop_
_refine_ls_restr.type 
_refine_ls_restr.dev_ideal 
_refine_ls_restr.dev_ideal_target 
_refine_ls_restr.weight 
_refine_ls_restr.number 
_refine_ls_restr.pdbx_refine_id 
_refine_ls_restr.pdbx_restraint_function 
c_bond_d                0.016 ?    ? ? 'X-RAY DIFFRACTION' ? 
c_bond_d_na             ?     ?    ? ? 'X-RAY DIFFRACTION' ? 
c_bond_d_prot           ?     ?    ? ? 'X-RAY DIFFRACTION' ? 
c_angle_d               ?     ?    ? ? 'X-RAY DIFFRACTION' ? 
c_angle_d_na            ?     ?    ? ? 'X-RAY DIFFRACTION' ? 
c_angle_d_prot          ?     ?    ? ? 'X-RAY DIFFRACTION' ? 
c_angle_deg             1.8   ?    ? ? 'X-RAY DIFFRACTION' ? 
c_angle_deg_na          ?     ?    ? ? 'X-RAY DIFFRACTION' ? 
c_angle_deg_prot        ?     ?    ? ? 'X-RAY DIFFRACTION' ? 
c_dihedral_angle_d      23.9  ?    ? ? 'X-RAY DIFFRACTION' ? 
c_dihedral_angle_d_na   ?     ?    ? ? 'X-RAY DIFFRACTION' ? 
c_dihedral_angle_d_prot ?     ?    ? ? 'X-RAY DIFFRACTION' ? 
c_improper_angle_d      1.23  ?    ? ? 'X-RAY DIFFRACTION' ? 
c_improper_angle_d_na   ?     ?    ? ? 'X-RAY DIFFRACTION' ? 
c_improper_angle_d_prot ?     ?    ? ? 'X-RAY DIFFRACTION' ? 
c_mcbond_it             1.06  1.50 ? ? 'X-RAY DIFFRACTION' ? 
c_mcangle_it            1.68  2.00 ? ? 'X-RAY DIFFRACTION' ? 
c_scbond_it             1.76  2.00 ? ? 'X-RAY DIFFRACTION' ? 
c_scangle_it            2.65  2.50 ? ? 'X-RAY DIFFRACTION' ? 
# 
_refine_ls_shell.pdbx_total_number_of_bins_used   6 
_refine_ls_shell.d_res_high                       1.90 
_refine_ls_shell.d_res_low                        2.02 
_refine_ls_shell.number_reflns_R_work             2282 
_refine_ls_shell.R_factor_R_work                  0.251 
_refine_ls_shell.percent_reflns_obs               74.8 
_refine_ls_shell.R_factor_R_free                  0.263 
_refine_ls_shell.R_factor_R_free_error            0.016 
_refine_ls_shell.percent_reflns_R_free            10.3 
_refine_ls_shell.number_reflns_R_free             263 
_refine_ls_shell.redundancy_reflns_obs            ? 
_refine_ls_shell.number_reflns_all                ? 
_refine_ls_shell.number_reflns_obs                ? 
_refine_ls_shell.pdbx_refine_id                   'X-RAY DIFFRACTION' 
_refine_ls_shell.R_factor_all                     ? 
# 
loop_
_pdbx_xplor_file.serial_no 
_pdbx_xplor_file.param_file 
_pdbx_xplor_file.topol_file 
_pdbx_xplor_file.pdbx_refine_id 
1 PROTEIN_REP.PARAM PROTEIN.TOP     'X-RAY DIFFRACTION' 
2 WATER_REP.PARAM   WATER.TOP       'X-RAY DIFFRACTION' 
3 ION.PARAM         ION.TOP         'X-RAY DIFFRACTION' 
4 NAD.PARAM         NAD.TOP         'X-RAY DIFFRACTION' 
5 CIS_PEPTIDE.PARAM CIS_PEPTIDE.TOP 'X-RAY DIFFRACTION' 
# 
_struct.entry_id                  1EJ2 
_struct.title                     
'Crystal structure of methanobacterium thermoautotrophicum nicotinamide mononucleotide adenylyltransferase with bound NAD+' 
_struct.pdbx_model_details        ? 
_struct.pdbx_CASP_flag            ? 
_struct.pdbx_model_type_details   ? 
# 
_struct_keywords.entry_id        1EJ2 
_struct_keywords.pdbx_keywords   TRANSFERASE 
_struct_keywords.text            
;DINUCLEOTIDE BINDING FOLD, Structural Genomics, PSI, Protein Structure Initiative, Midwest Center for Structural Genomics, MCSG, Northeast Structural Genomics Consortium, NESG, TRANSFERASE
;
# 
loop_
_struct_asym.id 
_struct_asym.pdbx_blank_PDB_chainid_flag 
_struct_asym.pdbx_modified 
_struct_asym.entity_id 
_struct_asym.details 
A N N 1 ? 
B N N 2 ? 
C N N 3 ? 
D N N 4 ? 
E N N 5 ? 
# 
_struct_ref.id                         1 
_struct_ref.db_name                    UNP 
_struct_ref.db_code                    NADM_METTH 
_struct_ref.entity_id                  1 
_struct_ref.pdbx_seq_one_letter_code   ? 
_struct_ref.pdbx_align_begin           ? 
_struct_ref.pdbx_db_accession          O26253 
_struct_ref.pdbx_db_isoform            ? 
# 
_struct_ref_seq.align_id                      1 
_struct_ref_seq.ref_id                        1 
_struct_ref_seq.pdbx_PDB_id_code              1EJ2 
_struct_ref_seq.pdbx_strand_id                A 
_struct_ref_seq.seq_align_beg                 1 
_struct_ref_seq.pdbx_seq_align_beg_ins_code   ? 
_struct_ref_seq.seq_align_end                 181 
_struct_ref_seq.pdbx_seq_align_end_ins_code   ? 
_struct_ref_seq.pdbx_db_accession             O26253 
_struct_ref_seq.db_align_beg                  1 
_struct_ref_seq.pdbx_db_align_beg_ins_code    ? 
_struct_ref_seq.db_align_end                  181 
_struct_ref_seq.pdbx_db_align_end_ins_code    ? 
_struct_ref_seq.pdbx_auth_seq_align_beg       1 
_struct_ref_seq.pdbx_auth_seq_align_end       181 
# 
loop_
_pdbx_struct_assembly.id 
_pdbx_struct_assembly.details 
_pdbx_struct_assembly.method_details 
_pdbx_struct_assembly.oligomeric_details 
_pdbx_struct_assembly.oligomeric_count 
1 author_defined_assembly   ?        monomeric 1 
2 software_defined_assembly PISA,PQS hexameric 6 
# 
loop_
_pdbx_struct_assembly_prop.biol_id 
_pdbx_struct_assembly_prop.type 
_pdbx_struct_assembly_prop.value 
_pdbx_struct_assembly_prop.details 
2 'ABSA (A^2)' 21330 ? 
2 MORE         -328  ? 
2 'SSA (A^2)'  36340 ? 
# 
loop_
_pdbx_struct_assembly_gen.assembly_id 
_pdbx_struct_assembly_gen.oper_expression 
_pdbx_struct_assembly_gen.asym_id_list 
1 1           A,B,C,D,E 
2 1,2,3,4,5,6 A,B,C,D,E 
# 
loop_
_pdbx_struct_oper_list.id 
_pdbx_struct_oper_list.type 
_pdbx_struct_oper_list.name 
_pdbx_struct_oper_list.symmetry_operation 
_pdbx_struct_oper_list.matrix[1][1] 
_pdbx_struct_oper_list.matrix[1][2] 
_pdbx_struct_oper_list.matrix[1][3] 
_pdbx_struct_oper_list.vector[1] 
_pdbx_struct_oper_list.matrix[2][1] 
_pdbx_struct_oper_list.matrix[2][2] 
_pdbx_struct_oper_list.matrix[2][3] 
_pdbx_struct_oper_list.vector[2] 
_pdbx_struct_oper_list.matrix[3][1] 
_pdbx_struct_oper_list.matrix[3][2] 
_pdbx_struct_oper_list.matrix[3][3] 
_pdbx_struct_oper_list.vector[3] 
1 'identity operation'         1_555  x,y,z            1.0000000000  0.0000000000  0.0000000000  0.0000000000   0.0000000000  1.0000000000  0.0000000000  0.0000000000   0.0000000000  0.0000000000  1.0000000000  0.0000000000   
2 'crystal symmetry operation' 2_655  -y+1,x-y,z       0.4070120303  -0.8413735843 0.3555723539  -23.1100315425 0.0969828099  -0.3472683916 -0.9327373686 -20.8191025295 0.9082596225  0.4141197362  -0.0597436387 20.9083215970  
3 'crystal symmetry operation' 3_665  -x+y+1,-x+1,z    0.4070120303  0.0969828099  0.9082596225  -7.5650283584  -0.8413735843 -0.3472683916 0.4141197362  -35.3325349448 0.3555723539  -0.9327373686 -0.0597436387 -9.9523273839  
4 'crystal symmetry operation' 10_665 -y+1,-x+1,-z+1/2 -0.2585351461 0.2036801660  -0.9442848978 -25.5953627574 0.2036801660  -0.9440491214 -0.2593947693 -25.1552321241 -0.9442848978 -0.2593947693 0.2025842675  -25.5237416376 
5 'crystal symmetry operation' 11_655 -x+y+1,y,-z+1/2  -0.9431292846 -0.2442540539 -0.2254930368 -43.6044579594 -0.2442540539 0.0490468152  0.9684701168  -15.6315409929 -0.2254930368 0.9684701168  -0.1059175306 5.9347754490   
6 'crystal symmetry operation' 12_555 x,x-y,-z+1/2     -0.6123596299 0.7849646622  -0.0940540418 -21.4382411827 0.7849646622  0.5895390894  -0.1904577150 9.2411518807   -0.0940540418 -0.1904577150 -0.9771794595 -11.2313098083 
# 
_struct_biol.id                    1 
_struct_biol.pdbx_parent_biol_id   ? 
_struct_biol.details               ? 
# 
loop_
_struct_conf.conf_type_id 
_struct_conf.id 
_struct_conf.pdbx_PDB_helix_id 
_struct_conf.beg_label_comp_id 
_struct_conf.beg_label_asym_id 
_struct_conf.beg_label_seq_id 
_struct_conf.pdbx_beg_PDB_ins_code 
_struct_conf.end_label_comp_id 
_struct_conf.end_label_asym_id 
_struct_conf.end_label_seq_id 
_struct_conf.pdbx_end_PDB_ins_code 
_struct_conf.beg_auth_comp_id 
_struct_conf.beg_auth_asym_id 
_struct_conf.beg_auth_seq_id 
_struct_conf.end_auth_comp_id 
_struct_conf.end_auth_asym_id 
_struct_conf.end_auth_seq_id 
_struct_conf.pdbx_PDB_helix_class 
_struct_conf.details 
_struct_conf.pdbx_PDB_helix_length 
HELX_P HELX_P1 1 HIS A 16  ? VAL A 30  ? HIS A 16  VAL A 30  1 ? 15 
HELX_P HELX_P2 2 THR A 51  ? ASN A 66  ? THR A 51  ASN A 66  1 ? 16 
HELX_P HELX_P3 3 PRO A 69  ? SER A 71  ? PRO A 69  SER A 71  5 ? 3  
HELX_P HELX_P4 4 CYS A 83  ? THR A 95  ? CYS A 83  THR A 95  1 ? 13 
HELX_P HELX_P5 5 ASN A 105 ? ASP A 115 ? ASN A 105 ASP A 115 1 ? 11 
HELX_P HELX_P6 6 SER A 131 ? ASP A 142 ? SER A 131 ASP A 142 1 ? 12 
HELX_P HELX_P7 7 TRP A 145 ? LEU A 149 ? TRP A 145 LEU A 149 5 ? 5  
HELX_P HELX_P8 8 PRO A 150 ? ILE A 160 ? PRO A 150 ILE A 160 1 ? 11 
HELX_P HELX_P9 9 ASN A 161 ? ALA A 170 ? ASN A 161 ALA A 170 1 ? 10 
# 
_struct_conf_type.id          HELX_P 
_struct_conf_type.criteria    ? 
_struct_conf_type.reference   ? 
# 
_struct_conn.id                            metalc1 
_struct_conn.conn_type_id                  metalc 
_struct_conn.pdbx_leaving_atom_flag        ? 
_struct_conn.pdbx_PDB_id                   ? 
_struct_conn.ptnr1_label_asym_id           C 
_struct_conn.ptnr1_label_comp_id           NA 
_struct_conn.ptnr1_label_seq_id            . 
_struct_conn.ptnr1_label_atom_id           NA 
_struct_conn.pdbx_ptnr1_label_alt_id       ? 
_struct_conn.pdbx_ptnr1_PDB_ins_code       ? 
_struct_conn.pdbx_ptnr1_standard_comp_id   ? 
_struct_conn.ptnr1_symmetry                1_555 
_struct_conn.ptnr2_label_asym_id           B 
_struct_conn.ptnr2_label_comp_id           SO4 
_struct_conn.ptnr2_label_seq_id            . 
_struct_conn.ptnr2_label_atom_id           O3 
_struct_conn.pdbx_ptnr2_label_alt_id       ? 
_struct_conn.pdbx_ptnr2_PDB_ins_code       ? 
_struct_conn.ptnr1_auth_asym_id            A 
_struct_conn.ptnr1_auth_comp_id            NA 
_struct_conn.ptnr1_auth_seq_id             1000 
_struct_conn.ptnr2_auth_asym_id            A 
_struct_conn.ptnr2_auth_comp_id            SO4 
_struct_conn.ptnr2_auth_seq_id             1759 
_struct_conn.ptnr2_symmetry                1_555 
_struct_conn.pdbx_ptnr3_label_atom_id      ? 
_struct_conn.pdbx_ptnr3_label_seq_id       ? 
_struct_conn.pdbx_ptnr3_label_comp_id      ? 
_struct_conn.pdbx_ptnr3_label_asym_id      ? 
_struct_conn.pdbx_ptnr3_label_alt_id       ? 
_struct_conn.pdbx_ptnr3_PDB_ins_code       ? 
_struct_conn.details                       ? 
_struct_conn.pdbx_dist_value               2.587 
_struct_conn.pdbx_value_order              ? 
_struct_conn.pdbx_role                     ? 
# 
_struct_conn_type.id          metalc 
_struct_conn_type.criteria    ? 
_struct_conn_type.reference   ? 
# 
_struct_mon_prot_cis.pdbx_id                1 
_struct_mon_prot_cis.label_comp_id          GLN 
_struct_mon_prot_cis.label_seq_id           13 
_struct_mon_prot_cis.label_asym_id          A 
_struct_mon_prot_cis.label_alt_id           . 
_struct_mon_prot_cis.pdbx_PDB_ins_code      ? 
_struct_mon_prot_cis.auth_comp_id           GLN 
_struct_mon_prot_cis.auth_seq_id            13 
_struct_mon_prot_cis.auth_asym_id           A 
_struct_mon_prot_cis.pdbx_label_comp_id_2   PRO 
_struct_mon_prot_cis.pdbx_label_seq_id_2    14 
_struct_mon_prot_cis.pdbx_label_asym_id_2   A 
_struct_mon_prot_cis.pdbx_PDB_ins_code_2    ? 
_struct_mon_prot_cis.pdbx_auth_comp_id_2    PRO 
_struct_mon_prot_cis.pdbx_auth_seq_id_2     14 
_struct_mon_prot_cis.pdbx_auth_asym_id_2    A 
_struct_mon_prot_cis.pdbx_PDB_model_num     1 
_struct_mon_prot_cis.pdbx_omega_angle       0.20 
# 
_struct_sheet.id               A 
_struct_sheet.type             ? 
_struct_sheet.number_strands   5 
_struct_sheet.details          ? 
# 
loop_
_struct_sheet_order.sheet_id 
_struct_sheet_order.range_id_1 
_struct_sheet_order.range_id_2 
_struct_sheet_order.offset 
_struct_sheet_order.sense 
A 1 2 ? parallel 
A 2 3 ? parallel 
A 3 4 ? parallel 
A 4 5 ? parallel 
# 
loop_
_struct_sheet_range.sheet_id 
_struct_sheet_range.id 
_struct_sheet_range.beg_label_comp_id 
_struct_sheet_range.beg_label_asym_id 
_struct_sheet_range.beg_label_seq_id 
_struct_sheet_range.pdbx_beg_PDB_ins_code 
_struct_sheet_range.end_label_comp_id 
_struct_sheet_range.end_label_asym_id 
_struct_sheet_range.end_label_seq_id 
_struct_sheet_range.pdbx_end_PDB_ins_code 
_struct_sheet_range.beg_auth_comp_id 
_struct_sheet_range.beg_auth_asym_id 
_struct_sheet_range.beg_auth_seq_id 
_struct_sheet_range.end_auth_comp_id 
_struct_sheet_range.end_auth_asym_id 
_struct_sheet_range.end_auth_seq_id 
A 1 TYR A 73  ? PRO A 77  ? TYR A 73  PRO A 77  
A 2 GLU A 32  ? ILE A 37  ? GLU A 32  ILE A 37  
A 3 ARG A 5   ? GLY A 10  ? ARG A 5   GLY A 10  
A 4 ARG A 100 ? TYR A 102 ? ARG A 100 TYR A 102 
A 5 VAL A 119 ? THR A 120 ? VAL A 119 THR A 120 
# 
loop_
_pdbx_struct_sheet_hbond.sheet_id 
_pdbx_struct_sheet_hbond.range_id_1 
_pdbx_struct_sheet_hbond.range_id_2 
_pdbx_struct_sheet_hbond.range_1_label_atom_id 
_pdbx_struct_sheet_hbond.range_1_label_comp_id 
_pdbx_struct_sheet_hbond.range_1_label_asym_id 
_pdbx_struct_sheet_hbond.range_1_label_seq_id 
_pdbx_struct_sheet_hbond.range_1_PDB_ins_code 
_pdbx_struct_sheet_hbond.range_1_auth_atom_id 
_pdbx_struct_sheet_hbond.range_1_auth_comp_id 
_pdbx_struct_sheet_hbond.range_1_auth_asym_id 
_pdbx_struct_sheet_hbond.range_1_auth_seq_id 
_pdbx_struct_sheet_hbond.range_2_label_atom_id 
_pdbx_struct_sheet_hbond.range_2_label_comp_id 
_pdbx_struct_sheet_hbond.range_2_label_asym_id 
_pdbx_struct_sheet_hbond.range_2_label_seq_id 
_pdbx_struct_sheet_hbond.range_2_PDB_ins_code 
_pdbx_struct_sheet_hbond.range_2_auth_atom_id 
_pdbx_struct_sheet_hbond.range_2_auth_comp_id 
_pdbx_struct_sheet_hbond.range_2_auth_asym_id 
_pdbx_struct_sheet_hbond.range_2_auth_seq_id 
A 1 2 N TYR A 74  ? N TYR A 74  O LEU A 33  ? O LEU A 33  
A 2 3 N ILE A 34  ? N ILE A 34  O GLY A 6   ? O GLY A 6   
A 3 4 N LEU A 7   ? N LEU A 7   O ARG A 100 ? O ARG A 100 
A 4 5 O VAL A 101 ? O VAL A 101 N THR A 120 ? N THR A 120 
# 
loop_
_struct_site.id 
_struct_site.pdbx_evidence_code 
_struct_site.pdbx_auth_asym_id 
_struct_site.pdbx_auth_comp_id 
_struct_site.pdbx_auth_seq_id 
_struct_site.pdbx_auth_ins_code 
_struct_site.pdbx_num_residues 
_struct_site.details 
AC1 Software A SO4 1759 ? 9  'BINDING SITE FOR RESIDUE SO4 A 1759' 
AC2 Software A NA  1000 ? 4  'BINDING SITE FOR RESIDUE NA A 1000'  
AC3 Software A NAD 1339 ? 28 'BINDING SITE FOR RESIDUE NAD A 1339' 
# 
loop_
_struct_site_gen.id 
_struct_site_gen.site_id 
_struct_site_gen.pdbx_num_res 
_struct_site_gen.label_comp_id 
_struct_site_gen.label_asym_id 
_struct_site_gen.label_seq_id 
_struct_site_gen.pdbx_auth_ins_code 
_struct_site_gen.auth_comp_id 
_struct_site_gen.auth_asym_id 
_struct_site_gen.auth_seq_id 
_struct_site_gen.label_atom_id 
_struct_site_gen.label_alt_id 
_struct_site_gen.symmetry 
_struct_site_gen.details 
1  AC1 9  ARG A 11  ? ARG A 11   . ? 1_555 ? 
2  AC1 9  ARG A 47  ? ARG A 47   . ? 1_555 ? 
3  AC1 9  GLY A 132 ? GLY A 132  . ? 1_555 ? 
4  AC1 9  THR A 133 ? THR A 133  . ? 1_555 ? 
5  AC1 9  ARG A 136 ? ARG A 136  . ? 1_555 ? 
6  AC1 9  HOH E .   ? HOH A 243  . ? 1_555 ? 
7  AC1 9  HOH E .   ? HOH A 277  . ? 1_555 ? 
8  AC1 9  NA  C .   ? NA  A 1000 . ? 1_555 ? 
9  AC1 9  NAD D .   ? NAD A 1339 . ? 1_555 ? 
10 AC2 4  MET A 12  ? MET A 12   . ? 1_555 ? 
11 AC2 4  GLN A 13  ? GLN A 13   . ? 1_555 ? 
12 AC2 4  NAD D .   ? NAD A 1339 . ? 1_555 ? 
13 AC2 4  SO4 B .   ? SO4 A 1759 . ? 1_555 ? 
14 AC3 28 VAL A 9   ? VAL A 9    . ? 1_555 ? 
15 AC3 28 GLY A 10  ? GLY A 10   . ? 1_555 ? 
16 AC3 28 ARG A 11  ? ARG A 11   . ? 1_555 ? 
17 AC3 28 MET A 12  ? MET A 12   . ? 1_555 ? 
18 AC3 28 HIS A 16  ? HIS A 16   . ? 1_555 ? 
19 AC3 28 GLY A 18  ? GLY A 18   . ? 1_555 ? 
20 AC3 28 HIS A 19  ? HIS A 19   . ? 1_555 ? 
21 AC3 28 VAL A 22  ? VAL A 22   . ? 1_555 ? 
22 AC3 28 GLY A 38  ? GLY A 38   . ? 1_555 ? 
23 AC3 28 SER A 39  ? SER A 39   . ? 1_555 ? 
24 AC3 28 ASP A 80  ? ASP A 80   . ? 1_555 ? 
25 AC3 28 ILE A 81  ? ILE A 81   . ? 1_555 ? 
26 AC3 28 ASN A 84  ? ASN A 84   . ? 1_555 ? 
27 AC3 28 TRP A 87  ? TRP A 87   . ? 1_555 ? 
28 AC3 28 SER A 103 ? SER A 103  . ? 1_555 ? 
29 AC3 28 GLY A 104 ? GLY A 104  . ? 1_555 ? 
30 AC3 28 ASN A 105 ? ASN A 105  . ? 1_555 ? 
31 AC3 28 LEU A 107 ? LEU A 107  . ? 1_555 ? 
32 AC3 28 VAL A 108 ? VAL A 108  . ? 1_555 ? 
33 AC3 28 LEU A 124 ? LEU A 124  . ? 1_555 ? 
34 AC3 28 PHE A 125 ? PHE A 125  . ? 1_555 ? 
35 AC3 28 TYR A 130 ? TYR A 130  . ? 1_555 ? 
36 AC3 28 HOH E .   ? HOH A 204  . ? 1_555 ? 
37 AC3 28 HOH E .   ? HOH A 243  . ? 1_555 ? 
38 AC3 28 HOH E .   ? HOH A 258  . ? 1_555 ? 
39 AC3 28 HOH E .   ? HOH A 274  . ? 1_555 ? 
40 AC3 28 NA  C .   ? NA  A 1000 . ? 1_555 ? 
41 AC3 28 SO4 B .   ? SO4 A 1759 . ? 1_555 ? 
# 
_pdbx_validate_rmsd_angle.id                         1 
_pdbx_validate_rmsd_angle.PDB_model_num              1 
_pdbx_validate_rmsd_angle.auth_atom_id_1             NE 
_pdbx_validate_rmsd_angle.auth_asym_id_1             A 
_pdbx_validate_rmsd_angle.auth_comp_id_1             ARG 
_pdbx_validate_rmsd_angle.auth_seq_id_1              5 
_pdbx_validate_rmsd_angle.PDB_ins_code_1             ? 
_pdbx_validate_rmsd_angle.label_alt_id_1             ? 
_pdbx_validate_rmsd_angle.auth_atom_id_2             CZ 
_pdbx_validate_rmsd_angle.auth_asym_id_2             A 
_pdbx_validate_rmsd_angle.auth_comp_id_2             ARG 
_pdbx_validate_rmsd_angle.auth_seq_id_2              5 
_pdbx_validate_rmsd_angle.PDB_ins_code_2             ? 
_pdbx_validate_rmsd_angle.label_alt_id_2             ? 
_pdbx_validate_rmsd_angle.auth_atom_id_3             NH2 
_pdbx_validate_rmsd_angle.auth_asym_id_3             A 
_pdbx_validate_rmsd_angle.auth_comp_id_3             ARG 
_pdbx_validate_rmsd_angle.auth_seq_id_3              5 
_pdbx_validate_rmsd_angle.PDB_ins_code_3             ? 
_pdbx_validate_rmsd_angle.label_alt_id_3             ? 
_pdbx_validate_rmsd_angle.angle_value                117.23 
_pdbx_validate_rmsd_angle.angle_target_value         120.30 
_pdbx_validate_rmsd_angle.angle_deviation            -3.07 
_pdbx_validate_rmsd_angle.angle_standard_deviation   0.50 
_pdbx_validate_rmsd_angle.linker_flag                N 
# 
_pdbx_validate_torsion.id              1 
_pdbx_validate_torsion.PDB_model_num   1 
_pdbx_validate_torsion.auth_comp_id    GLN 
_pdbx_validate_torsion.auth_asym_id    A 
_pdbx_validate_torsion.auth_seq_id     13 
_pdbx_validate_torsion.PDB_ins_code    ? 
_pdbx_validate_torsion.label_alt_id    ? 
_pdbx_validate_torsion.phi             -115.42 
_pdbx_validate_torsion.psi             72.35 
# 
loop_
_pdbx_SG_project.id 
_pdbx_SG_project.project_name 
_pdbx_SG_project.full_name_of_center 
_pdbx_SG_project.initial_of_center 
1 'PSI, Protein Structure Initiative' 'Midwest Center for Structural Genomics'   MCSG 
2 'PSI, Protein Structure Initiative' 'Northeast Structural Genomics Consortium' NESG 
# 
loop_
_pdbx_unobs_or_zero_occ_residues.id 
_pdbx_unobs_or_zero_occ_residues.PDB_model_num 
_pdbx_unobs_or_zero_occ_residues.polymer_flag 
_pdbx_unobs_or_zero_occ_residues.occupancy_flag 
_pdbx_unobs_or_zero_occ_residues.auth_asym_id 
_pdbx_unobs_or_zero_occ_residues.auth_comp_id 
_pdbx_unobs_or_zero_occ_residues.auth_seq_id 
_pdbx_unobs_or_zero_occ_residues.PDB_ins_code 
_pdbx_unobs_or_zero_occ_residues.label_asym_id 
_pdbx_unobs_or_zero_occ_residues.label_comp_id 
_pdbx_unobs_or_zero_occ_residues.label_seq_id 
1  1 Y 1 A MET 1   ? A MET 1   
2  1 Y 1 A MET 2   ? A MET 2   
3  1 Y 1 A THR 3   ? A THR 3   
4  1 Y 1 A LYS 171 ? A LYS 171 
5  1 Y 1 A LYS 172 ? A LYS 172 
6  1 Y 1 A GLU 173 ? A GLU 173 
7  1 Y 1 A VAL 174 ? A VAL 174 
8  1 Y 1 A SER 175 ? A SER 175 
9  1 Y 1 A GLU 176 ? A GLU 176 
10 1 Y 1 A LEU 177 ? A LEU 177 
11 1 Y 1 A GLY 178 ? A GLY 178 
12 1 Y 1 A GLY 179 ? A GLY 179 
13 1 Y 1 A ILE 180 ? A ILE 180 
14 1 Y 1 A SER 181 ? A SER 181 
# 
loop_
_chem_comp_atom.comp_id 
_chem_comp_atom.atom_id 
_chem_comp_atom.type_symbol 
_chem_comp_atom.pdbx_aromatic_flag 
_chem_comp_atom.pdbx_stereo_config 
_chem_comp_atom.pdbx_ordinal 
ALA N    N  N N 1   
ALA CA   C  N S 2   
ALA C    C  N N 3   
ALA O    O  N N 4   
ALA CB   C  N N 5   
ALA OXT  O  N N 6   
ALA H    H  N N 7   
ALA H2   H  N N 8   
ALA HA   H  N N 9   
ALA HB1  H  N N 10  
ALA HB2  H  N N 11  
ALA HB3  H  N N 12  
ALA HXT  H  N N 13  
ARG N    N  N N 14  
ARG CA   C  N S 15  
ARG C    C  N N 16  
ARG O    O  N N 17  
ARG CB   C  N N 18  
ARG CG   C  N N 19  
ARG CD   C  N N 20  
ARG NE   N  N N 21  
ARG CZ   C  N N 22  
ARG NH1  N  N N 23  
ARG NH2  N  N N 24  
ARG OXT  O  N N 25  
ARG H    H  N N 26  
ARG H2   H  N N 27  
ARG HA   H  N N 28  
ARG HB2  H  N N 29  
ARG HB3  H  N N 30  
ARG HG2  H  N N 31  
ARG HG3  H  N N 32  
ARG HD2  H  N N 33  
ARG HD3  H  N N 34  
ARG HE   H  N N 35  
ARG HH11 H  N N 36  
ARG HH12 H  N N 37  
ARG HH21 H  N N 38  
ARG HH22 H  N N 39  
ARG HXT  H  N N 40  
ASN N    N  N N 41  
ASN CA   C  N S 42  
ASN C    C  N N 43  
ASN O    O  N N 44  
ASN CB   C  N N 45  
ASN CG   C  N N 46  
ASN OD1  O  N N 47  
ASN ND2  N  N N 48  
ASN OXT  O  N N 49  
ASN H    H  N N 50  
ASN H2   H  N N 51  
ASN HA   H  N N 52  
ASN HB2  H  N N 53  
ASN HB3  H  N N 54  
ASN HD21 H  N N 55  
ASN HD22 H  N N 56  
ASN HXT  H  N N 57  
ASP N    N  N N 58  
ASP CA   C  N S 59  
ASP C    C  N N 60  
ASP O    O  N N 61  
ASP CB   C  N N 62  
ASP CG   C  N N 63  
ASP OD1  O  N N 64  
ASP OD2  O  N N 65  
ASP OXT  O  N N 66  
ASP H    H  N N 67  
ASP H2   H  N N 68  
ASP HA   H  N N 69  
ASP HB2  H  N N 70  
ASP HB3  H  N N 71  
ASP HD2  H  N N 72  
ASP HXT  H  N N 73  
CYS N    N  N N 74  
CYS CA   C  N R 75  
CYS C    C  N N 76  
CYS O    O  N N 77  
CYS CB   C  N N 78  
CYS SG   S  N N 79  
CYS OXT  O  N N 80  
CYS H    H  N N 81  
CYS H2   H  N N 82  
CYS HA   H  N N 83  
CYS HB2  H  N N 84  
CYS HB3  H  N N 85  
CYS HG   H  N N 86  
CYS HXT  H  N N 87  
GLN N    N  N N 88  
GLN CA   C  N S 89  
GLN C    C  N N 90  
GLN O    O  N N 91  
GLN CB   C  N N 92  
GLN CG   C  N N 93  
GLN CD   C  N N 94  
GLN OE1  O  N N 95  
GLN NE2  N  N N 96  
GLN OXT  O  N N 97  
GLN H    H  N N 98  
GLN H2   H  N N 99  
GLN HA   H  N N 100 
GLN HB2  H  N N 101 
GLN HB3  H  N N 102 
GLN HG2  H  N N 103 
GLN HG3  H  N N 104 
GLN HE21 H  N N 105 
GLN HE22 H  N N 106 
GLN HXT  H  N N 107 
GLU N    N  N N 108 
GLU CA   C  N S 109 
GLU C    C  N N 110 
GLU O    O  N N 111 
GLU CB   C  N N 112 
GLU CG   C  N N 113 
GLU CD   C  N N 114 
GLU OE1  O  N N 115 
GLU OE2  O  N N 116 
GLU OXT  O  N N 117 
GLU H    H  N N 118 
GLU H2   H  N N 119 
GLU HA   H  N N 120 
GLU HB2  H  N N 121 
GLU HB3  H  N N 122 
GLU HG2  H  N N 123 
GLU HG3  H  N N 124 
GLU HE2  H  N N 125 
GLU HXT  H  N N 126 
GLY N    N  N N 127 
GLY CA   C  N N 128 
GLY C    C  N N 129 
GLY O    O  N N 130 
GLY OXT  O  N N 131 
GLY H    H  N N 132 
GLY H2   H  N N 133 
GLY HA2  H  N N 134 
GLY HA3  H  N N 135 
GLY HXT  H  N N 136 
HIS N    N  N N 137 
HIS CA   C  N S 138 
HIS C    C  N N 139 
HIS O    O  N N 140 
HIS CB   C  N N 141 
HIS CG   C  Y N 142 
HIS ND1  N  Y N 143 
HIS CD2  C  Y N 144 
HIS CE1  C  Y N 145 
HIS NE2  N  Y N 146 
HIS OXT  O  N N 147 
HIS H    H  N N 148 
HIS H2   H  N N 149 
HIS HA   H  N N 150 
HIS HB2  H  N N 151 
HIS HB3  H  N N 152 
HIS HD1  H  N N 153 
HIS HD2  H  N N 154 
HIS HE1  H  N N 155 
HIS HE2  H  N N 156 
HIS HXT  H  N N 157 
HOH O    O  N N 158 
HOH H1   H  N N 159 
HOH H2   H  N N 160 
ILE N    N  N N 161 
ILE CA   C  N S 162 
ILE C    C  N N 163 
ILE O    O  N N 164 
ILE CB   C  N S 165 
ILE CG1  C  N N 166 
ILE CG2  C  N N 167 
ILE CD1  C  N N 168 
ILE OXT  O  N N 169 
ILE H    H  N N 170 
ILE H2   H  N N 171 
ILE HA   H  N N 172 
ILE HB   H  N N 173 
ILE HG12 H  N N 174 
ILE HG13 H  N N 175 
ILE HG21 H  N N 176 
ILE HG22 H  N N 177 
ILE HG23 H  N N 178 
ILE HD11 H  N N 179 
ILE HD12 H  N N 180 
ILE HD13 H  N N 181 
ILE HXT  H  N N 182 
LEU N    N  N N 183 
LEU CA   C  N S 184 
LEU C    C  N N 185 
LEU O    O  N N 186 
LEU CB   C  N N 187 
LEU CG   C  N N 188 
LEU CD1  C  N N 189 
LEU CD2  C  N N 190 
LEU OXT  O  N N 191 
LEU H    H  N N 192 
LEU H2   H  N N 193 
LEU HA   H  N N 194 
LEU HB2  H  N N 195 
LEU HB3  H  N N 196 
LEU HG   H  N N 197 
LEU HD11 H  N N 198 
LEU HD12 H  N N 199 
LEU HD13 H  N N 200 
LEU HD21 H  N N 201 
LEU HD22 H  N N 202 
LEU HD23 H  N N 203 
LEU HXT  H  N N 204 
LYS N    N  N N 205 
LYS CA   C  N S 206 
LYS C    C  N N 207 
LYS O    O  N N 208 
LYS CB   C  N N 209 
LYS CG   C  N N 210 
LYS CD   C  N N 211 
LYS CE   C  N N 212 
LYS NZ   N  N N 213 
LYS OXT  O  N N 214 
LYS H    H  N N 215 
LYS H2   H  N N 216 
LYS HA   H  N N 217 
LYS HB2  H  N N 218 
LYS HB3  H  N N 219 
LYS HG2  H  N N 220 
LYS HG3  H  N N 221 
LYS HD2  H  N N 222 
LYS HD3  H  N N 223 
LYS HE2  H  N N 224 
LYS HE3  H  N N 225 
LYS HZ1  H  N N 226 
LYS HZ2  H  N N 227 
LYS HZ3  H  N N 228 
LYS HXT  H  N N 229 
MET N    N  N N 230 
MET CA   C  N S 231 
MET C    C  N N 232 
MET O    O  N N 233 
MET CB   C  N N 234 
MET CG   C  N N 235 
MET SD   S  N N 236 
MET CE   C  N N 237 
MET OXT  O  N N 238 
MET H    H  N N 239 
MET H2   H  N N 240 
MET HA   H  N N 241 
MET HB2  H  N N 242 
MET HB3  H  N N 243 
MET HG2  H  N N 244 
MET HG3  H  N N 245 
MET HE1  H  N N 246 
MET HE2  H  N N 247 
MET HE3  H  N N 248 
MET HXT  H  N N 249 
NA  NA   NA N N 250 
NAD PA   P  N S 251 
NAD O1A  O  N N 252 
NAD O2A  O  N N 253 
NAD O5B  O  N N 254 
NAD C5B  C  N N 255 
NAD C4B  C  N R 256 
NAD O4B  O  N N 257 
NAD C3B  C  N S 258 
NAD O3B  O  N N 259 
NAD C2B  C  N R 260 
NAD O2B  O  N N 261 
NAD C1B  C  N R 262 
NAD N9A  N  Y N 263 
NAD C8A  C  Y N 264 
NAD N7A  N  Y N 265 
NAD C5A  C  Y N 266 
NAD C6A  C  Y N 267 
NAD N6A  N  N N 268 
NAD N1A  N  Y N 269 
NAD C2A  C  Y N 270 
NAD N3A  N  Y N 271 
NAD C4A  C  Y N 272 
NAD O3   O  N N 273 
NAD PN   P  N N 274 
NAD O1N  O  N N 275 
NAD O2N  O  N N 276 
NAD O5D  O  N N 277 
NAD C5D  C  N N 278 
NAD C4D  C  N R 279 
NAD O4D  O  N N 280 
NAD C3D  C  N S 281 
NAD O3D  O  N N 282 
NAD C2D  C  N R 283 
NAD O2D  O  N N 284 
NAD C1D  C  N R 285 
NAD N1N  N  Y N 286 
NAD C2N  C  Y N 287 
NAD C3N  C  Y N 288 
NAD C7N  C  N N 289 
NAD O7N  O  N N 290 
NAD N7N  N  N N 291 
NAD C4N  C  Y N 292 
NAD C5N  C  Y N 293 
NAD C6N  C  Y N 294 
NAD HOA2 H  N N 295 
NAD H51A H  N N 296 
NAD H52A H  N N 297 
NAD H4B  H  N N 298 
NAD H3B  H  N N 299 
NAD HO3A H  N N 300 
NAD H2B  H  N N 301 
NAD HO2A H  N N 302 
NAD H1B  H  N N 303 
NAD H8A  H  N N 304 
NAD H61A H  N N 305 
NAD H62A H  N N 306 
NAD H2A  H  N N 307 
NAD H51N H  N N 308 
NAD H52N H  N N 309 
NAD H4D  H  N N 310 
NAD H3D  H  N N 311 
NAD HO3N H  N N 312 
NAD H2D  H  N N 313 
NAD HO2N H  N N 314 
NAD H1D  H  N N 315 
NAD H2N  H  N N 316 
NAD H71N H  N N 317 
NAD H72N H  N N 318 
NAD H4N  H  N N 319 
NAD H5N  H  N N 320 
NAD H6N  H  N N 321 
PHE N    N  N N 322 
PHE CA   C  N S 323 
PHE C    C  N N 324 
PHE O    O  N N 325 
PHE CB   C  N N 326 
PHE CG   C  Y N 327 
PHE CD1  C  Y N 328 
PHE CD2  C  Y N 329 
PHE CE1  C  Y N 330 
PHE CE2  C  Y N 331 
PHE CZ   C  Y N 332 
PHE OXT  O  N N 333 
PHE H    H  N N 334 
PHE H2   H  N N 335 
PHE HA   H  N N 336 
PHE HB2  H  N N 337 
PHE HB3  H  N N 338 
PHE HD1  H  N N 339 
PHE HD2  H  N N 340 
PHE HE1  H  N N 341 
PHE HE2  H  N N 342 
PHE HZ   H  N N 343 
PHE HXT  H  N N 344 
PRO N    N  N N 345 
PRO CA   C  N S 346 
PRO C    C  N N 347 
PRO O    O  N N 348 
PRO CB   C  N N 349 
PRO CG   C  N N 350 
PRO CD   C  N N 351 
PRO OXT  O  N N 352 
PRO H    H  N N 353 
PRO HA   H  N N 354 
PRO HB2  H  N N 355 
PRO HB3  H  N N 356 
PRO HG2  H  N N 357 
PRO HG3  H  N N 358 
PRO HD2  H  N N 359 
PRO HD3  H  N N 360 
PRO HXT  H  N N 361 
SER N    N  N N 362 
SER CA   C  N S 363 
SER C    C  N N 364 
SER O    O  N N 365 
SER CB   C  N N 366 
SER OG   O  N N 367 
SER OXT  O  N N 368 
SER H    H  N N 369 
SER H2   H  N N 370 
SER HA   H  N N 371 
SER HB2  H  N N 372 
SER HB3  H  N N 373 
SER HG   H  N N 374 
SER HXT  H  N N 375 
SO4 S    S  N N 376 
SO4 O1   O  N N 377 
SO4 O2   O  N N 378 
SO4 O3   O  N N 379 
SO4 O4   O  N N 380 
THR N    N  N N 381 
THR CA   C  N S 382 
THR C    C  N N 383 
THR O    O  N N 384 
THR CB   C  N R 385 
THR OG1  O  N N 386 
THR CG2  C  N N 387 
THR OXT  O  N N 388 
THR H    H  N N 389 
THR H2   H  N N 390 
THR HA   H  N N 391 
THR HB   H  N N 392 
THR HG1  H  N N 393 
THR HG21 H  N N 394 
THR HG22 H  N N 395 
THR HG23 H  N N 396 
THR HXT  H  N N 397 
TRP N    N  N N 398 
TRP CA   C  N S 399 
TRP C    C  N N 400 
TRP O    O  N N 401 
TRP CB   C  N N 402 
TRP CG   C  Y N 403 
TRP CD1  C  Y N 404 
TRP CD2  C  Y N 405 
TRP NE1  N  Y N 406 
TRP CE2  C  Y N 407 
TRP CE3  C  Y N 408 
TRP CZ2  C  Y N 409 
TRP CZ3  C  Y N 410 
TRP CH2  C  Y N 411 
TRP OXT  O  N N 412 
TRP H    H  N N 413 
TRP H2   H  N N 414 
TRP HA   H  N N 415 
TRP HB2  H  N N 416 
TRP HB3  H  N N 417 
TRP HD1  H  N N 418 
TRP HE1  H  N N 419 
TRP HE3  H  N N 420 
TRP HZ2  H  N N 421 
TRP HZ3  H  N N 422 
TRP HH2  H  N N 423 
TRP HXT  H  N N 424 
TYR N    N  N N 425 
TYR CA   C  N S 426 
TYR C    C  N N 427 
TYR O    O  N N 428 
TYR CB   C  N N 429 
TYR CG   C  Y N 430 
TYR CD1  C  Y N 431 
TYR CD2  C  Y N 432 
TYR CE1  C  Y N 433 
TYR CE2  C  Y N 434 
TYR CZ   C  Y N 435 
TYR OH   O  N N 436 
TYR OXT  O  N N 437 
TYR H    H  N N 438 
TYR H2   H  N N 439 
TYR HA   H  N N 440 
TYR HB2  H  N N 441 
TYR HB3  H  N N 442 
TYR HD1  H  N N 443 
TYR HD2  H  N N 444 
TYR HE1  H  N N 445 
TYR HE2  H  N N 446 
TYR HH   H  N N 447 
TYR HXT  H  N N 448 
VAL N    N  N N 449 
VAL CA   C  N S 450 
VAL C    C  N N 451 
VAL O    O  N N 452 
VAL CB   C  N N 453 
VAL CG1  C  N N 454 
VAL CG2  C  N N 455 
VAL OXT  O  N N 456 
VAL H    H  N N 457 
VAL H2   H  N N 458 
VAL HA   H  N N 459 
VAL HB   H  N N 460 
VAL HG11 H  N N 461 
VAL HG12 H  N N 462 
VAL HG13 H  N N 463 
VAL HG21 H  N N 464 
VAL HG22 H  N N 465 
VAL HG23 H  N N 466 
VAL HXT  H  N N 467 
# 
loop_
_chem_comp_bond.comp_id 
_chem_comp_bond.atom_id_1 
_chem_comp_bond.atom_id_2 
_chem_comp_bond.value_order 
_chem_comp_bond.pdbx_aromatic_flag 
_chem_comp_bond.pdbx_stereo_config 
_chem_comp_bond.pdbx_ordinal 
ALA N   CA   sing N N 1   
ALA N   H    sing N N 2   
ALA N   H2   sing N N 3   
ALA CA  C    sing N N 4   
ALA CA  CB   sing N N 5   
ALA CA  HA   sing N N 6   
ALA C   O    doub N N 7   
ALA C   OXT  sing N N 8   
ALA CB  HB1  sing N N 9   
ALA CB  HB2  sing N N 10  
ALA CB  HB3  sing N N 11  
ALA OXT HXT  sing N N 12  
ARG N   CA   sing N N 13  
ARG N   H    sing N N 14  
ARG N   H2   sing N N 15  
ARG CA  C    sing N N 16  
ARG CA  CB   sing N N 17  
ARG CA  HA   sing N N 18  
ARG C   O    doub N N 19  
ARG C   OXT  sing N N 20  
ARG CB  CG   sing N N 21  
ARG CB  HB2  sing N N 22  
ARG CB  HB3  sing N N 23  
ARG CG  CD   sing N N 24  
ARG CG  HG2  sing N N 25  
ARG CG  HG3  sing N N 26  
ARG CD  NE   sing N N 27  
ARG CD  HD2  sing N N 28  
ARG CD  HD3  sing N N 29  
ARG NE  CZ   sing N N 30  
ARG NE  HE   sing N N 31  
ARG CZ  NH1  sing N N 32  
ARG CZ  NH2  doub N N 33  
ARG NH1 HH11 sing N N 34  
ARG NH1 HH12 sing N N 35  
ARG NH2 HH21 sing N N 36  
ARG NH2 HH22 sing N N 37  
ARG OXT HXT  sing N N 38  
ASN N   CA   sing N N 39  
ASN N   H    sing N N 40  
ASN N   H2   sing N N 41  
ASN CA  C    sing N N 42  
ASN CA  CB   sing N N 43  
ASN CA  HA   sing N N 44  
ASN C   O    doub N N 45  
ASN C   OXT  sing N N 46  
ASN CB  CG   sing N N 47  
ASN CB  HB2  sing N N 48  
ASN CB  HB3  sing N N 49  
ASN CG  OD1  doub N N 50  
ASN CG  ND2  sing N N 51  
ASN ND2 HD21 sing N N 52  
ASN ND2 HD22 sing N N 53  
ASN OXT HXT  sing N N 54  
ASP N   CA   sing N N 55  
ASP N   H    sing N N 56  
ASP N   H2   sing N N 57  
ASP CA  C    sing N N 58  
ASP CA  CB   sing N N 59  
ASP CA  HA   sing N N 60  
ASP C   O    doub N N 61  
ASP C   OXT  sing N N 62  
ASP CB  CG   sing N N 63  
ASP CB  HB2  sing N N 64  
ASP CB  HB3  sing N N 65  
ASP CG  OD1  doub N N 66  
ASP CG  OD2  sing N N 67  
ASP OD2 HD2  sing N N 68  
ASP OXT HXT  sing N N 69  
CYS N   CA   sing N N 70  
CYS N   H    sing N N 71  
CYS N   H2   sing N N 72  
CYS CA  C    sing N N 73  
CYS CA  CB   sing N N 74  
CYS CA  HA   sing N N 75  
CYS C   O    doub N N 76  
CYS C   OXT  sing N N 77  
CYS CB  SG   sing N N 78  
CYS CB  HB2  sing N N 79  
CYS CB  HB3  sing N N 80  
CYS SG  HG   sing N N 81  
CYS OXT HXT  sing N N 82  
GLN N   CA   sing N N 83  
GLN N   H    sing N N 84  
GLN N   H2   sing N N 85  
GLN CA  C    sing N N 86  
GLN CA  CB   sing N N 87  
GLN CA  HA   sing N N 88  
GLN C   O    doub N N 89  
GLN C   OXT  sing N N 90  
GLN CB  CG   sing N N 91  
GLN CB  HB2  sing N N 92  
GLN CB  HB3  sing N N 93  
GLN CG  CD   sing N N 94  
GLN CG  HG2  sing N N 95  
GLN CG  HG3  sing N N 96  
GLN CD  OE1  doub N N 97  
GLN CD  NE2  sing N N 98  
GLN NE2 HE21 sing N N 99  
GLN NE2 HE22 sing N N 100 
GLN OXT HXT  sing N N 101 
GLU N   CA   sing N N 102 
GLU N   H    sing N N 103 
GLU N   H2   sing N N 104 
GLU CA  C    sing N N 105 
GLU CA  CB   sing N N 106 
GLU CA  HA   sing N N 107 
GLU C   O    doub N N 108 
GLU C   OXT  sing N N 109 
GLU CB  CG   sing N N 110 
GLU CB  HB2  sing N N 111 
GLU CB  HB3  sing N N 112 
GLU CG  CD   sing N N 113 
GLU CG  HG2  sing N N 114 
GLU CG  HG3  sing N N 115 
GLU CD  OE1  doub N N 116 
GLU CD  OE2  sing N N 117 
GLU OE2 HE2  sing N N 118 
GLU OXT HXT  sing N N 119 
GLY N   CA   sing N N 120 
GLY N   H    sing N N 121 
GLY N   H2   sing N N 122 
GLY CA  C    sing N N 123 
GLY CA  HA2  sing N N 124 
GLY CA  HA3  sing N N 125 
GLY C   O    doub N N 126 
GLY C   OXT  sing N N 127 
GLY OXT HXT  sing N N 128 
HIS N   CA   sing N N 129 
HIS N   H    sing N N 130 
HIS N   H2   sing N N 131 
HIS CA  C    sing N N 132 
HIS CA  CB   sing N N 133 
HIS CA  HA   sing N N 134 
HIS C   O    doub N N 135 
HIS C   OXT  sing N N 136 
HIS CB  CG   sing N N 137 
HIS CB  HB2  sing N N 138 
HIS CB  HB3  sing N N 139 
HIS CG  ND1  sing Y N 140 
HIS CG  CD2  doub Y N 141 
HIS ND1 CE1  doub Y N 142 
HIS ND1 HD1  sing N N 143 
HIS CD2 NE2  sing Y N 144 
HIS CD2 HD2  sing N N 145 
HIS CE1 NE2  sing Y N 146 
HIS CE1 HE1  sing N N 147 
HIS NE2 HE2  sing N N 148 
HIS OXT HXT  sing N N 149 
HOH O   H1   sing N N 150 
HOH O   H2   sing N N 151 
ILE N   CA   sing N N 152 
ILE N   H    sing N N 153 
ILE N   H2   sing N N 154 
ILE CA  C    sing N N 155 
ILE CA  CB   sing N N 156 
ILE CA  HA   sing N N 157 
ILE C   O    doub N N 158 
ILE C   OXT  sing N N 159 
ILE CB  CG1  sing N N 160 
ILE CB  CG2  sing N N 161 
ILE CB  HB   sing N N 162 
ILE CG1 CD1  sing N N 163 
ILE CG1 HG12 sing N N 164 
ILE CG1 HG13 sing N N 165 
ILE CG2 HG21 sing N N 166 
ILE CG2 HG22 sing N N 167 
ILE CG2 HG23 sing N N 168 
ILE CD1 HD11 sing N N 169 
ILE CD1 HD12 sing N N 170 
ILE CD1 HD13 sing N N 171 
ILE OXT HXT  sing N N 172 
LEU N   CA   sing N N 173 
LEU N   H    sing N N 174 
LEU N   H2   sing N N 175 
LEU CA  C    sing N N 176 
LEU CA  CB   sing N N 177 
LEU CA  HA   sing N N 178 
LEU C   O    doub N N 179 
LEU C   OXT  sing N N 180 
LEU CB  CG   sing N N 181 
LEU CB  HB2  sing N N 182 
LEU CB  HB3  sing N N 183 
LEU CG  CD1  sing N N 184 
LEU CG  CD2  sing N N 185 
LEU CG  HG   sing N N 186 
LEU CD1 HD11 sing N N 187 
LEU CD1 HD12 sing N N 188 
LEU CD1 HD13 sing N N 189 
LEU CD2 HD21 sing N N 190 
LEU CD2 HD22 sing N N 191 
LEU CD2 HD23 sing N N 192 
LEU OXT HXT  sing N N 193 
LYS N   CA   sing N N 194 
LYS N   H    sing N N 195 
LYS N   H2   sing N N 196 
LYS CA  C    sing N N 197 
LYS CA  CB   sing N N 198 
LYS CA  HA   sing N N 199 
LYS C   O    doub N N 200 
LYS C   OXT  sing N N 201 
LYS CB  CG   sing N N 202 
LYS CB  HB2  sing N N 203 
LYS CB  HB3  sing N N 204 
LYS CG  CD   sing N N 205 
LYS CG  HG2  sing N N 206 
LYS CG  HG3  sing N N 207 
LYS CD  CE   sing N N 208 
LYS CD  HD2  sing N N 209 
LYS CD  HD3  sing N N 210 
LYS CE  NZ   sing N N 211 
LYS CE  HE2  sing N N 212 
LYS CE  HE3  sing N N 213 
LYS NZ  HZ1  sing N N 214 
LYS NZ  HZ2  sing N N 215 
LYS NZ  HZ3  sing N N 216 
LYS OXT HXT  sing N N 217 
MET N   CA   sing N N 218 
MET N   H    sing N N 219 
MET N   H2   sing N N 220 
MET CA  C    sing N N 221 
MET CA  CB   sing N N 222 
MET CA  HA   sing N N 223 
MET C   O    doub N N 224 
MET C   OXT  sing N N 225 
MET CB  CG   sing N N 226 
MET CB  HB2  sing N N 227 
MET CB  HB3  sing N N 228 
MET CG  SD   sing N N 229 
MET CG  HG2  sing N N 230 
MET CG  HG3  sing N N 231 
MET SD  CE   sing N N 232 
MET CE  HE1  sing N N 233 
MET CE  HE2  sing N N 234 
MET CE  HE3  sing N N 235 
MET OXT HXT  sing N N 236 
NAD PA  O1A  doub N N 237 
NAD PA  O2A  sing N N 238 
NAD PA  O5B  sing N N 239 
NAD PA  O3   sing N N 240 
NAD O2A HOA2 sing N N 241 
NAD O5B C5B  sing N N 242 
NAD C5B C4B  sing N N 243 
NAD C5B H51A sing N N 244 
NAD C5B H52A sing N N 245 
NAD C4B O4B  sing N N 246 
NAD C4B C3B  sing N N 247 
NAD C4B H4B  sing N N 248 
NAD O4B C1B  sing N N 249 
NAD C3B O3B  sing N N 250 
NAD C3B C2B  sing N N 251 
NAD C3B H3B  sing N N 252 
NAD O3B HO3A sing N N 253 
NAD C2B O2B  sing N N 254 
NAD C2B C1B  sing N N 255 
NAD C2B H2B  sing N N 256 
NAD O2B HO2A sing N N 257 
NAD C1B N9A  sing N N 258 
NAD C1B H1B  sing N N 259 
NAD N9A C8A  sing Y N 260 
NAD N9A C4A  sing Y N 261 
NAD C8A N7A  doub Y N 262 
NAD C8A H8A  sing N N 263 
NAD N7A C5A  sing Y N 264 
NAD C5A C6A  sing Y N 265 
NAD C5A C4A  doub Y N 266 
NAD C6A N6A  sing N N 267 
NAD C6A N1A  doub Y N 268 
NAD N6A H61A sing N N 269 
NAD N6A H62A sing N N 270 
NAD N1A C2A  sing Y N 271 
NAD C2A N3A  doub Y N 272 
NAD C2A H2A  sing N N 273 
NAD N3A C4A  sing Y N 274 
NAD O3  PN   sing N N 275 
NAD PN  O1N  doub N N 276 
NAD PN  O2N  sing N N 277 
NAD PN  O5D  sing N N 278 
NAD O5D C5D  sing N N 279 
NAD C5D C4D  sing N N 280 
NAD C5D H51N sing N N 281 
NAD C5D H52N sing N N 282 
NAD C4D O4D  sing N N 283 
NAD C4D C3D  sing N N 284 
NAD C4D H4D  sing N N 285 
NAD O4D C1D  sing N N 286 
NAD C3D O3D  sing N N 287 
NAD C3D C2D  sing N N 288 
NAD C3D H3D  sing N N 289 
NAD O3D HO3N sing N N 290 
NAD C2D O2D  sing N N 291 
NAD C2D C1D  sing N N 292 
NAD C2D H2D  sing N N 293 
NAD O2D HO2N sing N N 294 
NAD C1D N1N  sing N N 295 
NAD C1D H1D  sing N N 296 
NAD N1N C2N  sing Y N 297 
NAD N1N C6N  doub Y N 298 
NAD C2N C3N  doub Y N 299 
NAD C2N H2N  sing N N 300 
NAD C3N C7N  sing N N 301 
NAD C3N C4N  sing Y N 302 
NAD C7N O7N  doub N N 303 
NAD C7N N7N  sing N N 304 
NAD N7N H71N sing N N 305 
NAD N7N H72N sing N N 306 
NAD C4N C5N  doub Y N 307 
NAD C4N H4N  sing N N 308 
NAD C5N C6N  sing Y N 309 
NAD C5N H5N  sing N N 310 
NAD C6N H6N  sing N N 311 
PHE N   CA   sing N N 312 
PHE N   H    sing N N 313 
PHE N   H2   sing N N 314 
PHE CA  C    sing N N 315 
PHE CA  CB   sing N N 316 
PHE CA  HA   sing N N 317 
PHE C   O    doub N N 318 
PHE C   OXT  sing N N 319 
PHE CB  CG   sing N N 320 
PHE CB  HB2  sing N N 321 
PHE CB  HB3  sing N N 322 
PHE CG  CD1  doub Y N 323 
PHE CG  CD2  sing Y N 324 
PHE CD1 CE1  sing Y N 325 
PHE CD1 HD1  sing N N 326 
PHE CD2 CE2  doub Y N 327 
PHE CD2 HD2  sing N N 328 
PHE CE1 CZ   doub Y N 329 
PHE CE1 HE1  sing N N 330 
PHE CE2 CZ   sing Y N 331 
PHE CE2 HE2  sing N N 332 
PHE CZ  HZ   sing N N 333 
PHE OXT HXT  sing N N 334 
PRO N   CA   sing N N 335 
PRO N   CD   sing N N 336 
PRO N   H    sing N N 337 
PRO CA  C    sing N N 338 
PRO CA  CB   sing N N 339 
PRO CA  HA   sing N N 340 
PRO C   O    doub N N 341 
PRO C   OXT  sing N N 342 
PRO CB  CG   sing N N 343 
PRO CB  HB2  sing N N 344 
PRO CB  HB3  sing N N 345 
PRO CG  CD   sing N N 346 
PRO CG  HG2  sing N N 347 
PRO CG  HG3  sing N N 348 
PRO CD  HD2  sing N N 349 
PRO CD  HD3  sing N N 350 
PRO OXT HXT  sing N N 351 
SER N   CA   sing N N 352 
SER N   H    sing N N 353 
SER N   H2   sing N N 354 
SER CA  C    sing N N 355 
SER CA  CB   sing N N 356 
SER CA  HA   sing N N 357 
SER C   O    doub N N 358 
SER C   OXT  sing N N 359 
SER CB  OG   sing N N 360 
SER CB  HB2  sing N N 361 
SER CB  HB3  sing N N 362 
SER OG  HG   sing N N 363 
SER OXT HXT  sing N N 364 
SO4 S   O1   doub N N 365 
SO4 S   O2   doub N N 366 
SO4 S   O3   sing N N 367 
SO4 S   O4   sing N N 368 
THR N   CA   sing N N 369 
THR N   H    sing N N 370 
THR N   H2   sing N N 371 
THR CA  C    sing N N 372 
THR CA  CB   sing N N 373 
THR CA  HA   sing N N 374 
THR C   O    doub N N 375 
THR C   OXT  sing N N 376 
THR CB  OG1  sing N N 377 
THR CB  CG2  sing N N 378 
THR CB  HB   sing N N 379 
THR OG1 HG1  sing N N 380 
THR CG2 HG21 sing N N 381 
THR CG2 HG22 sing N N 382 
THR CG2 HG23 sing N N 383 
THR OXT HXT  sing N N 384 
TRP N   CA   sing N N 385 
TRP N   H    sing N N 386 
TRP N   H2   sing N N 387 
TRP CA  C    sing N N 388 
TRP CA  CB   sing N N 389 
TRP CA  HA   sing N N 390 
TRP C   O    doub N N 391 
TRP C   OXT  sing N N 392 
TRP CB  CG   sing N N 393 
TRP CB  HB2  sing N N 394 
TRP CB  HB3  sing N N 395 
TRP CG  CD1  doub Y N 396 
TRP CG  CD2  sing Y N 397 
TRP CD1 NE1  sing Y N 398 
TRP CD1 HD1  sing N N 399 
TRP CD2 CE2  doub Y N 400 
TRP CD2 CE3  sing Y N 401 
TRP NE1 CE2  sing Y N 402 
TRP NE1 HE1  sing N N 403 
TRP CE2 CZ2  sing Y N 404 
TRP CE3 CZ3  doub Y N 405 
TRP CE3 HE3  sing N N 406 
TRP CZ2 CH2  doub Y N 407 
TRP CZ2 HZ2  sing N N 408 
TRP CZ3 CH2  sing Y N 409 
TRP CZ3 HZ3  sing N N 410 
TRP CH2 HH2  sing N N 411 
TRP OXT HXT  sing N N 412 
TYR N   CA   sing N N 413 
TYR N   H    sing N N 414 
TYR N   H2   sing N N 415 
TYR CA  C    sing N N 416 
TYR CA  CB   sing N N 417 
TYR CA  HA   sing N N 418 
TYR C   O    doub N N 419 
TYR C   OXT  sing N N 420 
TYR CB  CG   sing N N 421 
TYR CB  HB2  sing N N 422 
TYR CB  HB3  sing N N 423 
TYR CG  CD1  doub Y N 424 
TYR CG  CD2  sing Y N 425 
TYR CD1 CE1  sing Y N 426 
TYR CD1 HD1  sing N N 427 
TYR CD2 CE2  doub Y N 428 
TYR CD2 HD2  sing N N 429 
TYR CE1 CZ   doub Y N 430 
TYR CE1 HE1  sing N N 431 
TYR CE2 CZ   sing Y N 432 
TYR CE2 HE2  sing N N 433 
TYR CZ  OH   sing N N 434 
TYR OH  HH   sing N N 435 
TYR OXT HXT  sing N N 436 
VAL N   CA   sing N N 437 
VAL N   H    sing N N 438 
VAL N   H2   sing N N 439 
VAL CA  C    sing N N 440 
VAL CA  CB   sing N N 441 
VAL CA  HA   sing N N 442 
VAL C   O    doub N N 443 
VAL C   OXT  sing N N 444 
VAL CB  CG1  sing N N 445 
VAL CB  CG2  sing N N 446 
VAL CB  HB   sing N N 447 
VAL CG1 HG11 sing N N 448 
VAL CG1 HG12 sing N N 449 
VAL CG1 HG13 sing N N 450 
VAL CG2 HG21 sing N N 451 
VAL CG2 HG22 sing N N 452 
VAL CG2 HG23 sing N N 453 
VAL OXT HXT  sing N N 454 
# 
_atom_sites.entry_id                    1EJ2 
_atom_sites.fract_transf_matrix[1][1]   -0.00570627 
_atom_sites.fract_transf_matrix[1][2]   -0.01155535 
_atom_sites.fract_transf_matrix[1][3]   0.00138437 
_atom_sites.fract_transf_matrix[2][1]   0.00218575 
_atom_sites.fract_transf_matrix[2][2]   -0.00938760 
_atom_sites.fract_transf_matrix[2][3]   -0.00866654 
_atom_sites.fract_transf_matrix[3][1]   0.00707390 
_atom_sites.fract_transf_matrix[3][2]   -0.00290280 
_atom_sites.fract_transf_matrix[3][3]   0.00492839 
_atom_sites.fract_transf_vector[1]      0.386965 
_atom_sites.fract_transf_vector[2]      0.211625 
_atom_sites.fract_transf_vector[3]      0.366914 
# 
loop_
_atom_type.symbol 
C  
N  
NA 
O  
P  
S  
# 
loop_
_atom_site.group_PDB 
_atom_site.id 
_atom_site.type_symbol 
_atom_site.label_atom_id 
_atom_site.label_alt_id 
_atom_site.label_comp_id 
_atom_site.label_asym_id 
_atom_site.label_entity_id 
_atom_site.label_seq_id 
_atom_site.pdbx_PDB_ins_code 
_atom_site.Cartn_x 
_atom_site.Cartn_y 
_atom_site.Cartn_z 
_atom_site.occupancy 
_atom_site.B_iso_or_equiv 
_atom_site.pdbx_formal_charge 
_atom_site.auth_seq_id 
_atom_site.auth_comp_id 
_atom_site.auth_asym_id 
_atom_site.auth_atom_id 
_atom_site.pdbx_PDB_model_num 
ATOM   1    N  N   . MET A 1 4   ? 2.231   8.140   -19.532 1.00 44.77 ? 4    MET A N   1 
ATOM   2    C  CA  . MET A 1 4   ? 2.995   6.977   -18.970 1.00 44.61 ? 4    MET A CA  1 
ATOM   3    C  C   . MET A 1 4   ? 2.497   6.829   -17.538 1.00 42.67 ? 4    MET A C   1 
ATOM   4    O  O   . MET A 1 4   ? 2.779   7.653   -16.665 1.00 42.31 ? 4    MET A O   1 
ATOM   5    C  CB  . MET A 1 4   ? 4.490   7.255   -18.962 1.00 47.57 ? 4    MET A CB  1 
ATOM   6    C  CG  . MET A 1 4   ? 5.317   6.182   -18.269 1.00 52.03 ? 4    MET A CG  1 
ATOM   7    S  SD  . MET A 1 4   ? 5.380   4.623   -19.204 1.00 56.38 ? 4    MET A SD  1 
ATOM   8    C  CE  . MET A 1 4   ? 7.130   3.963   -18.775 1.00 55.85 ? 4    MET A CE  1 
ATOM   9    N  N   . ARG A 1 5   ? 1.763   5.759   -17.309 1.00 40.38 ? 5    ARG A N   1 
ATOM   10   C  CA  . ARG A 1 5   ? 1.148   5.511   -16.021 1.00 38.24 ? 5    ARG A CA  1 
ATOM   11   C  C   . ARG A 1 5   ? 1.580   4.166   -15.457 1.00 36.13 ? 5    ARG A C   1 
ATOM   12   O  O   . ARG A 1 5   ? 1.564   3.149   -16.164 1.00 35.37 ? 5    ARG A O   1 
ATOM   13   C  CB  . ARG A 1 5   ? -0.371  5.568   -16.224 1.00 38.79 ? 5    ARG A CB  1 
ATOM   14   C  CG  . ARG A 1 5   ? -1.178  5.801   -14.969 1.00 40.73 ? 5    ARG A CG  1 
ATOM   15   C  CD  . ARG A 1 5   ? -2.289  6.769   -15.291 1.00 41.63 ? 5    ARG A CD  1 
ATOM   16   N  NE  . ARG A 1 5   ? -2.946  6.249   -16.457 1.00 42.91 ? 5    ARG A NE  1 
ATOM   17   C  CZ  . ARG A 1 5   ? -3.618  6.946   -17.358 1.00 41.72 ? 5    ARG A CZ  1 
ATOM   18   N  NH1 . ARG A 1 5   ? -3.758  8.263   -17.265 1.00 41.20 ? 5    ARG A NH1 1 
ATOM   19   N  NH2 . ARG A 1 5   ? -4.140  6.279   -18.369 1.00 41.61 ? 5    ARG A NH2 1 
ATOM   20   N  N   . GLY A 1 6   ? 1.994   4.159   -14.191 1.00 34.38 ? 6    GLY A N   1 
ATOM   21   C  CA  . GLY A 1 6   ? 2.403   2.911   -13.571 1.00 31.35 ? 6    GLY A CA  1 
ATOM   22   C  C   . GLY A 1 6   ? 1.306   2.405   -12.627 1.00 30.74 ? 6    GLY A C   1 
ATOM   23   O  O   . GLY A 1 6   ? 0.320   3.082   -12.367 1.00 29.87 ? 6    GLY A O   1 
ATOM   24   N  N   . LEU A 1 7   ? 1.502   1.211   -12.087 1.00 30.72 ? 7    LEU A N   1 
ATOM   25   C  CA  . LEU A 1 7   ? 0.544   0.610   -11.154 1.00 30.70 ? 7    LEU A CA  1 
ATOM   26   C  C   . LEU A 1 7   ? 1.348   0.041   -10.015 1.00 29.91 ? 7    LEU A C   1 
ATOM   27   O  O   . LEU A 1 7   ? 2.346   -0.646  -10.235 1.00 31.27 ? 7    LEU A O   1 
ATOM   28   C  CB  . LEU A 1 7   ? -0.233  -0.566  -11.809 1.00 32.15 ? 7    LEU A CB  1 
ATOM   29   C  CG  . LEU A 1 7   ? -1.030  -1.442  -10.793 1.00 32.41 ? 7    LEU A CG  1 
ATOM   30   C  CD1 . LEU A 1 7   ? -2.253  -0.648  -10.360 1.00 33.68 ? 7    LEU A CD1 1 
ATOM   31   C  CD2 . LEU A 1 7   ? -1.467  -2.782  -11.421 1.00 33.88 ? 7    LEU A CD2 1 
ATOM   32   N  N   . LEU A 1 8   ? 0.903   0.314   -8.797  1.00 29.76 ? 8    LEU A N   1 
ATOM   33   C  CA  . LEU A 1 8   ? 1.512   -0.228  -7.610  1.00 27.62 ? 8    LEU A CA  1 
ATOM   34   C  C   . LEU A 1 8   ? 0.323   -0.772  -6.795  1.00 27.84 ? 8    LEU A C   1 
ATOM   35   O  O   . LEU A 1 8   ? -0.670  -0.081  -6.612  1.00 26.81 ? 8    LEU A O   1 
ATOM   36   C  CB  . LEU A 1 8   ? 2.212   0.888   -6.823  1.00 29.56 ? 8    LEU A CB  1 
ATOM   37   C  CG  . LEU A 1 8   ? 2.700   0.503   -5.421  1.00 29.13 ? 8    LEU A CG  1 
ATOM   38   C  CD1 . LEU A 1 8   ? 3.848   -0.486  -5.537  1.00 31.80 ? 8    LEU A CD1 1 
ATOM   39   C  CD2 . LEU A 1 8   ? 3.125   1.765   -4.647  1.00 31.59 ? 8    LEU A CD2 1 
ATOM   40   N  N   . VAL A 1 9   ? 0.449   -1.997  -6.312  1.00 28.08 ? 9    VAL A N   1 
ATOM   41   C  CA  . VAL A 1 9   ? -0.583  -2.637  -5.485  1.00 28.87 ? 9    VAL A CA  1 
ATOM   42   C  C   . VAL A 1 9   ? 0.014   -2.951  -4.107  1.00 27.95 ? 9    VAL A C   1 
ATOM   43   O  O   . VAL A 1 9   ? 1.122   -3.483  -4.012  1.00 30.03 ? 9    VAL A O   1 
ATOM   44   C  CB  . VAL A 1 9   ? -1.063  -3.965  -6.117  1.00 29.81 ? 9    VAL A CB  1 
ATOM   45   C  CG1 . VAL A 1 9   ? -2.167  -4.584  -5.224  1.00 30.46 ? 9    VAL A CG1 1 
ATOM   46   C  CG2 . VAL A 1 9   ? -1.632  -3.698  -7.555  1.00 29.67 ? 9    VAL A CG2 1 
ATOM   47   N  N   . GLY A 1 10  ? -0.726  -2.655  -3.057  1.00 28.73 ? 10   GLY A N   1 
ATOM   48   C  CA  . GLY A 1 10  ? -0.247  -2.935  -1.701  1.00 28.65 ? 10   GLY A CA  1 
ATOM   49   C  C   . GLY A 1 10  ? -1.410  -2.958  -0.715  1.00 28.73 ? 10   GLY A C   1 
ATOM   50   O  O   . GLY A 1 10  ? -2.436  -2.296  -0.938  1.00 28.12 ? 10   GLY A O   1 
ATOM   51   N  N   . ARG A 1 11  ? -1.279  -3.716  0.375   1.00 28.77 ? 11   ARG A N   1 
ATOM   52   C  CA  . ARG A 1 11  ? -2.360  -3.717  1.380   1.00 28.57 ? 11   ARG A CA  1 
ATOM   53   C  C   . ARG A 1 11  ? -2.256  -2.446  2.225   1.00 27.24 ? 11   ARG A C   1 
ATOM   54   O  O   . ARG A 1 11  ? -3.255  -1.967  2.774   1.00 27.12 ? 11   ARG A O   1 
ATOM   55   C  CB  . ARG A 1 11  ? -2.291  -4.933  2.333   1.00 29.20 ? 11   ARG A CB  1 
ATOM   56   C  CG  . ARG A 1 11  ? -2.200  -6.304  1.650   1.00 29.94 ? 11   ARG A CG  1 
ATOM   57   C  CD  . ARG A 1 11  ? -2.776  -7.444  2.507   1.00 32.14 ? 11   ARG A CD  1 
ATOM   58   N  NE  . ARG A 1 11  ? -2.363  -7.448  3.934   1.00 32.38 ? 11   ARG A NE  1 
ATOM   59   C  CZ  . ARG A 1 11  ? -1.100  -7.415  4.357   1.00 32.09 ? 11   ARG A CZ  1 
ATOM   60   N  NH1 . ARG A 1 11  ? -0.096  -7.367  3.500   1.00 32.52 ? 11   ARG A NH1 1 
ATOM   61   N  NH2 . ARG A 1 11  ? -0.833  -7.449  5.646   1.00 31.36 ? 11   ARG A NH2 1 
ATOM   62   N  N   . MET A 1 12  ? -1.048  -1.893  2.339   1.00 27.39 ? 12   MET A N   1 
ATOM   63   C  CA  . MET A 1 12  ? -0.870  -0.671  3.136   1.00 27.44 ? 12   MET A CA  1 
ATOM   64   C  C   . MET A 1 12  ? -1.422  -0.831  4.565   1.00 26.51 ? 12   MET A C   1 
ATOM   65   O  O   . MET A 1 12  ? -2.269  -0.037  4.993   1.00 25.69 ? 12   MET A O   1 
ATOM   66   C  CB  . MET A 1 12  ? -1.631  0.488   2.518   1.00 29.53 ? 12   MET A CB  1 
ATOM   67   C  CG  . MET A 1 12  ? -1.477  0.656   1.049   1.00 34.69 ? 12   MET A CG  1 
ATOM   68   S  SD  . MET A 1 12  ? 0.232   0.612   0.553   1.00 37.89 ? 12   MET A SD  1 
ATOM   69   C  CE  . MET A 1 12  ? 0.158   1.594   -0.933  1.00 39.38 ? 12   MET A CE  1 
ATOM   70   N  N   . GLN A 1 13  ? -0.947  -1.823  5.290   1.00 27.05 ? 13   GLN A N   1 
ATOM   71   C  CA  . GLN A 1 13  ? -1.443  -2.100  6.635   1.00 27.02 ? 13   GLN A CA  1 
ATOM   72   C  C   . GLN A 1 13  ? -0.411  -1.912  7.744   1.00 27.32 ? 13   GLN A C   1 
ATOM   73   O  O   . GLN A 1 13  ? 0.021   -2.883  8.351   1.00 27.08 ? 13   GLN A O   1 
ATOM   74   C  CB  . GLN A 1 13  ? -1.999  -3.518  6.690   1.00 27.19 ? 13   GLN A CB  1 
ATOM   75   C  CG  . GLN A 1 13  ? -3.330  -3.688  5.930   1.00 26.42 ? 13   GLN A CG  1 
ATOM   76   C  CD  . GLN A 1 13  ? -4.524  -3.199  6.730   1.00 28.28 ? 13   GLN A CD  1 
ATOM   77   O  OE1 . GLN A 1 13  ? -4.377  -2.480  7.708   1.00 24.60 ? 13   GLN A OE1 1 
ATOM   78   N  NE2 . GLN A 1 13  ? -5.737  -3.590  6.296   1.00 25.84 ? 13   GLN A NE2 1 
ATOM   79   N  N   . PRO A 1 14  ? -0.060  -0.650  8.056   1.00 28.28 ? 14   PRO A N   1 
ATOM   80   C  CA  . PRO A 1 14  ? -0.541  0.608   7.470   1.00 27.97 ? 14   PRO A CA  1 
ATOM   81   C  C   . PRO A 1 14  ? 0.503   1.088   6.457   1.00 27.86 ? 14   PRO A C   1 
ATOM   82   O  O   . PRO A 1 14  ? 1.546   0.460   6.275   1.00 27.94 ? 14   PRO A O   1 
ATOM   83   C  CB  . PRO A 1 14  ? -0.580  1.530   8.688   1.00 29.62 ? 14   PRO A CB  1 
ATOM   84   C  CG  . PRO A 1 14  ? 0.785   1.200   9.312   1.00 28.61 ? 14   PRO A CG  1 
ATOM   85   C  CD  . PRO A 1 14  ? 0.843   -0.354  9.207   1.00 29.50 ? 14   PRO A CD  1 
ATOM   86   N  N   . PHE A 1 15  ? 0.235   2.212   5.810   1.00 28.24 ? 15   PHE A N   1 
ATOM   87   C  CA  . PHE A 1 15  ? 1.174   2.800   4.839   1.00 30.19 ? 15   PHE A CA  1 
ATOM   88   C  C   . PHE A 1 15  ? 2.449   3.183   5.631   1.00 30.48 ? 15   PHE A C   1 
ATOM   89   O  O   . PHE A 1 15  ? 2.325   3.909   6.595   1.00 30.56 ? 15   PHE A O   1 
ATOM   90   C  CB  . PHE A 1 15  ? 0.554   4.083   4.288   1.00 30.90 ? 15   PHE A CB  1 
ATOM   91   C  CG  . PHE A 1 15  ? 1.383   4.780   3.233   1.00 33.72 ? 15   PHE A CG  1 
ATOM   92   C  CD1 . PHE A 1 15  ? 1.345   4.359   1.899   1.00 34.78 ? 15   PHE A CD1 1 
ATOM   93   C  CD2 . PHE A 1 15  ? 2.123   5.910   3.547   1.00 34.17 ? 15   PHE A CD2 1 
ATOM   94   C  CE1 . PHE A 1 15  ? 2.013   5.057   0.894   1.00 35.19 ? 15   PHE A CE1 1 
ATOM   95   C  CE2 . PHE A 1 15  ? 2.795   6.609   2.549   1.00 35.74 ? 15   PHE A CE2 1 
ATOM   96   C  CZ  . PHE A 1 15  ? 2.731   6.176   1.210   1.00 36.36 ? 15   PHE A CZ  1 
ATOM   97   N  N   . HIS A 1 16  ? 3.629   2.735   5.219   1.00 30.77 ? 16   HIS A N   1 
ATOM   98   C  CA  . HIS A 1 16  ? 4.850   3.085   5.929   1.00 31.11 ? 16   HIS A CA  1 
ATOM   99   C  C   . HIS A 1 16  ? 5.896   3.827   5.086   1.00 32.75 ? 16   HIS A C   1 
ATOM   100  O  O   . HIS A 1 16  ? 5.637   4.187   3.918   1.00 31.66 ? 16   HIS A O   1 
ATOM   101  C  CB  . HIS A 1 16  ? 5.450   1.841   6.574   1.00 31.00 ? 16   HIS A CB  1 
ATOM   102  C  CG  . HIS A 1 16  ? 5.678   0.701   5.624   1.00 31.68 ? 16   HIS A CG  1 
ATOM   103  N  ND1 . HIS A 1 16  ? 6.619   0.743   4.614   1.00 31.42 ? 16   HIS A ND1 1 
ATOM   104  C  CD2 . HIS A 1 16  ? 5.116   -0.533  5.569   1.00 30.96 ? 16   HIS A CD2 1 
ATOM   105  C  CE1 . HIS A 1 16  ? 6.621   -0.416  3.975   1.00 31.67 ? 16   HIS A CE1 1 
ATOM   106  N  NE2 . HIS A 1 16  ? 5.719   -1.208  4.538   1.00 31.49 ? 16   HIS A NE2 1 
ATOM   107  N  N   . ARG A 1 17  ? 7.053   4.121   5.700   1.00 32.78 ? 17   ARG A N   1 
ATOM   108  C  CA  . ARG A 1 17  ? 8.118   4.833   4.998   1.00 33.67 ? 17   ARG A CA  1 
ATOM   109  C  C   . ARG A 1 17  ? 8.662   4.083   3.775   1.00 33.47 ? 17   ARG A C   1 
ATOM   110  O  O   . ARG A 1 17  ? 9.185   4.708   2.857   1.00 32.42 ? 17   ARG A O   1 
ATOM   111  C  CB  . ARG A 1 17  ? 9.262   5.180   5.983   1.00 35.62 ? 17   ARG A CB  1 
ATOM   112  C  CG  . ARG A 1 17  ? 8.847   6.257   6.993   1.00 37.71 ? 17   ARG A CG  1 
ATOM   113  C  CD  . ARG A 1 17  ? 10.001  6.726   7.931   1.00 40.33 ? 17   ARG A CD  1 
ATOM   114  N  NE  . ARG A 1 17  ? 9.543   7.830   8.775   1.00 43.04 ? 17   ARG A NE  1 
ATOM   115  C  CZ  . ARG A 1 17  ? 9.492   9.112   8.399   1.00 45.33 ? 17   ARG A CZ  1 
ATOM   116  N  NH1 . ARG A 1 17  ? 9.888   9.471   7.180   1.00 47.53 ? 17   ARG A NH1 1 
ATOM   117  N  NH2 . ARG A 1 17  ? 9.001   10.046  9.220   1.00 46.07 ? 17   ARG A NH2 1 
ATOM   118  N  N   . GLY A 1 18  ? 8.583   2.752   3.796   1.00 34.00 ? 18   GLY A N   1 
ATOM   119  C  CA  . GLY A 1 18  ? 9.012   1.935   2.658   1.00 33.59 ? 18   GLY A CA  1 
ATOM   120  C  C   . GLY A 1 18  ? 8.101   2.227   1.457   1.00 34.12 ? 18   GLY A C   1 
ATOM   121  O  O   . GLY A 1 18  ? 8.572   2.436   0.333   1.00 34.17 ? 18   GLY A O   1 
ATOM   122  N  N   . HIS A 1 19  ? 6.786   2.245   1.693   1.00 34.13 ? 19   HIS A N   1 
ATOM   123  C  CA  . HIS A 1 19  ? 5.821   2.552   0.650   1.00 33.94 ? 19   HIS A CA  1 
ATOM   124  C  C   . HIS A 1 19  ? 6.121   3.951   0.105   1.00 34.76 ? 19   HIS A C   1 
ATOM   125  O  O   . HIS A 1 19  ? 6.129   4.210   -1.115  1.00 31.61 ? 19   HIS A O   1 
ATOM   126  C  CB  . HIS A 1 19  ? 4.392   2.541   1.236   1.00 33.01 ? 19   HIS A CB  1 
ATOM   127  C  CG  . HIS A 1 19  ? 3.909   1.191   1.676   1.00 33.14 ? 19   HIS A CG  1 
ATOM   128  N  ND1 . HIS A 1 19  ? 3.431   0.946   2.951   1.00 31.88 ? 19   HIS A ND1 1 
ATOM   129  C  CD2 . HIS A 1 19  ? 3.786   0.021   1.001   1.00 33.29 ? 19   HIS A CD2 1 
ATOM   130  C  CE1 . HIS A 1 19  ? 3.039   -0.312  3.042   1.00 32.64 ? 19   HIS A CE1 1 
ATOM   131  N  NE2 . HIS A 1 19  ? 3.242   -0.896  1.871   1.00 33.73 ? 19   HIS A NE2 1 
ATOM   132  N  N   . LEU A 1 20  ? 6.399   4.876   1.022   1.00 36.49 ? 20   LEU A N   1 
ATOM   133  C  CA  . LEU A 1 20  ? 6.650   6.224   0.586   1.00 38.14 ? 20   LEU A CA  1 
ATOM   134  C  C   . LEU A 1 20  ? 7.889   6.327   -0.288  1.00 38.86 ? 20   LEU A C   1 
ATOM   135  O  O   . LEU A 1 20  ? 7.807   6.961   -1.345  1.00 40.22 ? 20   LEU A O   1 
ATOM   136  C  CB  . LEU A 1 20  ? 6.752   7.188   1.774   1.00 38.92 ? 20   LEU A CB  1 
ATOM   137  C  CG  . LEU A 1 20  ? 6.988   8.645   1.339   1.00 40.16 ? 20   LEU A CG  1 
ATOM   138  C  CD1 . LEU A 1 20  ? 5.724   9.226   0.781   1.00 40.25 ? 20   LEU A CD1 1 
ATOM   139  C  CD2 . LEU A 1 20  ? 7.422   9.492   2.529   1.00 42.13 ? 20   LEU A CD2 1 
ATOM   140  N  N   . GLN A 1 21  ? 9.015   5.720   0.114   1.00 40.30 ? 21   GLN A N   1 
ATOM   141  C  CA  . GLN A 1 21  ? 10.236  5.816   -0.707  1.00 41.67 ? 21   GLN A CA  1 
ATOM   142  C  C   . GLN A 1 21  ? 9.971   5.263   -2.104  1.00 40.94 ? 21   GLN A C   1 
ATOM   143  O  O   . GLN A 1 21  ? 10.229  5.949   -3.101  1.00 40.66 ? 21   GLN A O   1 
ATOM   144  C  CB  . GLN A 1 21  ? 11.447  5.057   -0.099  1.00 43.92 ? 21   GLN A CB  1 
ATOM   145  C  CG  . GLN A 1 21  ? 11.826  3.721   -0.851  1.00 49.82 ? 21   GLN A CG  1 
ATOM   146  C  CD  . GLN A 1 21  ? 13.104  3.777   -1.745  1.00 52.71 ? 21   GLN A CD  1 
ATOM   147  O  OE1 . GLN A 1 21  ? 13.304  4.715   -2.530  1.00 54.32 ? 21   GLN A OE1 1 
ATOM   148  N  NE2 . GLN A 1 21  ? 13.957  2.744   -1.630  1.00 54.33 ? 21   GLN A NE2 1 
ATOM   149  N  N   . VAL A 1 22  ? 9.444   4.034   -2.175  1.00 39.91 ? 22   VAL A N   1 
ATOM   150  C  CA  . VAL A 1 22  ? 9.170   3.406   -3.470  1.00 38.41 ? 22   VAL A CA  1 
ATOM   151  C  C   . VAL A 1 22  ? 8.268   4.252   -4.368  1.00 37.04 ? 22   VAL A C   1 
ATOM   152  O  O   . VAL A 1 22  ? 8.493   4.317   -5.577  1.00 37.67 ? 22   VAL A O   1 
ATOM   153  C  CB  . VAL A 1 22  ? 8.560   1.986   -3.306  1.00 39.37 ? 22   VAL A CB  1 
ATOM   154  C  CG1 . VAL A 1 22  ? 7.063   2.092   -3.025  1.00 38.55 ? 22   VAL A CG1 1 
ATOM   155  C  CG2 . VAL A 1 22  ? 8.823   1.163   -4.567  1.00 39.48 ? 22   VAL A CG2 1 
ATOM   156  N  N   . ILE A 1 23  ? 7.263   4.908   -3.792  1.00 34.91 ? 23   ILE A N   1 
ATOM   157  C  CA  . ILE A 1 23  ? 6.367   5.730   -4.569  1.00 34.38 ? 23   ILE A CA  1 
ATOM   158  C  C   . ILE A 1 23  ? 7.084   6.925   -5.160  1.00 35.96 ? 23   ILE A C   1 
ATOM   159  O  O   . ILE A 1 23  ? 6.905   7.252   -6.336  1.00 34.52 ? 23   ILE A O   1 
ATOM   160  C  CB  . ILE A 1 23  ? 5.158   6.201   -3.733  1.00 32.81 ? 23   ILE A CB  1 
ATOM   161  C  CG1 . ILE A 1 23  ? 4.141   5.041   -3.594  1.00 30.87 ? 23   ILE A CG1 1 
ATOM   162  C  CG2 . ILE A 1 23  ? 4.486   7.390   -4.378  1.00 31.77 ? 23   ILE A CG2 1 
ATOM   163  C  CD1 . ILE A 1 23  ? 3.135   5.278   -2.520  1.00 30.30 ? 23   ILE A CD1 1 
ATOM   164  N  N   . LYS A 1 24  ? 7.903   7.583   -4.347  1.00 36.52 ? 24   LYS A N   1 
ATOM   165  C  CA  . LYS A 1 24  ? 8.637   8.737   -4.836  1.00 38.23 ? 24   LYS A CA  1 
ATOM   166  C  C   . LYS A 1 24  ? 9.518   8.371   -6.032  1.00 38.36 ? 24   LYS A C   1 
ATOM   167  O  O   . LYS A 1 24  ? 9.519   9.067   -7.045  1.00 39.90 ? 24   LYS A O   1 
ATOM   168  C  CB  . LYS A 1 24  ? 9.494   9.351   -3.703  1.00 39.26 ? 24   LYS A CB  1 
ATOM   169  C  CG  . LYS A 1 24  ? 8.670   10.145  -2.680  1.00 40.55 ? 24   LYS A CG  1 
ATOM   170  C  CD  . LYS A 1 24  ? 9.579   10.791  -1.609  1.00 43.95 ? 24   LYS A CD  1 
ATOM   171  C  CE  . LYS A 1 24  ? 8.819   11.821  -0.780  1.00 46.12 ? 24   LYS A CE  1 
ATOM   172  N  NZ  . LYS A 1 24  ? 9.557   12.207  0.473   1.00 46.93 ? 24   LYS A NZ  1 
ATOM   173  N  N   . SER A 1 25  ? 10.261  7.285   -5.940  1.00 39.24 ? 25   SER A N   1 
ATOM   174  C  CA  . SER A 1 25  ? 11.115  6.925   -7.065  1.00 40.85 ? 25   SER A CA  1 
ATOM   175  C  C   . SER A 1 25  ? 10.331  6.500   -8.297  1.00 40.16 ? 25   SER A C   1 
ATOM   176  O  O   . SER A 1 25  ? 10.770  6.759   -9.418  1.00 39.61 ? 25   SER A O   1 
ATOM   177  C  CB  . SER A 1 25  ? 12.097  5.826   -6.690  1.00 41.80 ? 25   SER A CB  1 
ATOM   178  O  OG  . SER A 1 25  ? 11.442  4.776   -6.061  1.00 46.04 ? 25   SER A OG  1 
ATOM   179  N  N   . ILE A 1 26  ? 9.178   5.854   -8.093  1.00 38.25 ? 26   ILE A N   1 
ATOM   180  C  CA  . ILE A 1 26  ? 8.346   5.464   -9.218  1.00 37.11 ? 26   ILE A CA  1 
ATOM   181  C  C   . ILE A 1 26  ? 7.895   6.740   -9.901  1.00 36.32 ? 26   ILE A C   1 
ATOM   182  O  O   . ILE A 1 26  ? 7.812   6.804   -11.120 1.00 36.83 ? 26   ILE A O   1 
ATOM   183  C  CB  . ILE A 1 26  ? 7.068   4.695   -8.770  1.00 36.71 ? 26   ILE A CB  1 
ATOM   184  C  CG1 . ILE A 1 26  ? 7.450   3.292   -8.320  1.00 36.65 ? 26   ILE A CG1 1 
ATOM   185  C  CG2 . ILE A 1 26  ? 6.042   4.632   -9.923  1.00 35.95 ? 26   ILE A CG2 1 
ATOM   186  C  CD1 . ILE A 1 26  ? 6.336   2.580   -7.546  1.00 37.74 ? 26   ILE A CD1 1 
ATOM   187  N  N   . LEU A 1 27  ? 7.591   7.762   -9.119  1.00 36.22 ? 27   LEU A N   1 
ATOM   188  C  CA  . LEU A 1 27  ? 7.137   9.006   -9.719  1.00 37.99 ? 27   LEU A CA  1 
ATOM   189  C  C   . LEU A 1 27  ? 8.233   9.742   -10.497 1.00 39.46 ? 27   LEU A C   1 
ATOM   190  O  O   . LEU A 1 27  ? 7.965   10.762  -11.103 1.00 38.93 ? 27   LEU A O   1 
ATOM   191  C  CB  . LEU A 1 27  ? 6.522   9.925   -8.668  1.00 37.43 ? 27   LEU A CB  1 
ATOM   192  C  CG  . LEU A 1 27  ? 5.195   9.349   -8.174  1.00 37.06 ? 27   LEU A CG  1 
ATOM   193  C  CD1 . LEU A 1 27  ? 4.576   10.283  -7.170  1.00 36.15 ? 27   LEU A CD1 1 
ATOM   194  C  CD2 . LEU A 1 27  ? 4.239   9.149   -9.354  1.00 35.81 ? 27   LEU A CD2 1 
ATOM   195  N  N   . GLU A 1 28  ? 9.448   9.206   -10.490 1.00 41.63 ? 28   GLU A N   1 
ATOM   196  C  CA  . GLU A 1 28  ? 10.519  9.815   -11.259 1.00 45.18 ? 28   GLU A CA  1 
ATOM   197  C  C   . GLU A 1 28  ? 10.518  9.233   -12.672 1.00 45.83 ? 28   GLU A C   1 
ATOM   198  O  O   . GLU A 1 28  ? 11.084  9.844   -13.581 1.00 45.78 ? 28   GLU A O   1 
ATOM   199  C  CB  . GLU A 1 28  ? 11.871  9.567   -10.610 1.00 47.15 ? 28   GLU A CB  1 
ATOM   200  C  CG  . GLU A 1 28  ? 11.926  10.103  -9.214  1.00 50.95 ? 28   GLU A CG  1 
ATOM   201  C  CD  . GLU A 1 28  ? 13.311  10.147  -8.653  1.00 53.63 ? 28   GLU A CD  1 
ATOM   202  O  OE1 . GLU A 1 28  ? 14.088  9.174   -8.876  1.00 54.99 ? 28   GLU A OE1 1 
ATOM   203  O  OE2 . GLU A 1 28  ? 13.615  11.163  -7.968  1.00 56.08 ? 28   GLU A OE2 1 
ATOM   204  N  N   . GLU A 1 29  ? 9.897   8.060   -12.854 1.00 45.34 ? 29   GLU A N   1 
ATOM   205  C  CA  . GLU A 1 29  ? 9.837   7.433   -14.180 1.00 45.13 ? 29   GLU A CA  1 
ATOM   206  C  C   . GLU A 1 29  ? 8.463   7.319   -14.834 1.00 44.30 ? 29   GLU A C   1 
ATOM   207  O  O   . GLU A 1 29  ? 8.359   6.839   -15.961 1.00 45.03 ? 29   GLU A O   1 
ATOM   208  C  CB  . GLU A 1 29  ? 10.511  6.055   -14.179 1.00 46.23 ? 29   GLU A CB  1 
ATOM   209  C  CG  . GLU A 1 29  ? 10.418  5.280   -12.910 1.00 49.16 ? 29   GLU A CG  1 
ATOM   210  C  CD  . GLU A 1 29  ? 11.237  3.981   -12.950 1.00 51.24 ? 29   GLU A CD  1 
ATOM   211  O  OE1 . GLU A 1 29  ? 10.788  2.996   -13.598 1.00 51.70 ? 29   GLU A OE1 1 
ATOM   212  O  OE2 . GLU A 1 29  ? 12.336  3.950   -12.335 1.00 52.49 ? 29   GLU A OE2 1 
ATOM   213  N  N   . VAL A 1 30  ? 7.406   7.744   -14.154 1.00 42.45 ? 30   VAL A N   1 
ATOM   214  C  CA  . VAL A 1 30  ? 6.069   7.690   -14.765 1.00 41.58 ? 30   VAL A CA  1 
ATOM   215  C  C   . VAL A 1 30  ? 5.399   9.014   -14.487 1.00 40.68 ? 30   VAL A C   1 
ATOM   216  O  O   . VAL A 1 30  ? 5.751   9.702   -13.524 1.00 41.55 ? 30   VAL A O   1 
ATOM   217  C  CB  . VAL A 1 30  ? 5.165   6.561   -14.166 1.00 41.43 ? 30   VAL A CB  1 
ATOM   218  C  CG1 . VAL A 1 30  ? 5.849   5.212   -14.293 1.00 41.58 ? 30   VAL A CG1 1 
ATOM   219  C  CG2 . VAL A 1 30  ? 4.810   6.891   -12.695 1.00 41.48 ? 30   VAL A CG2 1 
ATOM   220  N  N   . ASP A 1 31  ? 4.428   9.376   -15.304 1.00 39.88 ? 31   ASP A N   1 
ATOM   221  C  CA  . ASP A 1 31  ? 3.729   10.634  -15.101 1.00 40.30 ? 31   ASP A CA  1 
ATOM   222  C  C   . ASP A 1 31  ? 2.726   10.594  -13.977 1.00 39.46 ? 31   ASP A C   1 
ATOM   223  O  O   . ASP A 1 31  ? 2.624   11.540  -13.188 1.00 38.60 ? 31   ASP A O   1 
ATOM   224  C  CB  . ASP A 1 31  ? 3.060   11.039  -16.398 1.00 41.50 ? 31   ASP A CB  1 
ATOM   225  C  CG  . ASP A 1 31  ? 4.087   11.217  -17.514 1.00 44.73 ? 31   ASP A CG  1 
ATOM   226  O  OD1 . ASP A 1 31  ? 5.042   12.003  -17.288 1.00 45.23 ? 31   ASP A OD1 1 
ATOM   227  O  OD2 . ASP A 1 31  ? 3.962   10.564  -18.581 1.00 45.76 ? 31   ASP A OD2 1 
ATOM   228  N  N   . GLU A 1 32  ? 1.973   9.494   -13.925 1.00 38.38 ? 32   GLU A N   1 
ATOM   229  C  CA  . GLU A 1 32  ? 0.951   9.269   -12.898 1.00 35.79 ? 32   GLU A CA  1 
ATOM   230  C  C   . GLU A 1 32  ? 1.107   7.839   -12.367 1.00 34.58 ? 32   GLU A C   1 
ATOM   231  O  O   . GLU A 1 32  ? 1.552   6.931   -13.089 1.00 34.40 ? 32   GLU A O   1 
ATOM   232  C  CB  . GLU A 1 32  ? -0.440  9.441   -13.487 1.00 35.40 ? 32   GLU A CB  1 
ATOM   233  C  CG  . GLU A 1 32  ? -0.774  10.833  -14.049 1.00 36.68 ? 32   GLU A CG  1 
ATOM   234  C  CD  . GLU A 1 32  ? -2.115  10.828  -14.740 1.00 36.90 ? 32   GLU A CD  1 
ATOM   235  O  OE1 . GLU A 1 32  ? -2.686  9.726   -14.876 1.00 35.97 ? 32   GLU A OE1 1 
ATOM   236  O  OE2 . GLU A 1 32  ? -2.612  11.897  -15.162 1.00 37.36 ? 32   GLU A OE2 1 
ATOM   237  N  N   . LEU A 1 33  ? 0.744   7.630   -11.107 1.00 32.98 ? 33   LEU A N   1 
ATOM   238  C  CA  . LEU A 1 33  ? 0.860   6.302   -10.528 1.00 31.31 ? 33   LEU A CA  1 
ATOM   239  C  C   . LEU A 1 33  ? -0.505  5.856   -9.988  1.00 30.34 ? 33   LEU A C   1 
ATOM   240  O  O   . LEU A 1 33  ? -1.122  6.555   -9.212  1.00 29.23 ? 33   LEU A O   1 
ATOM   241  C  CB  . LEU A 1 33  ? 1.875   6.297   -9.376  1.00 31.54 ? 33   LEU A CB  1 
ATOM   242  C  CG  . LEU A 1 33  ? 1.943   4.968   -8.601  1.00 31.17 ? 33   LEU A CG  1 
ATOM   243  C  CD1 . LEU A 1 33  ? 2.353   3.862   -9.551  1.00 29.77 ? 33   LEU A CD1 1 
ATOM   244  C  CD2 . LEU A 1 33  ? 2.970   5.046   -7.432  1.00 31.31 ? 33   LEU A CD2 1 
ATOM   245  N  N   . ILE A 1 34  ? -0.984  4.697   -10.423 1.00 29.68 ? 34   ILE A N   1 
ATOM   246  C  CA  . ILE A 1 34  ? -2.256  4.205   -9.903  1.00 28.26 ? 34   ILE A CA  1 
ATOM   247  C  C   . ILE A 1 34  ? -1.848  3.429   -8.644  1.00 27.69 ? 34   ILE A C   1 
ATOM   248  O  O   . ILE A 1 34  ? -1.006  2.536   -8.722  1.00 27.50 ? 34   ILE A O   1 
ATOM   249  C  CB  . ILE A 1 34  ? -2.921  3.208   -10.892 1.00 28.93 ? 34   ILE A CB  1 
ATOM   250  C  CG1 . ILE A 1 34  ? -3.230  3.944   -12.223 1.00 28.77 ? 34   ILE A CG1 1 
ATOM   251  C  CG2 . ILE A 1 34  ? -4.146  2.560   -10.207 1.00 28.58 ? 34   ILE A CG2 1 
ATOM   252  C  CD1 . ILE A 1 34  ? -3.527  2.987   -13.417 1.00 30.09 ? 34   ILE A CD1 1 
ATOM   253  N  N   . ILE A 1 35  ? -2.426  3.758   -7.499  1.00 26.62 ? 35   ILE A N   1 
ATOM   254  C  CA  . ILE A 1 35  ? -2.086  3.016   -6.291  1.00 27.50 ? 35   ILE A CA  1 
ATOM   255  C  C   . ILE A 1 35  ? -3.324  2.231   -5.821  1.00 27.54 ? 35   ILE A C   1 
ATOM   256  O  O   . ILE A 1 35  ? -4.297  2.807   -5.332  1.00 27.65 ? 35   ILE A O   1 
ATOM   257  C  CB  . ILE A 1 35  ? -1.651  3.967   -5.141  1.00 28.60 ? 35   ILE A CB  1 
ATOM   258  C  CG1 . ILE A 1 35  ? -0.492  4.873   -5.602  1.00 28.02 ? 35   ILE A CG1 1 
ATOM   259  C  CG2 . ILE A 1 35  ? -1.254  3.143   -3.961  1.00 28.00 ? 35   ILE A CG2 1 
ATOM   260  C  CD1 . ILE A 1 35  ? -0.206  5.998   -4.641  1.00 29.54 ? 35   ILE A CD1 1 
ATOM   261  N  N   . CYS A 1 36  ? -3.284  0.915   -5.963  1.00 28.33 ? 36   CYS A N   1 
ATOM   262  C  CA  . CYS A 1 36  ? -4.431  0.113   -5.561  1.00 28.01 ? 36   CYS A CA  1 
ATOM   263  C  C   . CYS A 1 36  ? -4.228  -0.387  -4.144  1.00 27.67 ? 36   CYS A C   1 
ATOM   264  O  O   . CYS A 1 36  ? -3.208  -1.011  -3.848  1.00 28.04 ? 36   CYS A O   1 
ATOM   265  C  CB  . CYS A 1 36  ? -4.566  -1.117  -6.462  1.00 29.27 ? 36   CYS A CB  1 
ATOM   266  S  SG  . CYS A 1 36  ? -5.083  -0.684  -8.155  1.00 30.44 ? 36   CYS A SG  1 
ATOM   267  N  N   . ILE A 1 37  ? -5.224  -0.173  -3.312  1.00 26.61 ? 37   ILE A N   1 
ATOM   268  C  CA  . ILE A 1 37  ? -5.131  -0.672  -1.946  1.00 26.69 ? 37   ILE A CA  1 
ATOM   269  C  C   . ILE A 1 37  ? -5.765  -2.043  -2.014  1.00 26.37 ? 37   ILE A C   1 
ATOM   270  O  O   . ILE A 1 37  ? -6.997  -2.146  -2.121  1.00 26.42 ? 37   ILE A O   1 
ATOM   271  C  CB  . ILE A 1 37  ? -5.898  0.246   -0.992  1.00 26.72 ? 37   ILE A CB  1 
ATOM   272  C  CG1 . ILE A 1 37  ? -5.226  1.617   -0.987  1.00 28.47 ? 37   ILE A CG1 1 
ATOM   273  C  CG2 . ILE A 1 37  ? -5.893  -0.364  0.452   1.00 29.13 ? 37   ILE A CG2 1 
ATOM   274  C  CD1 . ILE A 1 37  ? -5.887  2.624   -0.095  1.00 28.80 ? 37   ILE A CD1 1 
ATOM   275  N  N   . GLY A 1 38  ? -4.933  -3.085  -1.994  1.00 26.22 ? 38   GLY A N   1 
ATOM   276  C  CA  . GLY A 1 38  ? -5.430  -4.448  -2.059  1.00 26.72 ? 38   GLY A CA  1 
ATOM   277  C  C   . GLY A 1 38  ? -6.105  -4.933  -0.784  1.00 27.55 ? 38   GLY A C   1 
ATOM   278  O  O   . GLY A 1 38  ? -6.029  -4.275  0.257   1.00 26.03 ? 38   GLY A O   1 
ATOM   279  N  N   . SER A 1 39  ? -6.760  -6.099  -0.855  1.00 26.17 ? 39   SER A N   1 
ATOM   280  C  CA  . SER A 1 39  ? -7.467  -6.622  0.313   1.00 25.84 ? 39   SER A CA  1 
ATOM   281  C  C   . SER A 1 39  ? -8.342  -5.553  0.933   1.00 26.22 ? 39   SER A C   1 
ATOM   282  O  O   . SER A 1 39  ? -8.395  -5.394  2.174   1.00 26.52 ? 39   SER A O   1 
ATOM   283  C  CB  . SER A 1 39  ? -6.468  -7.143  1.337   1.00 23.58 ? 39   SER A CB  1 
ATOM   284  O  OG  . SER A 1 39  ? -5.754  -8.228  0.770   1.00 23.63 ? 39   SER A OG  1 
ATOM   285  N  N   . ALA A 1 40  ? -9.063  -4.822  0.077   1.00 26.75 ? 40   ALA A N   1 
ATOM   286  C  CA  . ALA A 1 40  ? -9.910  -3.747  0.576   1.00 26.14 ? 40   ALA A CA  1 
ATOM   287  C  C   . ALA A 1 40  ? -11.111 -4.197  1.404   1.00 25.64 ? 40   ALA A C   1 
ATOM   288  O  O   . ALA A 1 40  ? -11.751 -3.373  2.064   1.00 25.74 ? 40   ALA A O   1 
ATOM   289  C  CB  . ALA A 1 40  ? -10.363 -2.838  -0.570  1.00 25.84 ? 40   ALA A CB  1 
ATOM   290  N  N   . GLN A 1 41  ? -11.406 -5.499  1.388   1.00 24.34 ? 41   GLN A N   1 
ATOM   291  C  CA  . GLN A 1 41  ? -12.540 -6.010  2.124   1.00 24.74 ? 41   GLN A CA  1 
ATOM   292  C  C   . GLN A 1 41  ? -12.149 -6.426  3.567   1.00 25.22 ? 41   GLN A C   1 
ATOM   293  O  O   . GLN A 1 41  ? -13.038 -6.649  4.412   1.00 25.01 ? 41   GLN A O   1 
ATOM   294  C  CB  . GLN A 1 41  ? -13.148 -7.245  1.396   1.00 23.61 ? 41   GLN A CB  1 
ATOM   295  C  CG  . GLN A 1 41  ? -12.376 -8.591  1.576   1.00 25.75 ? 41   GLN A CG  1 
ATOM   296  C  CD  . GLN A 1 41  ? -11.026 -8.726  0.829   1.00 26.34 ? 41   GLN A CD  1 
ATOM   297  O  OE1 . GLN A 1 41  ? -10.611 -7.846  0.086   1.00 26.61 ? 41   GLN A OE1 1 
ATOM   298  N  NE2 . GLN A 1 41  ? -10.355 -9.875  1.032   1.00 26.49 ? 41   GLN A NE2 1 
ATOM   299  N  N   . LEU A 1 42  ? -10.853 -6.542  3.825   1.00 24.12 ? 42   LEU A N   1 
ATOM   300  C  CA  . LEU A 1 42  ? -10.334 -6.966  5.139   1.00 25.40 ? 42   LEU A CA  1 
ATOM   301  C  C   . LEU A 1 42  ? -10.051 -5.815  6.089   1.00 25.41 ? 42   LEU A C   1 
ATOM   302  O  O   . LEU A 1 42  ? -9.558  -4.785  5.663   1.00 25.99 ? 42   LEU A O   1 
ATOM   303  C  CB  . LEU A 1 42  ? -9.024  -7.761  4.991   1.00 24.72 ? 42   LEU A CB  1 
ATOM   304  C  CG  . LEU A 1 42  ? -9.138  -8.996  4.110   1.00 27.10 ? 42   LEU A CG  1 
ATOM   305  C  CD1 . LEU A 1 42  ? -7.762  -9.682  3.991   1.00 25.29 ? 42   LEU A CD1 1 
ATOM   306  C  CD2 . LEU A 1 42  ? -10.181 -9.967  4.691   1.00 27.19 ? 42   LEU A CD2 1 
ATOM   307  N  N   . SER A 1 43  ? -10.420 -5.975  7.353   1.00 24.57 ? 43   SER A N   1 
ATOM   308  C  CA  . SER A 1 43  ? -10.108 -4.970  8.378   1.00 24.09 ? 43   SER A CA  1 
ATOM   309  C  C   . SER A 1 43  ? -10.244 -5.722  9.709   1.00 24.52 ? 43   SER A C   1 
ATOM   310  O  O   . SER A 1 43  ? -10.660 -6.873  9.745   1.00 23.67 ? 43   SER A O   1 
ATOM   311  C  CB  . SER A 1 43  ? -11.070 -3.771  8.390   1.00 23.09 ? 43   SER A CB  1 
ATOM   312  O  OG  . SER A 1 43  ? -12.384 -4.167  8.751   1.00 24.13 ? 43   SER A OG  1 
ATOM   313  N  N   . HIS A 1 44  ? -9.822  -5.084  10.785  1.00 24.81 ? 44   HIS A N   1 
ATOM   314  C  CA  . HIS A 1 44  ? -9.969  -5.684  12.102  1.00 24.84 ? 44   HIS A CA  1 
ATOM   315  C  C   . HIS A 1 44  ? -9.399  -7.073  12.355  1.00 26.49 ? 44   HIS A C   1 
ATOM   316  O  O   . HIS A 1 44  ? -10.043 -7.902  13.017  1.00 27.16 ? 44   HIS A O   1 
ATOM   317  C  CB  . HIS A 1 44  ? -11.431 -5.669  12.497  1.00 23.78 ? 44   HIS A CB  1 
ATOM   318  C  CG  . HIS A 1 44  ? -12.028 -4.295  12.550  1.00 25.05 ? 44   HIS A CG  1 
ATOM   319  N  ND1 . HIS A 1 44  ? -12.548 -3.662  11.437  1.00 24.08 ? 44   HIS A ND1 1 
ATOM   320  C  CD2 . HIS A 1 44  ? -12.152 -3.415  13.579  1.00 25.34 ? 44   HIS A CD2 1 
ATOM   321  C  CE1 . HIS A 1 44  ? -12.964 -2.452  11.779  1.00 26.26 ? 44   HIS A CE1 1 
ATOM   322  N  NE2 . HIS A 1 44  ? -12.737 -2.279  13.073  1.00 24.89 ? 44   HIS A NE2 1 
ATOM   323  N  N   . SER A 1 45  ? -8.215  -7.347  11.821  1.00 27.69 ? 45   SER A N   1 
ATOM   324  C  CA  . SER A 1 45  ? -7.533  -8.611  12.131  1.00 29.58 ? 45   SER A CA  1 
ATOM   325  C  C   . SER A 1 45  ? -6.091  -8.166  12.409  1.00 30.62 ? 45   SER A C   1 
ATOM   326  O  O   . SER A 1 45  ? -5.727  -7.037  12.081  1.00 29.21 ? 45   SER A O   1 
ATOM   327  C  CB  . SER A 1 45  ? -7.556  -9.612  10.975  1.00 28.92 ? 45   SER A CB  1 
ATOM   328  O  OG  . SER A 1 45  ? -6.612  -9.237  10.002  1.00 29.36 ? 45   SER A OG  1 
ATOM   329  N  N   . ILE A 1 46  ? -5.267  -9.036  12.994  1.00 31.83 ? 46   ILE A N   1 
ATOM   330  C  CA  . ILE A 1 46  ? -3.907  -8.634  13.310  1.00 33.64 ? 46   ILE A CA  1 
ATOM   331  C  C   . ILE A 1 46  ? -3.057  -8.406  12.072  1.00 32.71 ? 46   ILE A C   1 
ATOM   332  O  O   . ILE A 1 46  ? -2.066  -7.681  12.108  1.00 32.92 ? 46   ILE A O   1 
ATOM   333  C  CB  . ILE A 1 46  ? -3.200  -9.689  14.218  1.00 35.42 ? 46   ILE A CB  1 
ATOM   334  C  CG1 . ILE A 1 46  ? -4.039  -9.940  15.478  1.00 36.54 ? 46   ILE A CG1 1 
ATOM   335  C  CG2 . ILE A 1 46  ? -1.795  -9.191  14.592  1.00 37.72 ? 46   ILE A CG2 1 
ATOM   336  C  CD1 . ILE A 1 46  ? -4.370  -8.744  16.288  1.00 36.99 ? 46   ILE A CD1 1 
ATOM   337  N  N   . ARG A 1 47  ? -3.436  -9.033  10.972  1.00 31.77 ? 47   ARG A N   1 
ATOM   338  C  CA  . ARG A 1 47  ? -2.686  -8.858  9.752   1.00 31.05 ? 47   ARG A CA  1 
ATOM   339  C  C   . ARG A 1 47  ? -3.257  -7.719  8.875   1.00 29.43 ? 47   ARG A C   1 
ATOM   340  O  O   . ARG A 1 47  ? -2.537  -7.096  8.088   1.00 28.99 ? 47   ARG A O   1 
ATOM   341  C  CB  . ARG A 1 47  ? -2.659  -10.171 9.001   1.00 33.78 ? 47   ARG A CB  1 
ATOM   342  C  CG  . ARG A 1 47  ? -1.978  -10.083 7.675   1.00 38.22 ? 47   ARG A CG  1 
ATOM   343  C  CD  . ARG A 1 47  ? -2.175  -11.380 6.899   1.00 41.42 ? 47   ARG A CD  1 
ATOM   344  N  NE  . ARG A 1 47  ? -1.831  -11.230 5.477   1.00 44.73 ? 47   ARG A NE  1 
ATOM   345  C  CZ  . ARG A 1 47  ? -0.592  -11.086 4.998   1.00 45.78 ? 47   ARG A CZ  1 
ATOM   346  N  NH1 . ARG A 1 47  ? 0.471   -11.066 5.811   1.00 45.23 ? 47   ARG A NH1 1 
ATOM   347  N  NH2 . ARG A 1 47  ? -0.412  -10.971 3.687   1.00 45.73 ? 47   ARG A NH2 1 
ATOM   348  N  N   . ASP A 1 48  ? -4.529  -7.403  9.058   1.00 27.78 ? 48   ASP A N   1 
ATOM   349  C  CA  . ASP A 1 48  ? -5.170  -6.349  8.270   1.00 27.13 ? 48   ASP A CA  1 
ATOM   350  C  C   . ASP A 1 48  ? -6.065  -5.589  9.232   1.00 25.33 ? 48   ASP A C   1 
ATOM   351  O  O   . ASP A 1 48  ? -7.280  -5.770  9.228   1.00 25.51 ? 48   ASP A O   1 
ATOM   352  C  CB  . ASP A 1 48  ? -6.023  -6.994  7.155   1.00 28.03 ? 48   ASP A CB  1 
ATOM   353  C  CG  . ASP A 1 48  ? -5.177  -7.768  6.193   1.00 30.43 ? 48   ASP A CG  1 
ATOM   354  O  OD1 . ASP A 1 48  ? -5.013  -8.990  6.365   1.00 32.13 ? 48   ASP A OD1 1 
ATOM   355  O  OD2 . ASP A 1 48  ? -4.599  -7.151  5.290   1.00 32.67 ? 48   ASP A OD2 1 
ATOM   356  N  N   . PRO A 1 49  ? -5.476  -4.721  10.066  1.00 24.25 ? 49   PRO A N   1 
ATOM   357  C  CA  . PRO A 1 49  ? -6.254  -3.944  11.039  1.00 23.94 ? 49   PRO A CA  1 
ATOM   358  C  C   . PRO A 1 49  ? -7.134  -2.822  10.554  1.00 23.00 ? 49   PRO A C   1 
ATOM   359  O  O   . PRO A 1 49  ? -8.218  -2.587  11.118  1.00 24.94 ? 49   PRO A O   1 
ATOM   360  C  CB  . PRO A 1 49  ? -5.187  -3.388  12.015  1.00 22.98 ? 49   PRO A CB  1 
ATOM   361  C  CG  . PRO A 1 49  ? -3.943  -3.390  11.227  1.00 25.33 ? 49   PRO A CG  1 
ATOM   362  C  CD  . PRO A 1 49  ? -4.022  -4.625  10.326  1.00 24.20 ? 49   PRO A CD  1 
ATOM   363  N  N   . PHE A 1 50  ? -6.697  -2.147  9.502   1.00 23.12 ? 50   PHE A N   1 
ATOM   364  C  CA  . PHE A 1 50  ? -7.393  -0.950  9.045   1.00 23.84 ? 50   PHE A CA  1 
ATOM   365  C  C   . PHE A 1 50  ? -8.351  -1.109  7.857   1.00 23.85 ? 50   PHE A C   1 
ATOM   366  O  O   . PHE A 1 50  ? -8.049  -1.845  6.933   1.00 24.40 ? 50   PHE A O   1 
ATOM   367  C  CB  . PHE A 1 50  ? -6.328  0.083   8.697   1.00 24.17 ? 50   PHE A CB  1 
ATOM   368  C  CG  . PHE A 1 50  ? -5.365  0.355   9.846   1.00 25.58 ? 50   PHE A CG  1 
ATOM   369  C  CD1 . PHE A 1 50  ? -4.025  0.035   9.740   1.00 25.66 ? 50   PHE A CD1 1 
ATOM   370  C  CD2 . PHE A 1 50  ? -5.840  0.891   11.028  1.00 28.03 ? 50   PHE A CD2 1 
ATOM   371  C  CE1 . PHE A 1 50  ? -3.140  0.241   10.830  1.00 27.10 ? 50   PHE A CE1 1 
ATOM   372  C  CE2 . PHE A 1 50  ? -4.955  1.105   12.114  1.00 28.15 ? 50   PHE A CE2 1 
ATOM   373  C  CZ  . PHE A 1 50  ? -3.630  0.768   11.985  1.00 26.83 ? 50   PHE A CZ  1 
ATOM   374  N  N   . THR A 1 51  ? -9.476  -0.404  7.884   1.00 23.74 ? 51   THR A N   1 
ATOM   375  C  CA  . THR A 1 51  ? -10.387 -0.523  6.754   1.00 25.07 ? 51   THR A CA  1 
ATOM   376  C  C   . THR A 1 51  ? -9.722  0.149   5.541   1.00 24.15 ? 51   THR A C   1 
ATOM   377  O  O   . THR A 1 51  ? -8.766  0.935   5.681   1.00 24.34 ? 51   THR A O   1 
ATOM   378  C  CB  . THR A 1 51  ? -11.685 0.233   7.009   1.00 24.10 ? 51   THR A CB  1 
ATOM   379  O  OG1 . THR A 1 51  ? -11.388 1.633   7.121   1.00 24.68 ? 51   THR A OG1 1 
ATOM   380  C  CG2 . THR A 1 51  ? -12.380 -0.268  8.290   1.00 24.41 ? 51   THR A CG2 1 
ATOM   381  N  N   . ALA A 1 52  ? -10.245 -0.129  4.353   1.00 23.72 ? 52   ALA A N   1 
ATOM   382  C  CA  . ALA A 1 52  ? -9.745  0.498   3.123   1.00 22.27 ? 52   ALA A CA  1 
ATOM   383  C  C   . ALA A 1 52  ? -9.854  2.029   3.243   1.00 22.47 ? 52   ALA A C   1 
ATOM   384  O  O   . ALA A 1 52  ? -8.940  2.752   2.829   1.00 24.29 ? 52   ALA A O   1 
ATOM   385  C  CB  . ALA A 1 52  ? -10.612 0.029   1.888   1.00 20.27 ? 52   ALA A CB  1 
ATOM   386  N  N   . GLY A 1 53  ? -10.988 2.510   3.734   1.00 22.97 ? 53   GLY A N   1 
ATOM   387  C  CA  . GLY A 1 53  ? -11.206 3.945   3.884   1.00 23.75 ? 53   GLY A CA  1 
ATOM   388  C  C   . GLY A 1 53  ? -10.187 4.631   4.805   1.00 24.92 ? 53   GLY A C   1 
ATOM   389  O  O   . GLY A 1 53  ? -9.758  5.784   4.555   1.00 24.83 ? 53   GLY A O   1 
ATOM   390  N  N   . GLU A 1 54  ? -9.805  3.939   5.872   1.00 24.91 ? 54   GLU A N   1 
ATOM   391  C  CA  . GLU A 1 54  ? -8.802  4.499   6.787   1.00 26.08 ? 54   GLU A CA  1 
ATOM   392  C  C   . GLU A 1 54  ? -7.481  4.529   6.031   1.00 26.10 ? 54   GLU A C   1 
ATOM   393  O  O   . GLU A 1 54  ? -6.711  5.500   6.114   1.00 26.57 ? 54   GLU A O   1 
ATOM   394  C  CB  . GLU A 1 54  ? -8.717  3.654   8.085   1.00 25.27 ? 54   GLU A CB  1 
ATOM   395  C  CG  . GLU A 1 54  ? -10.054 3.661   8.870   1.00 25.50 ? 54   GLU A CG  1 
ATOM   396  C  CD  . GLU A 1 54  ? -10.147 2.605   9.979   1.00 26.09 ? 54   GLU A CD  1 
ATOM   397  O  OE1 . GLU A 1 54  ? -9.402  1.601   9.928   1.00 23.51 ? 54   GLU A OE1 1 
ATOM   398  O  OE2 . GLU A 1 54  ? -10.985 2.787   10.907  1.00 27.85 ? 54   GLU A OE2 1 
ATOM   399  N  N   . ARG A 1 55  ? -7.239  3.504   5.219   1.00 25.87 ? 55   ARG A N   1 
ATOM   400  C  CA  . ARG A 1 55  ? -6.021  3.466   4.446   1.00 24.77 ? 55   ARG A CA  1 
ATOM   401  C  C   . ARG A 1 55  ? -6.035  4.508   3.346   1.00 25.85 ? 55   ARG A C   1 
ATOM   402  O  O   . ARG A 1 55  ? -4.977  4.997   2.963   1.00 26.73 ? 55   ARG A O   1 
ATOM   403  C  CB  . ARG A 1 55  ? -5.778  2.080   3.869   1.00 24.94 ? 55   ARG A CB  1 
ATOM   404  C  CG  . ARG A 1 55  ? -5.339  1.043   4.921   1.00 23.42 ? 55   ARG A CG  1 
ATOM   405  C  CD  . ARG A 1 55  ? -5.352  -0.366  4.281   1.00 23.45 ? 55   ARG A CD  1 
ATOM   406  N  NE  . ARG A 1 55  ? -6.665  -1.016  4.375   1.00 21.52 ? 55   ARG A NE  1 
ATOM   407  C  CZ  . ARG A 1 55  ? -6.998  -2.134  3.703   1.00 23.78 ? 55   ARG A CZ  1 
ATOM   408  N  NH1 . ARG A 1 55  ? -6.128  -2.714  2.849   1.00 22.77 ? 55   ARG A NH1 1 
ATOM   409  N  NH2 . ARG A 1 55  ? -8.181  -2.717  3.943   1.00 22.88 ? 55   ARG A NH2 1 
ATOM   410  N  N   . VAL A 1 56  ? -7.203  4.836   2.811   1.00 25.72 ? 56   VAL A N   1 
ATOM   411  C  CA  . VAL A 1 56  ? -7.250  5.885   1.773   1.00 26.92 ? 56   VAL A CA  1 
ATOM   412  C  C   . VAL A 1 56  ? -6.791  7.173   2.455   1.00 28.87 ? 56   VAL A C   1 
ATOM   413  O  O   . VAL A 1 56  ? -6.057  7.984   1.858   1.00 28.72 ? 56   VAL A O   1 
ATOM   414  C  CB  . VAL A 1 56  ? -8.685  6.078   1.231   1.00 26.11 ? 56   VAL A CB  1 
ATOM   415  C  CG1 . VAL A 1 56  ? -8.802  7.393   0.464   1.00 24.33 ? 56   VAL A CG1 1 
ATOM   416  C  CG2 . VAL A 1 56  ? -9.045  4.884   0.292   1.00 25.30 ? 56   VAL A CG2 1 
ATOM   417  N  N   . MET A 1 57  ? -7.206  7.365   3.713   1.00 30.57 ? 57   MET A N   1 
ATOM   418  C  CA  . MET A 1 57  ? -6.803  8.592   4.399   1.00 32.31 ? 57   MET A CA  1 
ATOM   419  C  C   . MET A 1 57  ? -5.325  8.636   4.724   1.00 32.09 ? 57   MET A C   1 
ATOM   420  O  O   . MET A 1 57  ? -4.682  9.685   4.581   1.00 31.83 ? 57   MET A O   1 
ATOM   421  C  CB  . MET A 1 57  ? -7.683  8.861   5.620   1.00 34.77 ? 57   MET A CB  1 
ATOM   422  C  CG  . MET A 1 57  ? -9.001  9.491   5.230   1.00 39.80 ? 57   MET A CG  1 
ATOM   423  S  SD  . MET A 1 57  ? -8.895  11.048  4.179   1.00 47.51 ? 57   MET A SD  1 
ATOM   424  C  CE  . MET A 1 57  ? -8.104  10.512  2.723   1.00 46.37 ? 57   MET A CE  1 
ATOM   425  N  N   . MET A 1 58  ? -4.759  7.509   5.124   1.00 31.30 ? 58   MET A N   1 
ATOM   426  C  CA  . MET A 1 58  ? -3.327  7.471   5.386   1.00 30.92 ? 58   MET A CA  1 
ATOM   427  C  C   . MET A 1 58  ? -2.527  7.843   4.157   1.00 32.12 ? 58   MET A C   1 
ATOM   428  O  O   . MET A 1 58  ? -1.520  8.569   4.228   1.00 30.84 ? 58   MET A O   1 
ATOM   429  C  CB  . MET A 1 58  ? -2.896  6.085   5.832   1.00 28.96 ? 58   MET A CB  1 
ATOM   430  C  CG  . MET A 1 58  ? -3.539  5.648   7.128   1.00 29.81 ? 58   MET A CG  1 
ATOM   431  S  SD  . MET A 1 58  ? -3.118  3.922   7.510   1.00 32.81 ? 58   MET A SD  1 
ATOM   432  C  CE  . MET A 1 58  ? -4.303  3.604   8.808   1.00 33.48 ? 58   MET A CE  1 
ATOM   433  N  N   . LEU A 1 59  ? -2.937  7.298   3.021   1.00 31.43 ? 59   LEU A N   1 
ATOM   434  C  CA  . LEU A 1 59  ? -2.243  7.575   1.772   1.00 32.26 ? 59   LEU A CA  1 
ATOM   435  C  C   . LEU A 1 59  ? -2.322  9.040   1.383   1.00 31.54 ? 59   LEU A C   1 
ATOM   436  O  O   . LEU A 1 59  ? -1.299  9.689   1.085   1.00 31.99 ? 59   LEU A O   1 
ATOM   437  C  CB  . LEU A 1 59  ? -2.859  6.755   0.648   1.00 33.00 ? 59   LEU A CB  1 
ATOM   438  C  CG  . LEU A 1 59  ? -2.073  5.550   0.196   1.00 34.73 ? 59   LEU A CG  1 
ATOM   439  C  CD1 . LEU A 1 59  ? -2.022  4.477   1.280   1.00 36.20 ? 59   LEU A CD1 1 
ATOM   440  C  CD2 . LEU A 1 59  ? -2.831  5.013   -1.047  1.00 37.82 ? 59   LEU A CD2 1 
ATOM   441  N  N   . THR A 1 60  ? -3.542  9.539   1.387   1.00 32.13 ? 60   THR A N   1 
ATOM   442  C  CA  . THR A 1 60  ? -3.841  10.912  1.008   1.00 34.19 ? 60   THR A CA  1 
ATOM   443  C  C   . THR A 1 60  ? -3.060  11.913  1.833   1.00 35.33 ? 60   THR A C   1 
ATOM   444  O  O   . THR A 1 60  ? -2.467  12.846  1.279   1.00 35.01 ? 60   THR A O   1 
ATOM   445  C  CB  . THR A 1 60  ? -5.325  11.196  1.176   1.00 34.97 ? 60   THR A CB  1 
ATOM   446  O  OG1 . THR A 1 60  ? -6.027  10.484  0.150   1.00 36.12 ? 60   THR A OG1 1 
ATOM   447  C  CG2 . THR A 1 60  ? -5.628  12.701  1.041   1.00 36.18 ? 60   THR A CG2 1 
ATOM   448  N  N   . LYS A 1 61  ? -3.060  11.715  3.151   1.00 35.20 ? 61   LYS A N   1 
ATOM   449  C  CA  . LYS A 1 61  ? -2.348  12.635  4.025   1.00 36.41 ? 61   LYS A CA  1 
ATOM   450  C  C   . LYS A 1 61  ? -0.842  12.483  3.844   1.00 36.00 ? 61   LYS A C   1 
ATOM   451  O  O   . LYS A 1 61  ? -0.110  13.483  3.779   1.00 36.72 ? 61   LYS A O   1 
ATOM   452  C  CB  . LYS A 1 61  ? -2.743  12.411  5.495   1.00 37.02 ? 61   LYS A CB  1 
ATOM   453  C  CG  . LYS A 1 61  ? -4.214  12.573  5.848   1.00 40.20 ? 61   LYS A CG  1 
ATOM   454  C  CD  . LYS A 1 61  ? -4.635  13.996  6.154   1.00 44.20 ? 61   LYS A CD  1 
ATOM   455  C  CE  . LYS A 1 61  ? -6.061  14.058  6.750   1.00 45.72 ? 61   LYS A CE  1 
ATOM   456  N  NZ  . LYS A 1 61  ? -6.137  13.406  8.106   1.00 47.20 ? 61   LYS A NZ  1 
ATOM   457  N  N   . ALA A 1 62  ? -0.347  11.255  3.726   1.00 34.92 ? 62   ALA A N   1 
ATOM   458  C  CA  . ALA A 1 62  ? 1.092   11.109  3.561   1.00 35.16 ? 62   ALA A CA  1 
ATOM   459  C  C   . ALA A 1 62  ? 1.643   11.764  2.291   1.00 36.43 ? 62   ALA A C   1 
ATOM   460  O  O   . ALA A 1 62  ? 2.581   12.571  2.350   1.00 36.99 ? 62   ALA A O   1 
ATOM   461  C  CB  . ALA A 1 62  ? 1.499   9.635   3.616   1.00 33.69 ? 62   ALA A CB  1 
ATOM   462  N  N   . LEU A 1 63  ? 1.075   11.423  1.140   1.00 35.88 ? 63   LEU A N   1 
ATOM   463  C  CA  . LEU A 1 63  ? 1.545   11.963  -0.121  1.00 35.59 ? 63   LEU A CA  1 
ATOM   464  C  C   . LEU A 1 63  ? 1.410   13.483  -0.123  1.00 37.11 ? 63   LEU A C   1 
ATOM   465  O  O   . LEU A 1 63  ? 2.296   14.187  -0.597  1.00 36.76 ? 63   LEU A O   1 
ATOM   466  C  CB  . LEU A 1 63  ? 0.741   11.345  -1.264  1.00 35.28 ? 63   LEU A CB  1 
ATOM   467  C  CG  . LEU A 1 63  ? 0.803   9.818   -1.302  1.00 34.33 ? 63   LEU A CG  1 
ATOM   468  C  CD1 . LEU A 1 63  ? -0.198  9.289   -2.342  1.00 35.83 ? 63   LEU A CD1 1 
ATOM   469  C  CD2 . LEU A 1 63  ? 2.211   9.365   -1.652  1.00 33.32 ? 63   LEU A CD2 1 
ATOM   470  N  N   . SER A 1 64  ? 0.298   13.973  0.411   1.00 37.65 ? 64   SER A N   1 
ATOM   471  C  CA  . SER A 1 64  ? 0.050   15.403  0.532   1.00 40.31 ? 64   SER A CA  1 
ATOM   472  C  C   . SER A 1 64  ? 1.160   16.019  1.435   1.00 41.62 ? 64   SER A C   1 
ATOM   473  O  O   . SER A 1 64  ? 1.810   17.013  1.068   1.00 42.73 ? 64   SER A O   1 
ATOM   474  C  CB  . SER A 1 64  ? -1.331  15.604  1.151   1.00 40.57 ? 64   SER A CB  1 
ATOM   475  O  OG  . SER A 1 64  ? -1.761  16.943  1.064   1.00 42.96 ? 64   SER A OG  1 
ATOM   476  N  N   . GLU A 1 65  ? 1.395   15.423  2.598   1.00 42.75 ? 65   GLU A N   1 
ATOM   477  C  CA  . GLU A 1 65  ? 2.443   15.913  3.508   1.00 43.37 ? 65   GLU A CA  1 
ATOM   478  C  C   . GLU A 1 65  ? 3.789   15.996  2.776   1.00 43.75 ? 65   GLU A C   1 
ATOM   479  O  O   . GLU A 1 65  ? 4.605   16.914  3.012   1.00 43.68 ? 65   GLU A O   1 
ATOM   480  C  CB  . GLU A 1 65  ? 2.570   14.981  4.742   1.00 44.89 ? 65   GLU A CB  1 
ATOM   481  C  CG  . GLU A 1 65  ? 3.904   15.154  5.566   1.00 46.95 ? 65   GLU A CG  1 
ATOM   482  C  CD  . GLU A 1 65  ? 4.114   14.165  6.777   1.00 48.30 ? 65   GLU A CD  1 
ATOM   483  O  OE1 . GLU A 1 65  ? 3.623   13.007  6.774   1.00 46.44 ? 65   GLU A OE1 1 
ATOM   484  O  OE2 . GLU A 1 65  ? 4.832   14.564  7.742   1.00 49.75 ? 65   GLU A OE2 1 
ATOM   485  N  N   . ASN A 1 66  ? 4.054   15.036  1.902   1.00 43.01 ? 66   ASN A N   1 
ATOM   486  C  CA  . ASN A 1 66  ? 5.303   15.045  1.166   1.00 43.12 ? 66   ASN A CA  1 
ATOM   487  C  C   . ASN A 1 66  ? 5.256   15.859  -0.111  1.00 42.43 ? 66   ASN A C   1 
ATOM   488  O  O   . ASN A 1 66  ? 6.114   15.712  -0.975  1.00 42.41 ? 66   ASN A O   1 
ATOM   489  C  CB  . ASN A 1 66  ? 5.729   13.633  0.838   1.00 43.93 ? 66   ASN A CB  1 
ATOM   490  C  CG  . ASN A 1 66  ? 6.432   12.977  1.996   1.00 46.07 ? 66   ASN A CG  1 
ATOM   491  O  OD1 . ASN A 1 66  ? 7.656   12.804  1.967   1.00 47.46 ? 66   ASN A OD1 1 
ATOM   492  N  ND2 . ASN A 1 66  ? 5.670   12.626  3.045   1.00 46.25 ? 66   ASN A ND2 1 
ATOM   493  N  N   . GLY A 1 67  ? 4.240   16.697  -0.226  1.00 42.22 ? 67   GLY A N   1 
ATOM   494  C  CA  . GLY A 1 67  ? 4.109   17.551  -1.393  1.00 42.56 ? 67   GLY A CA  1 
ATOM   495  C  C   . GLY A 1 67  ? 3.898   16.941  -2.775  1.00 43.06 ? 67   GLY A C   1 
ATOM   496  O  O   . GLY A 1 67  ? 4.165   17.615  -3.786  1.00 43.91 ? 67   GLY A O   1 
ATOM   497  N  N   . ILE A 1 68  ? 3.433   15.697  -2.861  1.00 41.62 ? 68   ILE A N   1 
ATOM   498  C  CA  . ILE A 1 68  ? 3.196   15.087  -4.184  1.00 40.56 ? 68   ILE A CA  1 
ATOM   499  C  C   . ILE A 1 68  ? 1.790   15.485  -4.563  1.00 39.86 ? 68   ILE A C   1 
ATOM   500  O  O   . ILE A 1 68  ? 0.869   15.102  -3.885  1.00 40.74 ? 68   ILE A O   1 
ATOM   501  C  CB  . ILE A 1 68  ? 3.234   13.580  -4.093  1.00 41.24 ? 68   ILE A CB  1 
ATOM   502  C  CG1 . ILE A 1 68  ? 4.630   13.132  -3.677  1.00 40.91 ? 68   ILE A CG1 1 
ATOM   503  C  CG2 . ILE A 1 68  ? 2.791   12.968  -5.419  1.00 41.12 ? 68   ILE A CG2 1 
ATOM   504  C  CD1 . ILE A 1 68  ? 4.660   11.784  -3.096  1.00 42.42 ? 68   ILE A CD1 1 
ATOM   505  N  N   . PRO A 1 69  ? 1.598   16.226  -5.669  1.00 38.98 ? 69   PRO A N   1 
ATOM   506  C  CA  . PRO A 1 69  ? 0.264   16.664  -6.092  1.00 38.27 ? 69   PRO A CA  1 
ATOM   507  C  C   . PRO A 1 69  ? -0.701  15.492  -6.355  1.00 37.14 ? 69   PRO A C   1 
ATOM   508  O  O   . PRO A 1 69  ? -0.288  14.466  -6.887  1.00 36.77 ? 69   PRO A O   1 
ATOM   509  C  CB  . PRO A 1 69  ? 0.544   17.478  -7.367  1.00 39.25 ? 69   PRO A CB  1 
ATOM   510  C  CG  . PRO A 1 69  ? 2.040   17.791  -7.281  1.00 39.40 ? 69   PRO A CG  1 
ATOM   511  C  CD  . PRO A 1 69  ? 2.599   16.527  -6.700  1.00 39.07 ? 69   PRO A CD  1 
ATOM   512  N  N   . ALA A 1 70  ? -1.963  15.669  -5.973  1.00 36.60 ? 70   ALA A N   1 
ATOM   513  C  CA  . ALA A 1 70  ? -3.003  14.653  -6.144  1.00 37.39 ? 70   ALA A CA  1 
ATOM   514  C  C   . ALA A 1 70  ? -3.173  14.222  -7.600  1.00 37.82 ? 70   ALA A C   1 
ATOM   515  O  O   . ALA A 1 70  ? -3.458  13.059  -7.870  1.00 38.10 ? 70   ALA A O   1 
ATOM   516  C  CB  . ALA A 1 70  ? -4.360  15.176  -5.596  1.00 36.49 ? 70   ALA A CB  1 
ATOM   517  N  N   . SER A 1 71  ? -2.967  15.152  -8.534  1.00 37.03 ? 71   SER A N   1 
ATOM   518  C  CA  . SER A 1 71  ? -3.131  14.847  -9.942  1.00 36.92 ? 71   SER A CA  1 
ATOM   519  C  C   . SER A 1 71  ? -2.081  13.859  -10.430 1.00 35.83 ? 71   SER A C   1 
ATOM   520  O  O   . SER A 1 71  ? -2.151  13.384  -11.576 1.00 35.81 ? 71   SER A O   1 
ATOM   521  C  CB  . SER A 1 71  ? -3.077  16.151  -10.756 1.00 37.18 ? 71   SER A CB  1 
ATOM   522  O  OG  . SER A 1 71  ? -1.827  16.753  -10.526 1.00 37.93 ? 71   SER A OG  1 
ATOM   523  N  N   . ARG A 1 72  ? -1.120  13.510  -9.579  1.00 34.10 ? 72   ARG A N   1 
ATOM   524  C  CA  . ARG A 1 72  ? -0.114  12.551  -10.008 1.00 33.26 ? 72   ARG A CA  1 
ATOM   525  C  C   . ARG A 1 72  ? -0.437  11.104  -9.629  1.00 32.02 ? 72   ARG A C   1 
ATOM   526  O  O   . ARG A 1 72  ? 0.293   10.182  -9.977  1.00 32.18 ? 72   ARG A O   1 
ATOM   527  C  CB  . ARG A 1 72  ? 1.256   12.915  -9.439  1.00 35.44 ? 72   ARG A CB  1 
ATOM   528  C  CG  . ARG A 1 72  ? 1.732   14.274  -9.963  1.00 37.45 ? 72   ARG A CG  1 
ATOM   529  C  CD  . ARG A 1 72  ? 3.221   14.324  -10.070 1.00 38.96 ? 72   ARG A CD  1 
ATOM   530  N  NE  . ARG A 1 72  ? 3.741   13.292  -10.965 1.00 38.91 ? 72   ARG A NE  1 
ATOM   531  C  CZ  . ARG A 1 72  ? 5.007   12.907  -10.950 1.00 38.90 ? 72   ARG A CZ  1 
ATOM   532  N  NH1 . ARG A 1 72  ? 5.845   13.479  -10.091 1.00 38.93 ? 72   ARG A NH1 1 
ATOM   533  N  NH2 . ARG A 1 72  ? 5.431   11.948  -11.756 1.00 37.76 ? 72   ARG A NH2 1 
ATOM   534  N  N   . TYR A 1 73  ? -1.510  10.889  -8.894  1.00 31.54 ? 73   TYR A N   1 
ATOM   535  C  CA  . TYR A 1 73  ? -1.800  9.515   -8.554  1.00 30.56 ? 73   TYR A CA  1 
ATOM   536  C  C   . TYR A 1 73  ? -3.285  9.270   -8.349  1.00 29.89 ? 73   TYR A C   1 
ATOM   537  O  O   . TYR A 1 73  ? -4.092  10.207  -8.313  1.00 28.59 ? 73   TYR A O   1 
ATOM   538  C  CB  . TYR A 1 73  ? -0.979  9.109   -7.334  1.00 31.41 ? 73   TYR A CB  1 
ATOM   539  C  CG  . TYR A 1 73  ? -1.365  9.892   -6.114  1.00 33.10 ? 73   TYR A CG  1 
ATOM   540  C  CD1 . TYR A 1 73  ? -2.517  9.558   -5.405  1.00 34.52 ? 73   TYR A CD1 1 
ATOM   541  C  CD2 . TYR A 1 73  ? -0.647  11.018  -5.719  1.00 34.52 ? 73   TYR A CD2 1 
ATOM   542  C  CE1 . TYR A 1 73  ? -2.964  10.309  -4.349  1.00 35.36 ? 73   TYR A CE1 1 
ATOM   543  C  CE2 . TYR A 1 73  ? -1.086  11.805  -4.641  1.00 35.23 ? 73   TYR A CE2 1 
ATOM   544  C  CZ  . TYR A 1 73  ? -2.256  11.434  -3.964  1.00 36.74 ? 73   TYR A CZ  1 
ATOM   545  O  OH  . TYR A 1 73  ? -2.757  12.155  -2.905  1.00 38.82 ? 73   TYR A OH  1 
ATOM   546  N  N   . TYR A 1 74  ? -3.636  7.986   -8.308  1.00 29.18 ? 74   TYR A N   1 
ATOM   547  C  CA  . TYR A 1 74  ? -5.013  7.555   -8.110  1.00 29.38 ? 74   TYR A CA  1 
ATOM   548  C  C   . TYR A 1 74  ? -4.985  6.617   -6.922  1.00 28.42 ? 74   TYR A C   1 
ATOM   549  O  O   . TYR A 1 74  ? -4.026  5.847   -6.751  1.00 29.80 ? 74   TYR A O   1 
ATOM   550  C  CB  . TYR A 1 74  ? -5.548  6.745   -9.312  1.00 29.95 ? 74   TYR A CB  1 
ATOM   551  C  CG  . TYR A 1 74  ? -5.484  7.478   -10.621 1.00 30.48 ? 74   TYR A CG  1 
ATOM   552  C  CD1 . TYR A 1 74  ? -4.310  7.544   -11.344 1.00 30.48 ? 74   TYR A CD1 1 
ATOM   553  C  CD2 . TYR A 1 74  ? -6.586  8.147   -11.099 1.00 29.75 ? 74   TYR A CD2 1 
ATOM   554  C  CE1 . TYR A 1 74  ? -4.247  8.288   -12.551 1.00 30.95 ? 74   TYR A CE1 1 
ATOM   555  C  CE2 . TYR A 1 74  ? -6.533  8.888   -12.282 1.00 32.41 ? 74   TYR A CE2 1 
ATOM   556  C  CZ  . TYR A 1 74  ? -5.362  8.951   -12.999 1.00 32.89 ? 74   TYR A CZ  1 
ATOM   557  O  OH  . TYR A 1 74  ? -5.331  9.686   -14.185 1.00 34.63 ? 74   TYR A OH  1 
ATOM   558  N  N   . ILE A 1 75  ? -6.012  6.691   -6.089  1.00 28.82 ? 75   ILE A N   1 
ATOM   559  C  CA  . ILE A 1 75  ? -6.099  5.735   -4.966  1.00 27.97 ? 75   ILE A CA  1 
ATOM   560  C  C   . ILE A 1 75  ? -7.358  4.912   -5.215  1.00 27.83 ? 75   ILE A C   1 
ATOM   561  O  O   . ILE A 1 75  ? -8.459  5.449   -5.124  1.00 29.97 ? 75   ILE A O   1 
ATOM   562  C  CB  . ILE A 1 75  ? -6.263  6.434   -3.618  1.00 28.46 ? 75   ILE A CB  1 
ATOM   563  C  CG1 . ILE A 1 75  ? -5.064  7.333   -3.379  1.00 27.49 ? 75   ILE A CG1 1 
ATOM   564  C  CG2 . ILE A 1 75  ? -6.454  5.332   -2.468  1.00 28.46 ? 75   ILE A CG2 1 
ATOM   565  C  CD1 . ILE A 1 75  ? -5.031  7.938   -1.974  1.00 30.46 ? 75   ILE A CD1 1 
ATOM   566  N  N   . ILE A 1 76  ? -7.198  3.621   -5.500  1.00 26.85 ? 76   ILE A N   1 
ATOM   567  C  CA  . ILE A 1 76  ? -8.329  2.755   -5.787  1.00 26.51 ? 76   ILE A CA  1 
ATOM   568  C  C   . ILE A 1 76  ? -8.346  1.491   -4.931  1.00 25.27 ? 76   ILE A C   1 
ATOM   569  O  O   . ILE A 1 76  ? -7.487  0.619   -5.065  1.00 24.40 ? 76   ILE A O   1 
ATOM   570  C  CB  . ILE A 1 76  ? -8.302  2.380   -7.286  1.00 29.08 ? 76   ILE A CB  1 
ATOM   571  C  CG1 . ILE A 1 76  ? -8.400  3.682   -8.085  1.00 29.30 ? 76   ILE A CG1 1 
ATOM   572  C  CG2 . ILE A 1 76  ? -9.432  1.376   -7.645  1.00 29.28 ? 76   ILE A CG2 1 
ATOM   573  C  CD1 . ILE A 1 76  ? -8.416  3.485   -9.551  1.00 31.73 ? 76   ILE A CD1 1 
ATOM   574  N  N   . PRO A 1 77  ? -9.329  1.389   -4.034  1.00 25.45 ? 77   PRO A N   1 
ATOM   575  C  CA  . PRO A 1 77  ? -9.424  0.203   -3.172  1.00 24.96 ? 77   PRO A CA  1 
ATOM   576  C  C   . PRO A 1 77  ? -9.863  -0.934  -4.059  1.00 26.63 ? 77   PRO A C   1 
ATOM   577  O  O   . PRO A 1 77  ? -10.759 -0.749  -4.875  1.00 27.85 ? 77   PRO A O   1 
ATOM   578  C  CB  . PRO A 1 77  ? -10.522 0.556   -2.190  1.00 24.75 ? 77   PRO A CB  1 
ATOM   579  C  CG  . PRO A 1 77  ? -10.638 2.098   -2.254  1.00 27.42 ? 77   PRO A CG  1 
ATOM   580  C  CD  . PRO A 1 77  ? -10.380 2.374   -3.723  1.00 25.11 ? 77   PRO A CD  1 
ATOM   581  N  N   . VAL A 1 78  ? -9.287  -2.101  -3.861  1.00 26.27 ? 78   VAL A N   1 
ATOM   582  C  CA  . VAL A 1 78  ? -9.608  -3.283  -4.651  1.00 25.76 ? 78   VAL A CA  1 
ATOM   583  C  C   . VAL A 1 78  ? -9.859  -4.461  -3.722  1.00 26.63 ? 78   VAL A C   1 
ATOM   584  O  O   . VAL A 1 78  ? -8.964  -4.883  -2.948  1.00 26.81 ? 78   VAL A O   1 
ATOM   585  C  CB  . VAL A 1 78  ? -8.410  -3.592  -5.604  1.00 25.96 ? 78   VAL A CB  1 
ATOM   586  C  CG1 . VAL A 1 78  ? -8.603  -4.920  -6.334  1.00 28.59 ? 78   VAL A CG1 1 
ATOM   587  C  CG2 . VAL A 1 78  ? -8.324  -2.412  -6.658  1.00 26.63 ? 78   VAL A CG2 1 
ATOM   588  N  N   . GLN A 1 79  ? -11.059 -5.015  -3.778  1.00 25.23 ? 79   GLN A N   1 
ATOM   589  C  CA  . GLN A 1 79  ? -11.314 -6.169  -2.920  1.00 26.68 ? 79   GLN A CA  1 
ATOM   590  C  C   . GLN A 1 79  ? -10.585 -7.358  -3.535  1.00 26.08 ? 79   GLN A C   1 
ATOM   591  O  O   . GLN A 1 79  ? -10.325 -7.370  -4.738  1.00 27.02 ? 79   GLN A O   1 
ATOM   592  C  CB  . GLN A 1 79  ? -12.833 -6.444  -2.804  1.00 29.09 ? 79   GLN A CB  1 
ATOM   593  C  CG  . GLN A 1 79  ? -13.591 -5.265  -2.139  1.00 36.42 ? 79   GLN A CG  1 
ATOM   594  C  CD  . GLN A 1 79  ? -15.116 -5.504  -1.792  1.00 40.72 ? 79   GLN A CD  1 
ATOM   595  O  OE1 . GLN A 1 79  ? -15.489 -5.827  -0.620  1.00 43.16 ? 79   GLN A OE1 1 
ATOM   596  N  NE2 . GLN A 1 79  ? -15.987 -5.296  -2.781  1.00 42.97 ? 79   GLN A NE2 1 
ATOM   597  N  N   . ASP A 1 80  ? -10.248 -8.353  -2.727  1.00 24.47 ? 80   ASP A N   1 
ATOM   598  C  CA  . ASP A 1 80  ? -9.603  -9.547  -3.264  1.00 25.54 ? 80   ASP A CA  1 
ATOM   599  C  C   . ASP A 1 80  ? -10.689 -10.422 -3.882  1.00 25.35 ? 80   ASP A C   1 
ATOM   600  O  O   . ASP A 1 80  ? -11.875 -10.250 -3.587  1.00 24.16 ? 80   ASP A O   1 
ATOM   601  C  CB  . ASP A 1 80  ? -8.914  -10.373 -2.160  1.00 26.60 ? 80   ASP A CB  1 
ATOM   602  C  CG  . ASP A 1 80  ? -7.724  -9.634  -1.526  1.00 28.58 ? 80   ASP A CG  1 
ATOM   603  O  OD1 . ASP A 1 80  ? -7.047  -8.851  -2.240  1.00 28.59 ? 80   ASP A OD1 1 
ATOM   604  O  OD2 . ASP A 1 80  ? -7.487  -9.840  -0.318  1.00 27.41 ? 80   ASP A OD2 1 
ATOM   605  N  N   . ILE A 1 81  ? -10.272 -11.372 -4.717  1.00 24.48 ? 81   ILE A N   1 
ATOM   606  C  CA  . ILE A 1 81  ? -11.230 -12.281 -5.327  1.00 25.27 ? 81   ILE A CA  1 
ATOM   607  C  C   . ILE A 1 81  ? -10.707 -13.691 -5.174  1.00 26.50 ? 81   ILE A C   1 
ATOM   608  O  O   . ILE A 1 81  ? -9.507  -13.916 -4.968  1.00 26.70 ? 81   ILE A O   1 
ATOM   609  C  CB  . ILE A 1 81  ? -11.463 -11.980 -6.836  1.00 22.30 ? 81   ILE A CB  1 
ATOM   610  C  CG1 . ILE A 1 81  ? -10.190 -12.162 -7.647  1.00 23.65 ? 81   ILE A CG1 1 
ATOM   611  C  CG2 . ILE A 1 81  ? -12.014 -10.580 -6.970  1.00 24.01 ? 81   ILE A CG2 1 
ATOM   612  C  CD1 . ILE A 1 81  ? -10.404 -11.845 -9.206  1.00 23.52 ? 81   ILE A CD1 1 
ATOM   613  N  N   . GLU A 1 82  ? -11.583 -14.642 -5.403  1.00 27.22 ? 82   GLU A N   1 
ATOM   614  C  CA  . GLU A 1 82  ? -11.224 -16.027 -5.208  1.00 30.17 ? 82   GLU A CA  1 
ATOM   615  C  C   . GLU A 1 82  ? -10.232 -16.600 -6.223  1.00 29.17 ? 82   GLU A C   1 
ATOM   616  O  O   . GLU A 1 82  ? -9.344  -17.384 -5.864  1.00 30.53 ? 82   GLU A O   1 
ATOM   617  C  CB  . GLU A 1 82  ? -12.523 -16.830 -5.238  1.00 33.38 ? 82   GLU A CB  1 
ATOM   618  C  CG  . GLU A 1 82  ? -12.439 -18.121 -4.554  1.00 39.23 ? 82   GLU A CG  1 
ATOM   619  C  CD  . GLU A 1 82  ? -13.813 -18.714 -4.356  1.00 42.47 ? 82   GLU A CD  1 
ATOM   620  O  OE1 . GLU A 1 82  ? -14.708 -18.537 -5.236  1.00 45.14 ? 82   GLU A OE1 1 
ATOM   621  O  OE2 . GLU A 1 82  ? -13.993 -19.360 -3.320  1.00 46.05 ? 82   GLU A OE2 1 
ATOM   622  N  N   . CYS A 1 83  ? -10.339 -16.165 -7.476  1.00 27.98 ? 83   CYS A N   1 
ATOM   623  C  CA  . CYS A 1 83  ? -9.511  -16.754 -8.537  1.00 27.20 ? 83   CYS A CA  1 
ATOM   624  C  C   . CYS A 1 83  ? -8.313  -15.900 -8.910  1.00 25.51 ? 83   CYS A C   1 
ATOM   625  O  O   . CYS A 1 83  ? -8.468  -14.852 -9.560  1.00 24.51 ? 83   CYS A O   1 
ATOM   626  C  CB  . CYS A 1 83  ? -10.356 -16.977 -9.818  1.00 28.88 ? 83   CYS A CB  1 
ATOM   627  S  SG  . CYS A 1 83  ? -11.860 -17.893 -9.561  1.00 33.70 ? 83   CYS A SG  1 
ATOM   628  N  N   . ASN A 1 84  ? -7.123  -16.343 -8.503  1.00 25.41 ? 84   ASN A N   1 
ATOM   629  C  CA  . ASN A 1 84  ? -5.921  -15.579 -8.879  1.00 23.42 ? 84   ASN A CA  1 
ATOM   630  C  C   . ASN A 1 84  ? -5.842  -15.422 -10.371 1.00 22.94 ? 84   ASN A C   1 
ATOM   631  O  O   . ASN A 1 84  ? -5.290  -14.425 -10.870 1.00 22.85 ? 84   ASN A O   1 
ATOM   632  C  CB  . ASN A 1 84  ? -4.648  -16.279 -8.428  1.00 24.80 ? 84   ASN A CB  1 
ATOM   633  C  CG  . ASN A 1 84  ? -4.450  -16.216 -6.951  1.00 25.11 ? 84   ASN A CG  1 
ATOM   634  O  OD1 . ASN A 1 84  ? -4.802  -15.216 -6.322  1.00 25.13 ? 84   ASN A OD1 1 
ATOM   635  N  ND2 . ASN A 1 84  ? -3.888  -17.271 -6.377  1.00 24.72 ? 84   ASN A ND2 1 
ATOM   636  N  N   . ALA A 1 85  ? -6.363  -16.396 -11.113 1.00 22.78 ? 85   ALA A N   1 
ATOM   637  C  CA  . ALA A 1 85  ? -6.279  -16.301 -12.577 1.00 23.17 ? 85   ALA A CA  1 
ATOM   638  C  C   . ALA A 1 85  ? -7.077  -15.144 -13.167 1.00 23.46 ? 85   ALA A C   1 
ATOM   639  O  O   . ALA A 1 85  ? -6.866  -14.795 -14.335 1.00 24.87 ? 85   ALA A O   1 
ATOM   640  C  CB  . ALA A 1 85  ? -6.729  -17.645 -13.250 1.00 23.91 ? 85   ALA A CB  1 
ATOM   641  N  N   . LEU A 1 86  ? -8.025  -14.600 -12.407 1.00 22.08 ? 86   LEU A N   1 
ATOM   642  C  CA  . LEU A 1 86  ? -8.823  -13.479 -12.861 1.00 21.16 ? 86   LEU A CA  1 
ATOM   643  C  C   . LEU A 1 86  ? -8.399  -12.134 -12.236 1.00 22.46 ? 86   LEU A C   1 
ATOM   644  O  O   . LEU A 1 86  ? -8.944  -11.056 -12.574 1.00 22.19 ? 86   LEU A O   1 
ATOM   645  C  CB  . LEU A 1 86  ? -10.306 -13.732 -12.511 1.00 22.30 ? 86   LEU A CB  1 
ATOM   646  C  CG  . LEU A 1 86  ? -10.803 -15.077 -13.070 1.00 24.41 ? 86   LEU A CG  1 
ATOM   647  C  CD1 . LEU A 1 86  ? -12.336 -15.194 -12.836 1.00 28.02 ? 86   LEU A CD1 1 
ATOM   648  C  CD2 . LEU A 1 86  ? -10.494 -15.211 -14.534 1.00 25.96 ? 86   LEU A CD2 1 
ATOM   649  N  N   . TRP A 1 87  ? -7.407  -12.170 -11.357 1.00 22.75 ? 87   TRP A N   1 
ATOM   650  C  CA  . TRP A 1 87  ? -7.106  -10.957 -10.629 1.00 22.50 ? 87   TRP A CA  1 
ATOM   651  C  C   . TRP A 1 87  ? -6.522  -9.811  -11.455 1.00 23.25 ? 87   TRP A C   1 
ATOM   652  O  O   . TRP A 1 87  ? -6.885  -8.655  -11.259 1.00 23.11 ? 87   TRP A O   1 
ATOM   653  C  CB  . TRP A 1 87  ? -6.233  -11.301 -9.425  1.00 24.98 ? 87   TRP A CB  1 
ATOM   654  C  CG  . TRP A 1 87  ? -5.963  -10.098 -8.557  1.00 25.71 ? 87   TRP A CG  1 
ATOM   655  C  CD1 . TRP A 1 87  ? -6.785  -9.550  -7.618  1.00 26.09 ? 87   TRP A CD1 1 
ATOM   656  C  CD2 . TRP A 1 87  ? -4.746  -9.353  -8.518  1.00 27.36 ? 87   TRP A CD2 1 
ATOM   657  N  NE1 . TRP A 1 87  ? -6.133  -8.511  -6.974  1.00 25.05 ? 87   TRP A NE1 1 
ATOM   658  C  CE2 . TRP A 1 87  ? -4.882  -8.374  -7.513  1.00 27.22 ? 87   TRP A CE2 1 
ATOM   659  C  CE3 . TRP A 1 87  ? -3.543  -9.423  -9.243  1.00 28.61 ? 87   TRP A CE3 1 
ATOM   660  C  CZ2 . TRP A 1 87  ? -3.852  -7.471  -7.199  1.00 28.22 ? 87   TRP A CZ2 1 
ATOM   661  C  CZ3 . TRP A 1 87  ? -2.517  -8.519  -8.922  1.00 28.55 ? 87   TRP A CZ3 1 
ATOM   662  C  CH2 . TRP A 1 87  ? -2.688  -7.570  -7.918  1.00 28.76 ? 87   TRP A CH2 1 
ATOM   663  N  N   . VAL A 1 88  ? -5.633  -10.127 -12.390 1.00 24.13 ? 88   VAL A N   1 
ATOM   664  C  CA  . VAL A 1 88  ? -5.102  -9.080  -13.265 1.00 25.24 ? 88   VAL A CA  1 
ATOM   665  C  C   . VAL A 1 88  ? -6.297  -8.422  -14.009 1.00 24.49 ? 88   VAL A C   1 
ATOM   666  O  O   . VAL A 1 88  ? -6.404  -7.183  -14.093 1.00 23.62 ? 88   VAL A O   1 
ATOM   667  C  CB  . VAL A 1 88  ? -4.132  -9.674  -14.275 1.00 25.07 ? 88   VAL A CB  1 
ATOM   668  C  CG1 . VAL A 1 88  ? -3.945  -8.704  -15.484 1.00 27.19 ? 88   VAL A CG1 1 
ATOM   669  C  CG2 . VAL A 1 88  ? -2.832  -9.914  -13.612 1.00 27.06 ? 88   VAL A CG2 1 
ATOM   670  N  N   . GLY A 1 89  ? -7.216  -9.238  -14.519 1.00 24.14 ? 89   GLY A N   1 
ATOM   671  C  CA  . GLY A 1 89  ? -8.370  -8.636  -15.200 1.00 23.07 ? 89   GLY A CA  1 
ATOM   672  C  C   . GLY A 1 89  ? -9.240  -7.774  -14.280 1.00 23.30 ? 89   GLY A C   1 
ATOM   673  O  O   . GLY A 1 89  ? -9.828  -6.766  -14.702 1.00 24.10 ? 89   GLY A O   1 
ATOM   674  N  N   . HIS A 1 90  ? -9.329  -8.180  -13.022 1.00 22.72 ? 90   HIS A N   1 
ATOM   675  C  CA  . HIS A 1 90  ? -10.116 -7.489  -11.992 1.00 22.03 ? 90   HIS A CA  1 
ATOM   676  C  C   . HIS A 1 90  ? -9.502  -6.075  -11.744 1.00 23.48 ? 90   HIS A C   1 
ATOM   677  O  O   . HIS A 1 90  ? -10.217 -5.053  -11.662 1.00 23.15 ? 90   HIS A O   1 
ATOM   678  C  CB  . HIS A 1 90  ? -10.063 -8.378  -10.746 1.00 21.85 ? 90   HIS A CB  1 
ATOM   679  C  CG  . HIS A 1 90  ? -10.672 -7.779  -9.514  1.00 23.90 ? 90   HIS A CG  1 
ATOM   680  N  ND1 . HIS A 1 90  ? -12.022 -7.500  -9.402  1.00 23.27 ? 90   HIS A ND1 1 
ATOM   681  C  CD2 . HIS A 1 90  ? -10.125 -7.488  -8.303  1.00 24.58 ? 90   HIS A CD2 1 
ATOM   682  C  CE1 . HIS A 1 90  ? -12.286 -7.073  -8.173  1.00 26.12 ? 90   HIS A CE1 1 
ATOM   683  N  NE2 . HIS A 1 90  ? -11.150 -7.058  -7.487  1.00 25.12 ? 90   HIS A NE2 1 
ATOM   684  N  N   . ILE A 1 91  ? -8.176  -6.026  -11.665 1.00 21.11 ? 91   ILE A N   1 
ATOM   685  C  CA  . ILE A 1 91  ? -7.474  -4.767  -11.466 1.00 22.91 ? 91   ILE A CA  1 
ATOM   686  C  C   . ILE A 1 91  ? -7.696  -3.895  -12.705 1.00 22.98 ? 91   ILE A C   1 
ATOM   687  O  O   . ILE A 1 91  ? -8.033  -2.715  -12.617 1.00 21.99 ? 91   ILE A O   1 
ATOM   688  C  CB  . ILE A 1 91  ? -5.942  -5.032  -11.266 1.00 23.13 ? 91   ILE A CB  1 
ATOM   689  C  CG1 . ILE A 1 91  ? -5.708  -5.684  -9.900  1.00 25.77 ? 91   ILE A CG1 1 
ATOM   690  C  CG2 . ILE A 1 91  ? -5.130  -3.717  -11.403 1.00 24.39 ? 91   ILE A CG2 1 
ATOM   691  C  CD1 . ILE A 1 91  ? -5.968  -4.781  -8.693  1.00 26.80 ? 91   ILE A CD1 1 
ATOM   692  N  N   . LYS A 1 92  ? -7.567  -4.504  -13.879 1.00 22.64 ? 92   LYS A N   1 
ATOM   693  C  CA  . LYS A 1 92  ? -7.730  -3.727  -15.117 1.00 23.76 ? 92   LYS A CA  1 
ATOM   694  C  C   . LYS A 1 92  ? -9.075  -3.091  -15.229 1.00 24.34 ? 92   LYS A C   1 
ATOM   695  O  O   . LYS A 1 92  ? -9.194  -1.941  -15.697 1.00 23.07 ? 92   LYS A O   1 
ATOM   696  C  CB  . LYS A 1 92  ? -7.528  -4.622  -16.335 1.00 27.24 ? 92   LYS A CB  1 
ATOM   697  C  CG  . LYS A 1 92  ? -6.099  -4.903  -16.662 1.00 29.59 ? 92   LYS A CG  1 
ATOM   698  C  CD  . LYS A 1 92  ? -6.098  -5.792  -17.928 1.00 36.16 ? 92   LYS A CD  1 
ATOM   699  C  CE  . LYS A 1 92  ? -4.700  -6.176  -18.325 1.00 38.46 ? 92   LYS A CE  1 
ATOM   700  N  NZ  . LYS A 1 92  ? -4.746  -7.219  -19.413 1.00 42.44 ? 92   LYS A NZ  1 
ATOM   701  N  N   . MET A 1 93  ? -10.094 -3.864  -14.846 1.00 22.53 ? 93   MET A N   1 
ATOM   702  C  CA  . MET A 1 93  ? -11.492 -3.447  -14.860 1.00 24.52 ? 93   MET A CA  1 
ATOM   703  C  C   . MET A 1 93  ? -11.751 -2.237  -13.981 1.00 24.97 ? 93   MET A C   1 
ATOM   704  O  O   . MET A 1 93  ? -12.592 -1.354  -14.297 1.00 24.93 ? 93   MET A O   1 
ATOM   705  C  CB  . MET A 1 93  ? -12.372 -4.624  -14.340 1.00 25.96 ? 93   MET A CB  1 
ATOM   706  C  CG  . MET A 1 93  ? -13.899 -4.345  -14.269 1.00 31.78 ? 93   MET A CG  1 
ATOM   707  S  SD  . MET A 1 93  ? -14.737 -5.713  -13.384 1.00 31.83 ? 93   MET A SD  1 
ATOM   708  C  CE  . MET A 1 93  ? -14.373 -5.184  -11.693 1.00 34.95 ? 93   MET A CE  1 
ATOM   709  N  N   . LEU A 1 94  ? -11.024 -2.178  -12.867 1.00 23.91 ? 94   LEU A N   1 
ATOM   710  C  CA  . LEU A 1 94  ? -11.241 -1.100  -11.897 1.00 25.21 ? 94   LEU A CA  1 
ATOM   711  C  C   . LEU A 1 94  ? -10.353 0.132   -12.043 1.00 25.68 ? 94   LEU A C   1 
ATOM   712  O  O   . LEU A 1 94  ? -10.564 1.127   -11.334 1.00 26.17 ? 94   LEU A O   1 
ATOM   713  C  CB  . LEU A 1 94  ? -10.998 -1.671  -10.495 1.00 24.40 ? 94   LEU A CB  1 
ATOM   714  C  CG  . LEU A 1 94  ? -11.975 -2.779  -10.112 1.00 23.84 ? 94   LEU A CG  1 
ATOM   715  C  CD1 . LEU A 1 94  ? -11.441 -3.473  -8.862  1.00 23.50 ? 94   LEU A CD1 1 
ATOM   716  C  CD2 . LEU A 1 94  ? -13.357 -2.183  -9.795  1.00 25.09 ? 94   LEU A CD2 1 
ATOM   717  N  N   . THR A 1 95  ? -9.380  0.077   -12.946 1.00 25.56 ? 95   THR A N   1 
ATOM   718  C  CA  . THR A 1 95  ? -8.432  1.174   -13.052 1.00 25.80 ? 95   THR A CA  1 
ATOM   719  C  C   . THR A 1 95  ? -8.263  1.820   -14.427 1.00 28.00 ? 95   THR A C   1 
ATOM   720  O  O   . THR A 1 95  ? -8.780  1.320   -15.444 1.00 25.72 ? 95   THR A O   1 
ATOM   721  C  CB  . THR A 1 95  ? -7.029  0.678   -12.659 1.00 25.31 ? 95   THR A CB  1 
ATOM   722  O  OG1 . THR A 1 95  ? -6.602  -0.340  -13.571 1.00 25.92 ? 95   THR A OG1 1 
ATOM   723  C  CG2 . THR A 1 95  ? -7.024  0.057   -11.243 1.00 24.78 ? 95   THR A CG2 1 
ATOM   724  N  N   . PRO A 1 96  ? -7.552  2.966   -14.452 1.00 29.00 ? 96   PRO A N   1 
ATOM   725  C  CA  . PRO A 1 96  ? -7.273  3.661   -15.707 1.00 29.31 ? 96   PRO A CA  1 
ATOM   726  C  C   . PRO A 1 96  ? -6.243  2.714   -16.359 1.00 29.73 ? 96   PRO A C   1 
ATOM   727  O  O   . PRO A 1 96  ? -5.674  1.843   -15.685 1.00 29.35 ? 96   PRO A O   1 
ATOM   728  C  CB  . PRO A 1 96  ? -6.592  4.962   -15.250 1.00 28.93 ? 96   PRO A CB  1 
ATOM   729  C  CG  . PRO A 1 96  ? -7.212  5.243   -13.941 1.00 28.97 ? 96   PRO A CG  1 
ATOM   730  C  CD  . PRO A 1 96  ? -7.269  3.842   -13.292 1.00 29.38 ? 96   PRO A CD  1 
ATOM   731  N  N   . PRO A 1 97  ? -5.992  2.865   -17.678 1.00 30.98 ? 97   PRO A N   1 
ATOM   732  C  CA  . PRO A 1 97  ? -5.016  2.008   -18.368 1.00 32.26 ? 97   PRO A CA  1 
ATOM   733  C  C   . PRO A 1 97  ? -3.608  2.255   -17.793 1.00 32.63 ? 97   PRO A C   1 
ATOM   734  O  O   . PRO A 1 97  ? -3.318  3.373   -17.379 1.00 33.47 ? 97   PRO A O   1 
ATOM   735  C  CB  . PRO A 1 97  ? -5.060  2.507   -19.823 1.00 33.39 ? 97   PRO A CB  1 
ATOM   736  C  CG  . PRO A 1 97  ? -6.361  3.283   -19.930 1.00 33.20 ? 97   PRO A CG  1 
ATOM   737  C  CD  . PRO A 1 97  ? -6.513  3.927   -18.562 1.00 31.76 ? 97   PRO A CD  1 
ATOM   738  N  N   . PHE A 1 98  ? -2.742  1.245   -17.777 1.00 32.35 ? 98   PHE A N   1 
ATOM   739  C  CA  . PHE A 1 98  ? -1.381  1.440   -17.308 1.00 33.08 ? 98   PHE A CA  1 
ATOM   740  C  C   . PHE A 1 98  ? -0.348  0.695   -18.149 1.00 34.77 ? 98   PHE A C   1 
ATOM   741  O  O   . PHE A 1 98  ? -0.627  -0.347  -18.737 1.00 34.32 ? 98   PHE A O   1 
ATOM   742  C  CB  . PHE A 1 98  ? -1.249  1.049   -15.834 1.00 31.50 ? 98   PHE A CB  1 
ATOM   743  C  CG  . PHE A 1 98  ? -1.820  -0.304  -15.516 1.00 30.52 ? 98   PHE A CG  1 
ATOM   744  C  CD1 . PHE A 1 98  ? -1.043  -1.439  -15.619 1.00 28.63 ? 98   PHE A CD1 1 
ATOM   745  C  CD2 . PHE A 1 98  ? -3.154  -0.432  -15.124 1.00 29.96 ? 98   PHE A CD2 1 
ATOM   746  C  CE1 . PHE A 1 98  ? -1.576  -2.710  -15.333 1.00 30.48 ? 98   PHE A CE1 1 
ATOM   747  C  CE2 . PHE A 1 98  ? -3.692  -1.712  -14.834 1.00 28.94 ? 98   PHE A CE2 1 
ATOM   748  C  CZ  . PHE A 1 98  ? -2.903  -2.831  -14.941 1.00 29.26 ? 98   PHE A CZ  1 
ATOM   749  N  N   . ASP A 1 99  ? 0.855   1.251   -18.182 1.00 36.36 ? 99   ASP A N   1 
ATOM   750  C  CA  . ASP A 1 99  ? 1.993   0.731   -18.946 1.00 38.93 ? 99   ASP A CA  1 
ATOM   751  C  C   . ASP A 1 99  ? 2.982   -0.162  -18.214 1.00 39.27 ? 99   ASP A C   1 
ATOM   752  O  O   . ASP A 1 99  ? 3.607   -1.039  -18.818 1.00 39.62 ? 99   ASP A O   1 
ATOM   753  C  CB  . ASP A 1 99  ? 2.764   1.930   -19.501 1.00 41.46 ? 99   ASP A CB  1 
ATOM   754  C  CG  . ASP A 1 99  ? 1.859   2.901   -20.219 1.00 44.12 ? 99   ASP A CG  1 
ATOM   755  O  OD1 . ASP A 1 99  ? 1.524   2.587   -21.386 1.00 46.83 ? 99   ASP A OD1 1 
ATOM   756  O  OD2 . ASP A 1 99  ? 1.452   3.946   -19.625 1.00 44.26 ? 99   ASP A OD2 1 
ATOM   757  N  N   . ARG A 1 100 ? 3.164   0.077   -16.924 1.00 38.68 ? 100  ARG A N   1 
ATOM   758  C  CA  . ARG A 1 100 ? 4.119   -0.710  -16.164 1.00 39.01 ? 100  ARG A CA  1 
ATOM   759  C  C   . ARG A 1 100 ? 3.603   -1.011  -14.782 1.00 36.60 ? 100  ARG A C   1 
ATOM   760  O  O   . ARG A 1 100 ? 2.909   -0.199  -14.183 1.00 35.91 ? 100  ARG A O   1 
ATOM   761  C  CB  . ARG A 1 100 ? 5.437   0.045   -15.975 1.00 41.33 ? 100  ARG A CB  1 
ATOM   762  C  CG  . ARG A 1 100 ? 6.091   0.591   -17.228 1.00 46.46 ? 100  ARG A CG  1 
ATOM   763  C  CD  . ARG A 1 100 ? 7.559   0.929   -16.889 1.00 49.58 ? 100  ARG A CD  1 
ATOM   764  N  NE  . ARG A 1 100 ? 8.166   -0.194  -16.184 1.00 52.58 ? 100  ARG A NE  1 
ATOM   765  C  CZ  . ARG A 1 100 ? 8.585   -1.324  -16.773 1.00 54.85 ? 100  ARG A CZ  1 
ATOM   766  N  NH1 . ARG A 1 100 ? 8.483   -1.484  -18.094 1.00 55.55 ? 100  ARG A NH1 1 
ATOM   767  N  NH2 . ARG A 1 100 ? 9.062   -2.332  -16.029 1.00 55.69 ? 100  ARG A NH2 1 
ATOM   768  N  N   . VAL A 1 101 ? 4.006   -2.164  -14.274 1.00 35.12 ? 101  VAL A N   1 
ATOM   769  C  CA  . VAL A 1 101 ? 3.617   -2.603  -12.963 1.00 34.17 ? 101  VAL A CA  1 
ATOM   770  C  C   . VAL A 1 101 ? 4.810   -2.707  -12.039 1.00 33.11 ? 101  VAL A C   1 
ATOM   771  O  O   . VAL A 1 101 ? 5.840   -3.267  -12.405 1.00 33.26 ? 101  VAL A O   1 
ATOM   772  C  CB  . VAL A 1 101 ? 2.923   -3.968  -13.061 1.00 34.84 ? 101  VAL A CB  1 
ATOM   773  C  CG1 . VAL A 1 101 ? 2.499   -4.440  -11.664 1.00 34.05 ? 101  VAL A CG1 1 
ATOM   774  C  CG2 . VAL A 1 101 ? 1.698   -3.831  -14.014 1.00 34.87 ? 101  VAL A CG2 1 
ATOM   775  N  N   . TYR A 1 102 ? 4.655   -2.177  -10.837 1.00 32.93 ? 102  TYR A N   1 
ATOM   776  C  CA  . TYR A 1 102 ? 5.718   -2.199  -9.832  1.00 32.63 ? 102  TYR A CA  1 
ATOM   777  C  C   . TYR A 1 102 ? 5.291   -2.994  -8.625  1.00 31.39 ? 102  TYR A C   1 
ATOM   778  O  O   . TYR A 1 102 ? 4.322   -2.636  -7.975  1.00 33.07 ? 102  TYR A O   1 
ATOM   779  C  CB  . TYR A 1 102 ? 6.061   -0.782  -9.352  1.00 32.66 ? 102  TYR A CB  1 
ATOM   780  C  CG  . TYR A 1 102 ? 6.532   0.128   -10.450 1.00 34.59 ? 102  TYR A CG  1 
ATOM   781  C  CD1 . TYR A 1 102 ? 5.628   0.890   -11.182 1.00 34.10 ? 102  TYR A CD1 1 
ATOM   782  C  CD2 . TYR A 1 102 ? 7.888   0.207   -10.766 1.00 35.98 ? 102  TYR A CD2 1 
ATOM   783  C  CE1 . TYR A 1 102 ? 6.057   1.707   -12.213 1.00 37.27 ? 102  TYR A CE1 1 
ATOM   784  C  CE2 . TYR A 1 102 ? 8.336   1.028   -11.794 1.00 36.77 ? 102  TYR A CE2 1 
ATOM   785  C  CZ  . TYR A 1 102 ? 7.431   1.769   -12.510 1.00 37.68 ? 102  TYR A CZ  1 
ATOM   786  O  OH  . TYR A 1 102 ? 7.879   2.570   -13.537 1.00 38.87 ? 102  TYR A OH  1 
ATOM   787  N  N   . SER A 1 103 ? 6.036   -4.038  -8.307  1.00 31.04 ? 103  SER A N   1 
ATOM   788  C  CA  . SER A 1 103 ? 5.703   -4.888  -7.163  1.00 30.88 ? 103  SER A CA  1 
ATOM   789  C  C   . SER A 1 103 ? 6.843   -5.763  -6.698  1.00 30.97 ? 103  SER A C   1 
ATOM   790  O  O   . SER A 1 103 ? 7.612   -6.277  -7.508  1.00 31.64 ? 103  SER A O   1 
ATOM   791  C  CB  . SER A 1 103 ? 4.522   -5.824  -7.505  1.00 28.67 ? 103  SER A CB  1 
ATOM   792  O  OG  . SER A 1 103 ? 4.209   -6.684  -6.415  1.00 28.46 ? 103  SER A OG  1 
ATOM   793  N  N   . GLY A 1 104 ? 6.908   -5.964  -5.383  1.00 31.45 ? 104  GLY A N   1 
ATOM   794  C  CA  . GLY A 1 104 ? 7.895   -6.830  -4.787  1.00 31.46 ? 104  GLY A CA  1 
ATOM   795  C  C   . GLY A 1 104 ? 7.240   -8.134  -4.338  1.00 32.35 ? 104  GLY A C   1 
ATOM   796  O  O   . GLY A 1 104 ? 7.902   -9.010  -3.758  1.00 33.15 ? 104  GLY A O   1 
ATOM   797  N  N   . ASN A 1 105 ? 5.932   -8.277  -4.614  1.00 31.57 ? 105  ASN A N   1 
ATOM   798  C  CA  . ASN A 1 105 ? 5.132   -9.472  -4.255  1.00 30.18 ? 105  ASN A CA  1 
ATOM   799  C  C   . ASN A 1 105 ? 5.230   -10.526 -5.364  1.00 29.66 ? 105  ASN A C   1 
ATOM   800  O  O   . ASN A 1 105 ? 4.798   -10.275 -6.495  1.00 29.07 ? 105  ASN A O   1 
ATOM   801  C  CB  . ASN A 1 105 ? 3.660   -9.058  -4.076  1.00 31.62 ? 105  ASN A CB  1 
ATOM   802  C  CG  . ASN A 1 105 ? 2.810   -10.191 -3.591  1.00 33.43 ? 105  ASN A CG  1 
ATOM   803  O  OD1 . ASN A 1 105 ? 2.589   -11.175 -4.304  1.00 34.74 ? 105  ASN A OD1 1 
ATOM   804  N  ND2 . ASN A 1 105 ? 2.329   -10.077 -2.365  1.00 34.78 ? 105  ASN A ND2 1 
ATOM   805  N  N   . PRO A 1 106 ? 5.761   -11.723 -5.056  1.00 29.44 ? 106  PRO A N   1 
ATOM   806  C  CA  . PRO A 1 106 ? 5.933   -12.802 -6.040  1.00 28.91 ? 106  PRO A CA  1 
ATOM   807  C  C   . PRO A 1 106 ? 4.648   -13.162 -6.825  1.00 28.56 ? 106  PRO A C   1 
ATOM   808  O  O   . PRO A 1 106 ? 4.673   -13.279 -8.049  1.00 28.83 ? 106  PRO A O   1 
ATOM   809  C  CB  . PRO A 1 106 ? 6.462   -13.973 -5.181  1.00 30.26 ? 106  PRO A CB  1 
ATOM   810  C  CG  . PRO A 1 106 ? 7.139   -13.260 -3.995  1.00 30.40 ? 106  PRO A CG  1 
ATOM   811  C  CD  . PRO A 1 106 ? 6.108   -12.203 -3.695  1.00 30.79 ? 106  PRO A CD  1 
ATOM   812  N  N   . LEU A 1 107 ? 3.532   -13.331 -6.115  1.00 28.12 ? 107  LEU A N   1 
ATOM   813  C  CA  . LEU A 1 107 ? 2.259   -13.657 -6.777  1.00 26.60 ? 107  LEU A CA  1 
ATOM   814  C  C   . LEU A 1 107 ? 1.894   -12.548 -7.729  1.00 26.37 ? 107  LEU A C   1 
ATOM   815  O  O   . LEU A 1 107 ? 1.654   -12.795 -8.900  1.00 26.23 ? 107  LEU A O   1 
ATOM   816  C  CB  . LEU A 1 107 ? 1.141   -13.853 -5.756  1.00 25.83 ? 107  LEU A CB  1 
ATOM   817  C  CG  . LEU A 1 107 ? -0.262  -14.085 -6.333  1.00 25.90 ? 107  LEU A CG  1 
ATOM   818  C  CD1 . LEU A 1 107 ? -0.229  -15.207 -7.365  1.00 24.49 ? 107  LEU A CD1 1 
ATOM   819  C  CD2 . LEU A 1 107 ? -1.232  -14.481 -5.207  1.00 26.73 ? 107  LEU A CD2 1 
ATOM   820  N  N   . VAL A 1 108 ? 1.842   -11.310 -7.248  1.00 26.22 ? 108  VAL A N   1 
ATOM   821  C  CA  . VAL A 1 108 ? 1.526   -10.224 -8.139  1.00 27.64 ? 108  VAL A CA  1 
ATOM   822  C  C   . VAL A 1 108 ? 2.477   -10.171 -9.346  1.00 28.94 ? 108  VAL A C   1 
ATOM   823  O  O   . VAL A 1 108 ? 2.046   -9.912  -10.475 1.00 27.88 ? 108  VAL A O   1 
ATOM   824  C  CB  . VAL A 1 108 ? 1.573   -8.897  -7.401  1.00 28.10 ? 108  VAL A CB  1 
ATOM   825  C  CG1 . VAL A 1 108 ? 1.355   -7.743  -8.365  1.00 27.57 ? 108  VAL A CG1 1 
ATOM   826  C  CG2 . VAL A 1 108 ? 0.501   -8.906  -6.342  1.00 29.31 ? 108  VAL A CG2 1 
ATOM   827  N  N   . GLN A 1 109 ? 3.771   -10.389 -9.109  1.00 28.38 ? 109  GLN A N   1 
ATOM   828  C  CA  . GLN A 1 109 ? 4.733   -10.368 -10.212 1.00 29.16 ? 109  GLN A CA  1 
ATOM   829  C  C   . GLN A 1 109 ? 4.438   -11.412 -11.260 1.00 28.68 ? 109  GLN A C   1 
ATOM   830  O  O   . GLN A 1 109 ? 4.468   -11.134 -12.475 1.00 29.51 ? 109  GLN A O   1 
ATOM   831  C  CB  . GLN A 1 109 ? 6.156   -10.628 -9.694  1.00 27.48 ? 109  GLN A CB  1 
ATOM   832  C  CG  . GLN A 1 109 ? 6.674   -9.493  -8.876  1.00 29.20 ? 109  GLN A CG  1 
ATOM   833  C  CD  . GLN A 1 109 ? 7.952   -9.865  -8.143  1.00 31.13 ? 109  GLN A CD  1 
ATOM   834  O  OE1 . GLN A 1 109 ? 8.394   -11.012 -8.198  1.00 32.21 ? 109  GLN A OE1 1 
ATOM   835  N  NE2 . GLN A 1 109 ? 8.553   -8.892  -7.456  1.00 32.54 ? 109  GLN A NE2 1 
ATOM   836  N  N   . ARG A 1 110 ? 4.183   -12.623 -10.785 1.00 28.27 ? 110  ARG A N   1 
ATOM   837  C  CA  . ARG A 1 110 ? 3.933   -13.727 -11.692 1.00 28.42 ? 110  ARG A CA  1 
ATOM   838  C  C   . ARG A 1 110 ? 2.623   -13.609 -12.500 1.00 29.17 ? 110  ARG A C   1 
ATOM   839  O  O   . ARG A 1 110 ? 2.596   -13.943 -13.681 1.00 28.89 ? 110  ARG A O   1 
ATOM   840  C  CB  . ARG A 1 110 ? 3.983   -15.049 -10.928 1.00 27.38 ? 110  ARG A CB  1 
ATOM   841  C  CG  . ARG A 1 110 ? 3.858   -16.277 -11.844 1.00 28.76 ? 110  ARG A CG  1 
ATOM   842  C  CD  . ARG A 1 110 ? 4.975   -16.364 -12.922 1.00 29.07 ? 110  ARG A CD  1 
ATOM   843  N  NE  . ARG A 1 110 ? 4.647   -17.391 -13.927 1.00 27.50 ? 110  ARG A NE  1 
ATOM   844  C  CZ  . ARG A 1 110 ? 5.518   -17.888 -14.801 1.00 29.54 ? 110  ARG A CZ  1 
ATOM   845  N  NH1 . ARG A 1 110 ? 6.786   -17.450 -14.783 1.00 28.17 ? 110  ARG A NH1 1 
ATOM   846  N  NH2 . ARG A 1 110 ? 5.121   -18.784 -15.704 1.00 27.62 ? 110  ARG A NH2 1 
ATOM   847  N  N   . LEU A 1 111 ? 1.545   -13.135 -11.866 1.00 28.03 ? 111  LEU A N   1 
ATOM   848  C  CA  . LEU A 1 111 ? 0.278   -12.978 -12.574 1.00 27.06 ? 111  LEU A CA  1 
ATOM   849  C  C   . LEU A 1 111 ? 0.411   -11.933 -13.670 1.00 28.07 ? 111  LEU A C   1 
ATOM   850  O  O   . LEU A 1 111 ? -0.004  -12.176 -14.808 1.00 28.88 ? 111  LEU A O   1 
ATOM   851  C  CB  . LEU A 1 111 ? -0.818  -12.554 -11.607 1.00 24.68 ? 111  LEU A CB  1 
ATOM   852  C  CG  . LEU A 1 111 ? -1.176  -13.642 -10.574 1.00 22.86 ? 111  LEU A CG  1 
ATOM   853  C  CD1 . LEU A 1 111 ? -2.220  -13.073 -9.564  1.00 23.20 ? 111  LEU A CD1 1 
ATOM   854  C  CD2 . LEU A 1 111 ? -1.747  -14.865 -11.309 1.00 25.27 ? 111  LEU A CD2 1 
ATOM   855  N  N   . PHE A 1 112 ? 0.974   -10.770 -13.337 1.00 27.36 ? 112  PHE A N   1 
ATOM   856  C  CA  . PHE A 1 112 ? 1.102   -9.740  -14.340 1.00 27.58 ? 112  PHE A CA  1 
ATOM   857  C  C   . PHE A 1 112 ? 2.091   -10.153 -15.415 1.00 27.98 ? 112  PHE A C   1 
ATOM   858  O  O   . PHE A 1 112 ? 1.919   -9.827  -16.597 1.00 28.70 ? 112  PHE A O   1 
ATOM   859  C  CB  . PHE A 1 112 ? 1.500   -8.394  -13.732 1.00 26.98 ? 112  PHE A CB  1 
ATOM   860  C  CG  . PHE A 1 112 ? 0.333   -7.573  -13.278 1.00 27.69 ? 112  PHE A CG  1 
ATOM   861  C  CD1 . PHE A 1 112 ? 0.021   -7.463  -11.935 1.00 27.16 ? 112  PHE A CD1 1 
ATOM   862  C  CD2 . PHE A 1 112 ? -0.445  -6.904  -14.184 1.00 30.19 ? 112  PHE A CD2 1 
ATOM   863  C  CE1 . PHE A 1 112 ? -1.046  -6.695  -11.521 1.00 29.42 ? 112  PHE A CE1 1 
ATOM   864  C  CE2 . PHE A 1 112 ? -1.533  -6.123  -13.748 1.00 30.15 ? 112  PHE A CE2 1 
ATOM   865  C  CZ  . PHE A 1 112 ? -1.819  -6.031  -12.407 1.00 28.90 ? 112  PHE A CZ  1 
ATOM   866  N  N   . SER A 1 113 ? 3.093   -10.922 -15.034 1.00 28.61 ? 113  SER A N   1 
ATOM   867  C  CA  . SER A 1 113 ? 4.063   -11.365 -16.022 1.00 30.43 ? 113  SER A CA  1 
ATOM   868  C  C   . SER A 1 113 ? 3.389   -12.326 -17.034 1.00 31.25 ? 113  SER A C   1 
ATOM   869  O  O   . SER A 1 113 ? 3.591   -12.236 -18.248 1.00 29.33 ? 113  SER A O   1 
ATOM   870  C  CB  . SER A 1 113 ? 5.198   -12.075 -15.333 1.00 32.46 ? 113  SER A CB  1 
ATOM   871  O  OG  . SER A 1 113 ? 6.195   -12.377 -16.279 1.00 39.86 ? 113  SER A OG  1 
ATOM   872  N  N   . GLU A 1 114 ? 2.584   -13.249 -16.527 1.00 30.56 ? 114  GLU A N   1 
ATOM   873  C  CA  . GLU A 1 114 ? 1.923   -14.182 -17.426 1.00 32.03 ? 114  GLU A CA  1 
ATOM   874  C  C   . GLU A 1 114 ? 0.930   -13.436 -18.300 1.00 34.05 ? 114  GLU A C   1 
ATOM   875  O  O   . GLU A 1 114 ? 0.589   -13.898 -19.383 1.00 34.53 ? 114  GLU A O   1 
ATOM   876  C  CB  . GLU A 1 114 ? 1.227   -15.284 -16.636 1.00 31.54 ? 114  GLU A CB  1 
ATOM   877  C  CG  . GLU A 1 114 ? 2.177   -16.364 -16.096 1.00 30.63 ? 114  GLU A CG  1 
ATOM   878  C  CD  . GLU A 1 114 ? 1.456   -17.423 -15.273 1.00 31.77 ? 114  GLU A CD  1 
ATOM   879  O  OE1 . GLU A 1 114 ? 0.251   -17.683 -15.566 1.00 30.74 ? 114  GLU A OE1 1 
ATOM   880  O  OE2 . GLU A 1 114 ? 2.078   -17.976 -14.331 1.00 29.59 ? 114  GLU A OE2 1 
ATOM   881  N  N   . ASP A 1 115 ? 0.460   -12.283 -17.845 1.00 35.56 ? 115  ASP A N   1 
ATOM   882  C  CA  . ASP A 1 115 ? -0.491  -11.535 -18.656 1.00 38.31 ? 115  ASP A CA  1 
ATOM   883  C  C   . ASP A 1 115 ? 0.213   -10.671 -19.685 1.00 39.32 ? 115  ASP A C   1 
ATOM   884  O  O   . ASP A 1 115 ? -0.439  -9.940  -20.406 1.00 39.28 ? 115  ASP A O   1 
ATOM   885  C  CB  . ASP A 1 115 ? -1.395  -10.632 -17.809 1.00 39.52 ? 115  ASP A CB  1 
ATOM   886  C  CG  . ASP A 1 115 ? -2.632  -10.164 -18.575 1.00 41.49 ? 115  ASP A CG  1 
ATOM   887  O  OD1 . ASP A 1 115 ? -2.856  -8.930  -18.729 1.00 42.42 ? 115  ASP A OD1 1 
ATOM   888  O  OD2 . ASP A 1 115 ? -3.393  -11.049 -19.027 1.00 43.30 ? 115  ASP A OD2 1 
ATOM   889  N  N   . GLY A 1 116 ? 1.541   -10.759 -19.739 1.00 40.09 ? 116  GLY A N   1 
ATOM   890  C  CA  . GLY A 1 116 ? 2.298   -9.985  -20.706 1.00 41.35 ? 116  GLY A CA  1 
ATOM   891  C  C   . GLY A 1 116 ? 2.767   -8.609  -20.244 1.00 42.51 ? 116  GLY A C   1 
ATOM   892  O  O   . GLY A 1 116 ? 3.140   -7.779  -21.077 1.00 41.69 ? 116  GLY A O   1 
ATOM   893  N  N   . TYR A 1 117 ? 2.757   -8.339  -18.938 1.00 42.96 ? 117  TYR A N   1 
ATOM   894  C  CA  . TYR A 1 117 ? 3.224   -7.024  -18.481 1.00 44.56 ? 117  TYR A CA  1 
ATOM   895  C  C   . TYR A 1 117 ? 4.642   -7.100  -17.996 1.00 44.61 ? 117  TYR A C   1 
ATOM   896  O  O   . TYR A 1 117 ? 5.097   -8.133  -17.489 1.00 44.67 ? 117  TYR A O   1 
ATOM   897  C  CB  . TYR A 1 117 ? 2.354   -6.452  -17.351 1.00 44.12 ? 117  TYR A CB  1 
ATOM   898  C  CG  . TYR A 1 117 ? 1.032   -5.873  -17.793 1.00 45.48 ? 117  TYR A CG  1 
ATOM   899  C  CD1 . TYR A 1 117 ? -0.072  -6.695  -18.007 1.00 45.69 ? 117  TYR A CD1 1 
ATOM   900  C  CD2 . TYR A 1 117 ? 0.876   -4.494  -17.972 1.00 45.77 ? 117  TYR A CD2 1 
ATOM   901  C  CE1 . TYR A 1 117 ? -1.302  -6.160  -18.378 1.00 46.92 ? 117  TYR A CE1 1 
ATOM   902  C  CE2 . TYR A 1 117 ? -0.345  -3.949  -18.337 1.00 46.29 ? 117  TYR A CE2 1 
ATOM   903  C  CZ  . TYR A 1 117 ? -1.434  -4.791  -18.537 1.00 47.13 ? 117  TYR A CZ  1 
ATOM   904  O  OH  . TYR A 1 117 ? -2.661  -4.276  -18.865 1.00 48.18 ? 117  TYR A OH  1 
ATOM   905  N  N   . GLU A 1 118 ? 5.361   -6.001  -18.170 1.00 46.71 ? 118  GLU A N   1 
ATOM   906  C  CA  . GLU A 1 118 ? 6.732   -5.935  -17.699 1.00 47.67 ? 118  GLU A CA  1 
ATOM   907  C  C   . GLU A 1 118 ? 6.538   -5.525  -16.250 1.00 46.42 ? 118  GLU A C   1 
ATOM   908  O  O   . GLU A 1 118 ? 5.770   -4.597  -15.940 1.00 46.27 ? 118  GLU A O   1 
ATOM   909  C  CB  . GLU A 1 118 ? 7.544   -4.878  -18.478 1.00 51.26 ? 118  GLU A CB  1 
ATOM   910  C  CG  . GLU A 1 118 ? 8.439   -5.476  -19.607 1.00 55.39 ? 118  GLU A CG  1 
ATOM   911  C  CD  . GLU A 1 118 ? 9.409   -4.449  -20.228 1.00 58.08 ? 118  GLU A CD  1 
ATOM   912  O  OE1 . GLU A 1 118 ? 8.938   -3.377  -20.694 1.00 60.45 ? 118  GLU A OE1 1 
ATOM   913  O  OE2 . GLU A 1 118 ? 10.642  -4.713  -20.255 1.00 59.53 ? 118  GLU A OE2 1 
ATOM   914  N  N   . VAL A 1 119 ? 7.176   -6.255  -15.359 1.00 44.77 ? 119  VAL A N   1 
ATOM   915  C  CA  . VAL A 1 119 ? 7.037   -5.965  -13.954 1.00 43.52 ? 119  VAL A CA  1 
ATOM   916  C  C   . VAL A 1 119 ? 8.398   -5.600  -13.411 1.00 43.80 ? 119  VAL A C   1 
ATOM   917  O  O   . VAL A 1 119 ? 9.376   -6.280  -13.704 1.00 43.53 ? 119  VAL A O   1 
ATOM   918  C  CB  . VAL A 1 119 ? 6.521   -7.179  -13.189 1.00 43.56 ? 119  VAL A CB  1 
ATOM   919  C  CG1 . VAL A 1 119 ? 6.277   -6.804  -11.735 1.00 43.65 ? 119  VAL A CG1 1 
ATOM   920  C  CG2 . VAL A 1 119 ? 5.204   -7.680  -13.814 1.00 42.33 ? 119  VAL A CG2 1 
ATOM   921  N  N   . THR A 1 120 ? 8.438   -4.520  -12.638 1.00 43.11 ? 120  THR A N   1 
ATOM   922  C  CA  . THR A 1 120 ? 9.658   -4.036  -11.996 1.00 42.72 ? 120  THR A CA  1 
ATOM   923  C  C   . THR A 1 120 ? 9.540   -4.252  -10.495 1.00 42.63 ? 120  THR A C   1 
ATOM   924  O  O   . THR A 1 120 ? 8.524   -3.901  -9.896  1.00 43.14 ? 120  THR A O   1 
ATOM   925  C  CB  . THR A 1 120 ? 9.838   -2.527  -12.195 1.00 41.36 ? 120  THR A CB  1 
ATOM   926  O  OG1 . THR A 1 120 ? 9.859   -2.224  -13.590 1.00 40.30 ? 120  THR A OG1 1 
ATOM   927  C  CG2 . THR A 1 120 ? 11.134  -2.052  -11.510 1.00 41.41 ? 120  THR A CG2 1 
ATOM   928  N  N   . ALA A 1 121 ? 10.572  -4.825  -9.899  1.00 43.67 ? 121  ALA A N   1 
ATOM   929  C  CA  . ALA A 1 121 ? 10.618  -5.069  -8.459  1.00 45.33 ? 121  ALA A CA  1 
ATOM   930  C  C   . ALA A 1 121 ? 11.643  -4.076  -7.894  1.00 47.38 ? 121  ALA A C   1 
ATOM   931  O  O   . ALA A 1 121 ? 12.824  -4.398  -7.774  1.00 47.34 ? 121  ALA A O   1 
ATOM   932  C  CB  . ALA A 1 121 ? 11.073  -6.471  -8.206  1.00 45.12 ? 121  ALA A CB  1 
ATOM   933  N  N   . PRO A 1 122 ? 11.213  -2.853  -7.552  1.00 48.55 ? 122  PRO A N   1 
ATOM   934  C  CA  . PRO A 1 122 ? 12.173  -1.875  -7.019  1.00 50.48 ? 122  PRO A CA  1 
ATOM   935  C  C   . PRO A 1 122 ? 12.957  -2.386  -5.806  1.00 52.04 ? 122  PRO A C   1 
ATOM   936  O  O   . PRO A 1 122 ? 12.481  -3.248  -5.072  1.00 52.09 ? 122  PRO A O   1 
ATOM   937  C  CB  . PRO A 1 122 ? 11.290  -0.666  -6.690  1.00 49.97 ? 122  PRO A CB  1 
ATOM   938  C  CG  . PRO A 1 122 ? 10.158  -0.801  -7.662  1.00 49.31 ? 122  PRO A CG  1 
ATOM   939  C  CD  . PRO A 1 122 ? 9.857   -2.287  -7.575  1.00 48.96 ? 122  PRO A CD  1 
ATOM   940  N  N   . PRO A 1 123 ? 14.178  -1.853  -5.584  1.00 53.57 ? 123  PRO A N   1 
ATOM   941  C  CA  . PRO A 1 123 ? 14.992  -2.296  -4.441  1.00 54.58 ? 123  PRO A CA  1 
ATOM   942  C  C   . PRO A 1 123 ? 14.230  -1.971  -3.173  1.00 55.41 ? 123  PRO A C   1 
ATOM   943  O  O   . PRO A 1 123 ? 13.632  -0.903  -3.075  1.00 56.16 ? 123  PRO A O   1 
ATOM   944  C  CB  . PRO A 1 123 ? 16.270  -1.442  -4.544  1.00 54.62 ? 123  PRO A CB  1 
ATOM   945  C  CG  . PRO A 1 123 ? 16.236  -0.845  -5.940  1.00 54.50 ? 123  PRO A CG  1 
ATOM   946  C  CD  . PRO A 1 123 ? 14.757  -0.649  -6.207  1.00 54.09 ? 123  PRO A CD  1 
ATOM   947  N  N   . LEU A 1 124 ? 14.238  -2.877  -2.208  1.00 56.46 ? 124  LEU A N   1 
ATOM   948  C  CA  . LEU A 1 124 ? 13.533  -2.617  -0.960  1.00 57.73 ? 124  LEU A CA  1 
ATOM   949  C  C   . LEU A 1 124 ? 14.291  -1.609  -0.085  1.00 58.75 ? 124  LEU A C   1 
ATOM   950  O  O   . LEU A 1 124 ? 15.500  -1.731  0.113   1.00 59.04 ? 124  LEU A O   1 
ATOM   951  C  CB  . LEU A 1 124 ? 13.328  -3.930  -0.199  1.00 57.40 ? 124  LEU A CB  1 
ATOM   952  C  CG  . LEU A 1 124 ? 12.477  -4.959  -0.950  1.00 57.05 ? 124  LEU A CG  1 
ATOM   953  C  CD1 . LEU A 1 124 ? 12.400  -6.239  -0.154  1.00 56.64 ? 124  LEU A CD1 1 
ATOM   954  C  CD2 . LEU A 1 124 ? 11.079  -4.392  -1.185  1.00 56.83 ? 124  LEU A CD2 1 
ATOM   955  N  N   . PHE A 1 125 ? 13.568  -0.616  0.430   1.00 59.29 ? 125  PHE A N   1 
ATOM   956  C  CA  . PHE A 1 125 ? 14.143  0.417   1.290   1.00 59.79 ? 125  PHE A CA  1 
ATOM   957  C  C   . PHE A 1 125 ? 14.052  -0.076  2.742   1.00 59.87 ? 125  PHE A C   1 
ATOM   958  O  O   . PHE A 1 125 ? 12.950  -0.210  3.282   1.00 59.35 ? 125  PHE A O   1 
ATOM   959  C  CB  . PHE A 1 125 ? 13.345  1.715   1.098   1.00 60.59 ? 125  PHE A CB  1 
ATOM   960  C  CG  . PHE A 1 125 ? 14.000  2.948   1.672   1.00 61.89 ? 125  PHE A CG  1 
ATOM   961  C  CD1 . PHE A 1 125 ? 15.296  3.318   1.296   1.00 62.39 ? 125  PHE A CD1 1 
ATOM   962  C  CD2 . PHE A 1 125 ? 13.301  3.771   2.561   1.00 62.15 ? 125  PHE A CD2 1 
ATOM   963  C  CE1 . PHE A 1 125 ? 15.885  4.488   1.793   1.00 62.73 ? 125  PHE A CE1 1 
ATOM   964  C  CE2 . PHE A 1 125 ? 13.879  4.947   3.066   1.00 62.57 ? 125  PHE A CE2 1 
ATOM   965  C  CZ  . PHE A 1 125 ? 15.175  5.307   2.679   1.00 62.57 ? 125  PHE A CZ  1 
ATOM   966  N  N   . TYR A 1 126 ? 15.197  -0.370  3.357   1.00 59.93 ? 126  TYR A N   1 
ATOM   967  C  CA  . TYR A 1 126 ? 15.239  -0.851  4.745   1.00 60.54 ? 126  TYR A CA  1 
ATOM   968  C  C   . TYR A 1 126 ? 14.254  -1.982  5.022   1.00 60.29 ? 126  TYR A C   1 
ATOM   969  O  O   . TYR A 1 126 ? 13.477  -1.923  5.977   1.00 59.39 ? 126  TYR A O   1 
ATOM   970  C  CB  . TYR A 1 126 ? 14.969  0.306   5.711   1.00 61.82 ? 126  TYR A CB  1 
ATOM   971  C  CG  . TYR A 1 126 ? 16.135  1.254   5.793   1.00 63.54 ? 126  TYR A CG  1 
ATOM   972  C  CD1 . TYR A 1 126 ? 17.329  0.851   6.386   1.00 64.19 ? 126  TYR A CD1 1 
ATOM   973  C  CD2 . TYR A 1 126 ? 16.078  2.521   5.204   1.00 64.19 ? 126  TYR A CD2 1 
ATOM   974  C  CE1 . TYR A 1 126 ? 18.450  1.675   6.390   1.00 64.93 ? 126  TYR A CE1 1 
ATOM   975  C  CE2 . TYR A 1 126 ? 17.191  3.358   5.198   1.00 65.24 ? 126  TYR A CE2 1 
ATOM   976  C  CZ  . TYR A 1 126 ? 18.379  2.924   5.796   1.00 65.59 ? 126  TYR A CZ  1 
ATOM   977  O  OH  . TYR A 1 126 ? 19.501  3.731   5.787   1.00 66.82 ? 126  TYR A OH  1 
ATOM   978  N  N   . ARG A 1 127 ? 14.320  -3.016  4.186   1.00 60.10 ? 127  ARG A N   1 
ATOM   979  C  CA  . ARG A 1 127 ? 13.434  -4.160  4.293   1.00 60.55 ? 127  ARG A CA  1 
ATOM   980  C  C   . ARG A 1 127 ? 13.251  -4.749  5.679   1.00 59.81 ? 127  ARG A C   1 
ATOM   981  O  O   . ARG A 1 127 ? 12.196  -5.293  5.970   1.00 59.42 ? 127  ARG A O   1 
ATOM   982  C  CB  . ARG A 1 127 ? 13.872  -5.273  3.336   1.00 62.12 ? 127  ARG A CB  1 
ATOM   983  C  CG  . ARG A 1 127 ? 15.266  -5.840  3.555   1.00 64.24 ? 127  ARG A CG  1 
ATOM   984  C  CD  . ARG A 1 127 ? 15.489  -6.978  2.559   1.00 66.32 ? 127  ARG A CD  1 
ATOM   985  N  NE  . ARG A 1 127 ? 16.887  -7.407  2.445   1.00 68.39 ? 127  ARG A NE  1 
ATOM   986  C  CZ  . ARG A 1 127 ? 17.551  -8.127  3.351   1.00 69.56 ? 127  ARG A CZ  1 
ATOM   987  N  NH1 . ARG A 1 127 ? 16.954  -8.524  4.475   1.00 70.20 ? 127  ARG A NH1 1 
ATOM   988  N  NH2 . ARG A 1 127 ? 18.824  -8.460  3.125   1.00 70.05 ? 127  ARG A NH2 1 
ATOM   989  N  N   . ASP A 1 128 ? 14.250  -4.638  6.548   1.00 59.06 ? 128  ASP A N   1 
ATOM   990  C  CA  . ASP A 1 128 ? 14.102  -5.222  7.877   1.00 58.77 ? 128  ASP A CA  1 
ATOM   991  C  C   . ASP A 1 128 ? 13.295  -4.409  8.891   1.00 57.65 ? 128  ASP A C   1 
ATOM   992  O  O   . ASP A 1 128 ? 12.933  -4.918  9.959   1.00 57.47 ? 128  ASP A O   1 
ATOM   993  C  CB  . ASP A 1 128 ? 15.477  -5.584  8.456   1.00 61.16 ? 128  ASP A CB  1 
ATOM   994  C  CG  . ASP A 1 128 ? 16.140  -6.741  7.700   1.00 62.79 ? 128  ASP A CG  1 
ATOM   995  O  OD1 . ASP A 1 128 ? 15.417  -7.472  6.969   1.00 63.48 ? 128  ASP A OD1 1 
ATOM   996  O  OD2 . ASP A 1 128 ? 17.375  -6.924  7.843   1.00 63.54 ? 128  ASP A OD2 1 
ATOM   997  N  N   . ARG A 1 129 ? 13.010  -3.152  8.574   1.00 56.11 ? 129  ARG A N   1 
ATOM   998  C  CA  . ARG A 1 129 ? 12.217  -2.335  9.474   1.00 54.00 ? 129  ARG A CA  1 
ATOM   999  C  C   . ARG A 1 129 ? 10.994  -1.792  8.735   1.00 51.94 ? 129  ARG A C   1 
ATOM   1000 O  O   . ARG A 1 129 ? 9.953   -1.587  9.348   1.00 51.48 ? 129  ARG A O   1 
ATOM   1001 C  CB  . ARG A 1 129 ? 13.054  -1.184  10.054  1.00 55.69 ? 129  ARG A CB  1 
ATOM   1002 C  CG  . ARG A 1 129 ? 13.703  -0.275  9.010   1.00 58.45 ? 129  ARG A CG  1 
ATOM   1003 C  CD  . ARG A 1 129 ? 14.701  0.720   9.651   1.00 60.06 ? 129  ARG A CD  1 
ATOM   1004 N  NE  . ARG A 1 129 ? 15.613  0.079   10.609  1.00 62.22 ? 129  ARG A NE  1 
ATOM   1005 C  CZ  . ARG A 1 129 ? 16.491  -0.897  10.329  1.00 63.20 ? 129  ARG A CZ  1 
ATOM   1006 N  NH1 . ARG A 1 129 ? 16.611  -1.389  9.091   1.00 63.69 ? 129  ARG A NH1 1 
ATOM   1007 N  NH2 . ARG A 1 129 ? 17.261  -1.388  11.300  1.00 62.79 ? 129  ARG A NH2 1 
ATOM   1008 N  N   . TYR A 1 130 ? 11.098  -1.581  7.423   1.00 48.87 ? 130  TYR A N   1 
ATOM   1009 C  CA  . TYR A 1 130 ? 9.945   -1.053  6.690   1.00 46.33 ? 130  TYR A CA  1 
ATOM   1010 C  C   . TYR A 1 130 ? 9.024   -2.145  6.105   1.00 44.24 ? 130  TYR A C   1 
ATOM   1011 O  O   . TYR A 1 130 ? 9.076   -2.442  4.923   1.00 42.69 ? 130  TYR A O   1 
ATOM   1012 C  CB  . TYR A 1 130 ? 10.412  -0.081  5.592   1.00 47.35 ? 130  TYR A CB  1 
ATOM   1013 C  CG  . TYR A 1 130 ? 11.009  1.209   6.141   1.00 48.16 ? 130  TYR A CG  1 
ATOM   1014 C  CD1 . TYR A 1 130 ? 11.676  2.108   5.303   1.00 48.43 ? 130  TYR A CD1 1 
ATOM   1015 C  CD2 . TYR A 1 130 ? 10.944  1.504   7.506   1.00 48.21 ? 130  TYR A CD2 1 
ATOM   1016 C  CE1 . TYR A 1 130 ? 12.268  3.265   5.810   1.00 48.52 ? 130  TYR A CE1 1 
ATOM   1017 C  CE2 . TYR A 1 130 ? 11.527  2.652   8.026   1.00 48.44 ? 130  TYR A CE2 1 
ATOM   1018 C  CZ  . TYR A 1 130 ? 12.185  3.533   7.182   1.00 48.96 ? 130  TYR A CZ  1 
ATOM   1019 O  OH  . TYR A 1 130 ? 12.714  4.691   7.699   1.00 47.74 ? 130  TYR A OH  1 
ATOM   1020 N  N   . SER A 1 131 ? 8.194   -2.744  6.956   1.00 41.76 ? 131  SER A N   1 
ATOM   1021 C  CA  . SER A 1 131 ? 7.260   -3.784  6.529   1.00 39.83 ? 131  SER A CA  1 
ATOM   1022 C  C   . SER A 1 131 ? 6.036   -3.673  7.416   1.00 39.18 ? 131  SER A C   1 
ATOM   1023 O  O   . SER A 1 131 ? 6.143   -3.381  8.612   1.00 38.42 ? 131  SER A O   1 
ATOM   1024 C  CB  . SER A 1 131 ? 7.873   -5.171  6.704   1.00 39.73 ? 131  SER A CB  1 
ATOM   1025 O  OG  . SER A 1 131 ? 7.739   -5.614  8.049   1.00 40.73 ? 131  SER A OG  1 
ATOM   1026 N  N   . GLY A 1 132 ? 4.854   -3.894  6.861   1.00 37.38 ? 132  GLY A N   1 
ATOM   1027 C  CA  . GLY A 1 132 ? 3.683   -3.784  7.703   1.00 36.20 ? 132  GLY A CA  1 
ATOM   1028 C  C   . GLY A 1 132 ? 3.800   -4.704  8.907   1.00 35.33 ? 132  GLY A C   1 
ATOM   1029 O  O   . GLY A 1 132 ? 3.381   -4.346  10.000  1.00 34.54 ? 132  GLY A O   1 
ATOM   1030 N  N   . THR A 1 133 ? 4.343   -5.901  8.691   1.00 36.18 ? 133  THR A N   1 
ATOM   1031 C  CA  . THR A 1 133 ? 4.500   -6.876  9.764   1.00 36.40 ? 133  THR A CA  1 
ATOM   1032 C  C   . THR A 1 133 ? 5.286   -6.290  10.945  1.00 36.61 ? 133  THR A C   1 
ATOM   1033 O  O   . THR A 1 133 ? 4.852   -6.376  12.098  1.00 34.82 ? 133  THR A O   1 
ATOM   1034 C  CB  . THR A 1 133 ? 5.215   -8.139  9.260   1.00 37.94 ? 133  THR A CB  1 
ATOM   1035 O  OG1 . THR A 1 133 ? 4.433   -8.761  8.224   1.00 39.85 ? 133  THR A OG1 1 
ATOM   1036 C  CG2 . THR A 1 133 ? 5.376   -9.143  10.393  1.00 37.58 ? 133  THR A CG2 1 
ATOM   1037 N  N   . GLU A 1 134 ? 6.429   -5.676  10.649  1.00 36.95 ? 134  GLU A N   1 
ATOM   1038 C  CA  . GLU A 1 134 ? 7.225   -5.100  11.721  1.00 37.64 ? 134  GLU A CA  1 
ATOM   1039 C  C   . GLU A 1 134 ? 6.457   -3.959  12.400  1.00 36.40 ? 134  GLU A C   1 
ATOM   1040 O  O   . GLU A 1 134 ? 6.425   -3.888  13.638  1.00 37.19 ? 134  GLU A O   1 
ATOM   1041 C  CB  . GLU A 1 134 ? 8.589   -4.620  11.199  1.00 38.31 ? 134  GLU A CB  1 
ATOM   1042 C  CG  . GLU A 1 134 ? 9.499   -3.973  12.284  1.00 39.95 ? 134  GLU A CG  1 
ATOM   1043 C  CD  . GLU A 1 134 ? 9.910   -4.930  13.412  1.00 41.81 ? 134  GLU A CD  1 
ATOM   1044 O  OE1 . GLU A 1 134 ? 10.344  -4.460  14.501  1.00 43.04 ? 134  GLU A OE1 1 
ATOM   1045 O  OE2 . GLU A 1 134 ? 9.818   -6.164  13.225  1.00 43.55 ? 134  GLU A OE2 1 
ATOM   1046 N  N   . VAL A 1 135 ? 5.825   -3.078  11.622  1.00 34.88 ? 135  VAL A N   1 
ATOM   1047 C  CA  . VAL A 1 135 ? 5.071   -1.980  12.219  1.00 32.96 ? 135  VAL A CA  1 
ATOM   1048 C  C   . VAL A 1 135 ? 4.006   -2.515  13.181  1.00 33.79 ? 135  VAL A C   1 
ATOM   1049 O  O   . VAL A 1 135 ? 3.847   -2.021  14.322  1.00 33.27 ? 135  VAL A O   1 
ATOM   1050 C  CB  . VAL A 1 135 ? 4.306   -1.143  11.158  1.00 33.20 ? 135  VAL A CB  1 
ATOM   1051 C  CG1 . VAL A 1 135 ? 3.325   -0.214  11.834  1.00 28.64 ? 135  VAL A CG1 1 
ATOM   1052 C  CG2 . VAL A 1 135 ? 5.268   -0.360  10.285  1.00 33.19 ? 135  VAL A CG2 1 
ATOM   1053 N  N   . ARG A 1 136 ? 3.243   -3.509  12.719  1.00 33.57 ? 136  ARG A N   1 
ATOM   1054 C  CA  . ARG A 1 136 ? 2.187   -4.050  13.556  1.00 33.35 ? 136  ARG A CA  1 
ATOM   1055 C  C   . ARG A 1 136 ? 2.762   -4.833  14.740  1.00 33.89 ? 136  ARG A C   1 
ATOM   1056 O  O   . ARG A 1 136 ? 2.141   -4.931  15.789  1.00 33.70 ? 136  ARG A O   1 
ATOM   1057 C  CB  . ARG A 1 136 ? 1.223   -4.928  12.711  1.00 32.03 ? 136  ARG A CB  1 
ATOM   1058 C  CG  . ARG A 1 136 ? 0.530   -4.138  11.553  1.00 29.91 ? 136  ARG A CG  1 
ATOM   1059 C  CD  . ARG A 1 136 ? -0.575  -5.030  10.898  1.00 27.80 ? 136  ARG A CD  1 
ATOM   1060 N  NE  . ARG A 1 136 ? -0.037  -6.328  10.501  1.00 27.93 ? 136  ARG A NE  1 
ATOM   1061 C  CZ  . ARG A 1 136 ? 0.582   -6.558  9.350   1.00 28.21 ? 136  ARG A CZ  1 
ATOM   1062 N  NH1 . ARG A 1 136 ? 0.747   -5.575  8.465   1.00 27.11 ? 136  ARG A NH1 1 
ATOM   1063 N  NH2 . ARG A 1 136 ? 1.035   -7.776  9.086   1.00 29.45 ? 136  ARG A NH2 1 
ATOM   1064 N  N   . ARG A 1 137 ? 3.951   -5.390  14.585  1.00 35.57 ? 137  ARG A N   1 
ATOM   1065 C  CA  . ARG A 1 137 ? 4.549   -6.112  15.715  1.00 37.89 ? 137  ARG A CA  1 
ATOM   1066 C  C   . ARG A 1 137 ? 4.940   -5.073  16.812  1.00 37.04 ? 137  ARG A C   1 
ATOM   1067 O  O   . ARG A 1 137 ? 4.757   -5.321  18.005  1.00 36.72 ? 137  ARG A O   1 
ATOM   1068 C  CB  . ARG A 1 137 ? 5.786   -6.884  15.230  1.00 41.35 ? 137  ARG A CB  1 
ATOM   1069 C  CG  . ARG A 1 137 ? 6.627   -7.538  16.331  1.00 46.64 ? 137  ARG A CG  1 
ATOM   1070 C  CD  . ARG A 1 137 ? 7.946   -8.095  15.739  1.00 50.31 ? 137  ARG A CD  1 
ATOM   1071 N  NE  . ARG A 1 137 ? 7.726   -9.315  14.949  1.00 54.06 ? 137  ARG A NE  1 
ATOM   1072 C  CZ  . ARG A 1 137 ? 7.761   -9.401  13.613  1.00 55.73 ? 137  ARG A CZ  1 
ATOM   1073 N  NH1 . ARG A 1 137 ? 8.018   -8.327  12.851  1.00 56.80 ? 137  ARG A NH1 1 
ATOM   1074 N  NH2 . ARG A 1 137 ? 7.517   -10.573 13.028  1.00 55.88 ? 137  ARG A NH2 1 
ATOM   1075 N  N   . ARG A 1 138 ? 5.451   -3.913  16.401  1.00 35.95 ? 138  ARG A N   1 
ATOM   1076 C  CA  . ARG A 1 138 ? 5.841   -2.874  17.346  1.00 35.10 ? 138  ARG A CA  1 
ATOM   1077 C  C   . ARG A 1 138 ? 4.651   -2.225  18.011  1.00 35.98 ? 138  ARG A C   1 
ATOM   1078 O  O   . ARG A 1 138 ? 4.709   -1.853  19.207  1.00 33.63 ? 138  ARG A O   1 
ATOM   1079 C  CB  . ARG A 1 138 ? 6.691   -1.809  16.664  1.00 35.70 ? 138  ARG A CB  1 
ATOM   1080 C  CG  . ARG A 1 138 ? 8.040   -2.340  16.175  1.00 35.92 ? 138  ARG A CG  1 
ATOM   1081 C  CD  . ARG A 1 138 ? 8.969   -1.212  15.786  1.00 36.34 ? 138  ARG A CD  1 
ATOM   1082 N  NE  . ARG A 1 138 ? 10.170  -1.731  15.142  1.00 37.35 ? 138  ARG A NE  1 
ATOM   1083 C  CZ  . ARG A 1 138 ? 11.197  -0.991  14.740  1.00 37.39 ? 138  ARG A CZ  1 
ATOM   1084 N  NH1 . ARG A 1 138 ? 11.214  0.333   14.901  1.00 37.64 ? 138  ARG A NH1 1 
ATOM   1085 N  NH2 . ARG A 1 138 ? 12.220  -1.597  14.171  1.00 39.21 ? 138  ARG A NH2 1 
ATOM   1086 N  N   . MET A 1 139 ? 3.549   -2.095  17.263  1.00 34.92 ? 139  MET A N   1 
ATOM   1087 C  CA  . MET A 1 139 ? 2.351   -1.505  17.844  1.00 36.19 ? 139  MET A CA  1 
ATOM   1088 C  C   . MET A 1 139 ? 1.849   -2.436  18.951  1.00 37.35 ? 139  MET A C   1 
ATOM   1089 O  O   . MET A 1 139 ? 1.445   -1.985  20.033  1.00 37.70 ? 139  MET A O   1 
ATOM   1090 C  CB  . MET A 1 139 ? 1.250   -1.343  16.786  1.00 35.59 ? 139  MET A CB  1 
ATOM   1091 C  CG  . MET A 1 139 ? 1.616   -0.474  15.597  1.00 35.22 ? 139  MET A CG  1 
ATOM   1092 S  SD  . MET A 1 139 ? 0.156   -0.414  14.503  1.00 37.40 ? 139  MET A SD  1 
ATOM   1093 C  CE  . MET A 1 139 ? 0.200   1.262   13.826  1.00 34.70 ? 139  MET A CE  1 
ATOM   1094 N  N   . LEU A 1 140 ? 1.898   -3.737  18.686  1.00 37.94 ? 140  LEU A N   1 
ATOM   1095 C  CA  . LEU A 1 140 ? 1.416   -4.722  19.656  1.00 39.70 ? 140  LEU A CA  1 
ATOM   1096 C  C   . LEU A 1 140 ? 2.323   -4.871  20.897  1.00 41.41 ? 140  LEU A C   1 
ATOM   1097 O  O   . LEU A 1 140 ? 1.842   -4.890  22.035  1.00 41.39 ? 140  LEU A O   1 
ATOM   1098 C  CB  . LEU A 1 140 ? 1.284   -6.075  18.972  1.00 40.20 ? 140  LEU A CB  1 
ATOM   1099 C  CG  . LEU A 1 140 ? 0.119   -6.291  18.001  1.00 40.86 ? 140  LEU A CG  1 
ATOM   1100 C  CD1 . LEU A 1 140 ? 0.326   -7.599  17.263  1.00 42.35 ? 140  LEU A CD1 1 
ATOM   1101 C  CD2 . LEU A 1 140 ? -1.196  -6.311  18.746  1.00 41.22 ? 140  LEU A CD2 1 
ATOM   1102 N  N   . ASP A 1 141 ? 3.623   -4.960  20.674  1.00 42.16 ? 141  ASP A N   1 
ATOM   1103 C  CA  . ASP A 1 141 ? 4.557   -5.145  21.779  1.00 44.64 ? 141  ASP A CA  1 
ATOM   1104 C  C   . ASP A 1 141 ? 5.131   -3.853  22.394  1.00 45.05 ? 141  ASP A C   1 
ATOM   1105 O  O   . ASP A 1 141 ? 6.056   -3.886  23.210  1.00 45.15 ? 141  ASP A O   1 
ATOM   1106 C  CB  . ASP A 1 141 ? 5.686   -6.084  21.319  1.00 46.39 ? 141  ASP A CB  1 
ATOM   1107 C  CG  . ASP A 1 141 ? 5.162   -7.449  20.806  1.00 48.63 ? 141  ASP A CG  1 
ATOM   1108 O  OD1 . ASP A 1 141 ? 4.019   -7.871  21.176  1.00 49.20 ? 141  ASP A OD1 1 
ATOM   1109 O  OD2 . ASP A 1 141 ? 5.910   -8.117  20.037  1.00 49.26 ? 141  ASP A OD2 1 
ATOM   1110 N  N   . ASP A 1 142 ? 4.566   -2.716  22.021  1.00 44.88 ? 142  ASP A N   1 
ATOM   1111 C  CA  . ASP A 1 142 ? 5.016   -1.434  22.541  1.00 45.10 ? 142  ASP A CA  1 
ATOM   1112 C  C   . ASP A 1 142 ? 6.396   -0.975  22.080  1.00 44.25 ? 142  ASP A C   1 
ATOM   1113 O  O   . ASP A 1 142 ? 7.075   -0.235  22.801  1.00 43.66 ? 142  ASP A O   1 
ATOM   1114 C  CB  . ASP A 1 142 ? 4.957   -1.428  24.080  1.00 46.35 ? 142  ASP A CB  1 
ATOM   1115 C  CG  . ASP A 1 142 ? 3.531   -1.421  24.607  1.00 47.46 ? 142  ASP A CG  1 
ATOM   1116 O  OD1 . ASP A 1 142 ? 2.684   -0.726  23.994  1.00 47.98 ? 142  ASP A OD1 1 
ATOM   1117 O  OD2 . ASP A 1 142 ? 3.254   -2.093  25.628  1.00 46.91 ? 142  ASP A OD2 1 
ATOM   1118 N  N   . GLY A 1 143 ? 6.802   -1.411  20.884  1.00 42.88 ? 143  GLY A N   1 
ATOM   1119 C  CA  . GLY A 1 143 ? 8.075   -0.998  20.315  1.00 41.26 ? 143  GLY A CA  1 
ATOM   1120 C  C   . GLY A 1 143 ? 7.923   0.339   19.605  1.00 40.22 ? 143  GLY A C   1 
ATOM   1121 O  O   . GLY A 1 143 ? 6.863   0.953   19.666  1.00 40.78 ? 143  GLY A O   1 
ATOM   1122 N  N   . ASP A 1 144 ? 8.966   0.806   18.927  1.00 39.95 ? 144  ASP A N   1 
ATOM   1123 C  CA  . ASP A 1 144 ? 8.885   2.099   18.244  1.00 39.90 ? 144  ASP A CA  1 
ATOM   1124 C  C   . ASP A 1 144 ? 8.325   1.955   16.826  1.00 39.61 ? 144  ASP A C   1 
ATOM   1125 O  O   . ASP A 1 144 ? 9.082   1.813   15.854  1.00 39.02 ? 144  ASP A O   1 
ATOM   1126 C  CB  . ASP A 1 144 ? 10.271  2.754   18.183  1.00 40.80 ? 144  ASP A CB  1 
ATOM   1127 C  CG  . ASP A 1 144 ? 10.243  4.157   17.599  1.00 41.98 ? 144  ASP A CG  1 
ATOM   1128 O  OD1 . ASP A 1 144 ? 9.185   4.815   17.572  1.00 43.43 ? 144  ASP A OD1 1 
ATOM   1129 O  OD2 . ASP A 1 144 ? 11.308  4.638   17.171  1.00 44.99 ? 144  ASP A OD2 1 
ATOM   1130 N  N   . TRP A 1 145 ? 7.000   1.999   16.716  1.00 38.56 ? 145  TRP A N   1 
ATOM   1131 C  CA  . TRP A 1 145 ? 6.368   1.888   15.398  1.00 37.93 ? 145  TRP A CA  1 
ATOM   1132 C  C   . TRP A 1 145 ? 6.298   3.246   14.726  1.00 37.80 ? 145  TRP A C   1 
ATOM   1133 O  O   . TRP A 1 145 ? 6.370   3.366   13.495  1.00 37.71 ? 145  TRP A O   1 
ATOM   1134 C  CB  . TRP A 1 145 ? 4.950   1.333   15.523  1.00 35.52 ? 145  TRP A CB  1 
ATOM   1135 C  CG  . TRP A 1 145 ? 4.077   2.041   16.481  1.00 34.84 ? 145  TRP A CG  1 
ATOM   1136 C  CD1 . TRP A 1 145 ? 3.981   1.808   17.838  1.00 34.61 ? 145  TRP A CD1 1 
ATOM   1137 C  CD2 . TRP A 1 145 ? 3.132   3.074   16.186  1.00 35.13 ? 145  TRP A CD2 1 
ATOM   1138 N  NE1 . TRP A 1 145 ? 3.031   2.630   18.392  1.00 34.62 ? 145  TRP A NE1 1 
ATOM   1139 C  CE2 . TRP A 1 145 ? 2.491   3.417   17.403  1.00 35.17 ? 145  TRP A CE2 1 
ATOM   1140 C  CE3 . TRP A 1 145 ? 2.751   3.741   15.009  1.00 35.75 ? 145  TRP A CE3 1 
ATOM   1141 C  CZ2 . TRP A 1 145 ? 1.498   4.392   17.475  1.00 35.62 ? 145  TRP A CZ2 1 
ATOM   1142 C  CZ3 . TRP A 1 145 ? 1.763   4.710   15.083  1.00 34.94 ? 145  TRP A CZ3 1 
ATOM   1143 C  CH2 . TRP A 1 145 ? 1.146   5.027   16.301  1.00 36.44 ? 145  TRP A CH2 1 
ATOM   1144 N  N   . ARG A 1 146 ? 6.176   4.283   15.537  1.00 37.72 ? 146  ARG A N   1 
ATOM   1145 C  CA  . ARG A 1 146 ? 6.033   5.603   14.977  1.00 38.14 ? 146  ARG A CA  1 
ATOM   1146 C  C   . ARG A 1 146 ? 7.167   6.035   14.088  1.00 38.30 ? 146  ARG A C   1 
ATOM   1147 O  O   . ARG A 1 146 ? 6.951   6.777   13.131  1.00 39.01 ? 146  ARG A O   1 
ATOM   1148 C  CB  . ARG A 1 146 ? 5.849   6.634   16.074  1.00 38.62 ? 146  ARG A CB  1 
ATOM   1149 C  CG  . ARG A 1 146 ? 4.641   6.428   16.936  1.00 38.02 ? 146  ARG A CG  1 
ATOM   1150 C  CD  . ARG A 1 146 ? 4.569   7.548   17.964  1.00 37.45 ? 146  ARG A CD  1 
ATOM   1151 N  NE  . ARG A 1 146 ? 3.235   7.719   18.549  1.00 37.43 ? 146  ARG A NE  1 
ATOM   1152 C  CZ  . ARG A 1 146 ? 2.767   6.960   19.529  1.00 37.31 ? 146  ARG A CZ  1 
ATOM   1153 N  NH1 . ARG A 1 146 ? 3.534   6.007   20.004  1.00 37.64 ? 146  ARG A NH1 1 
ATOM   1154 N  NH2 . ARG A 1 146 ? 1.545   7.148   20.029  1.00 38.12 ? 146  ARG A NH2 1 
ATOM   1155 N  N   . SER A 1 147 ? 8.379   5.598   14.369  1.00 37.94 ? 147  SER A N   1 
ATOM   1156 C  CA  . SER A 1 147 ? 9.460   6.065   13.525  1.00 38.95 ? 147  SER A CA  1 
ATOM   1157 C  C   . SER A 1 147 ? 9.456   5.372   12.149  1.00 38.87 ? 147  SER A C   1 
ATOM   1158 O  O   . SER A 1 147 ? 10.165  5.790   11.246  1.00 37.99 ? 147  SER A O   1 
ATOM   1159 C  CB  . SER A 1 147 ? 10.800  5.863   14.226  1.00 39.33 ? 147  SER A CB  1 
ATOM   1160 O  OG  . SER A 1 147 ? 11.152  4.500   14.221  1.00 42.02 ? 147  SER A OG  1 
ATOM   1161 N  N   . LEU A 1 148 ? 8.651   4.315   12.006  1.00 38.39 ? 148  LEU A N   1 
ATOM   1162 C  CA  . LEU A 1 148 ? 8.550   3.586   10.745  1.00 37.61 ? 148  LEU A CA  1 
ATOM   1163 C  C   . LEU A 1 148 ? 7.572   4.232   9.755   1.00 37.21 ? 148  LEU A C   1 
ATOM   1164 O  O   . LEU A 1 148 ? 7.596   3.945   8.549   1.00 36.72 ? 148  LEU A O   1 
ATOM   1165 C  CB  . LEU A 1 148 ? 8.094   2.173   11.036  1.00 37.34 ? 148  LEU A CB  1 
ATOM   1166 C  CG  . LEU A 1 148 ? 9.147   1.140   11.378  1.00 37.98 ? 148  LEU A CG  1 
ATOM   1167 C  CD1 . LEU A 1 148 ? 10.301  1.775   12.055  1.00 39.57 ? 148  LEU A CD1 1 
ATOM   1168 C  CD2 . LEU A 1 148 ? 8.516   0.017   12.216  1.00 37.84 ? 148  LEU A CD2 1 
ATOM   1169 N  N   . LEU A 1 149 ? 6.717   5.100   10.267  1.00 36.65 ? 149  LEU A N   1 
ATOM   1170 C  CA  . LEU A 1 149 ? 5.703   5.761   9.461   1.00 36.95 ? 149  LEU A CA  1 
ATOM   1171 C  C   . LEU A 1 149 ? 5.823   7.288   9.336   1.00 38.29 ? 149  LEU A C   1 
ATOM   1172 O  O   . LEU A 1 149 ? 6.354   7.954   10.230  1.00 38.68 ? 149  LEU A O   1 
ATOM   1173 C  CB  . LEU A 1 149 ? 4.325   5.463   10.057  1.00 36.02 ? 149  LEU A CB  1 
ATOM   1174 C  CG  . LEU A 1 149 ? 4.059   4.088   10.679  1.00 34.33 ? 149  LEU A CG  1 
ATOM   1175 C  CD1 . LEU A 1 149 ? 2.684   4.092   11.273  1.00 34.55 ? 149  LEU A CD1 1 
ATOM   1176 C  CD2 . LEU A 1 149 ? 4.250   2.976   9.648   1.00 34.27 ? 149  LEU A CD2 1 
ATOM   1177 N  N   . PRO A 1 150 ? 5.351   7.855   8.206   1.00 38.35 ? 150  PRO A N   1 
ATOM   1178 C  CA  . PRO A 1 150 ? 5.370   9.305   7.966   1.00 38.83 ? 150  PRO A CA  1 
ATOM   1179 C  C   . PRO A 1 150 ? 4.537   9.823   9.127   1.00 39.99 ? 150  PRO A C   1 
ATOM   1180 O  O   . PRO A 1 150 ? 3.632   9.111   9.604   1.00 39.96 ? 150  PRO A O   1 
ATOM   1181 C  CB  . PRO A 1 150 ? 4.602   9.457   6.666   1.00 37.65 ? 150  PRO A CB  1 
ATOM   1182 C  CG  . PRO A 1 150 ? 4.987   8.222   5.922   1.00 38.56 ? 150  PRO A CG  1 
ATOM   1183 C  CD  . PRO A 1 150 ? 4.986   7.119   6.977   1.00 38.52 ? 150  PRO A CD  1 
ATOM   1184 N  N   . GLU A 1 151 ? 4.793   11.047  9.575   1.00 40.30 ? 151  GLU A N   1 
ATOM   1185 C  CA  . GLU A 1 151 ? 4.054   11.544  10.717  1.00 40.15 ? 151  GLU A CA  1 
ATOM   1186 C  C   . GLU A 1 151 ? 2.580   11.757  10.478  1.00 38.51 ? 151  GLU A C   1 
ATOM   1187 O  O   . GLU A 1 151 ? 1.781   11.689  11.413  1.00 37.09 ? 151  GLU A O   1 
ATOM   1188 C  CB  . GLU A 1 151 ? 4.739   12.806  11.290  1.00 42.67 ? 151  GLU A CB  1 
ATOM   1189 C  CG  . GLU A 1 151 ? 6.115   12.470  11.927  1.00 47.29 ? 151  GLU A CG  1 
ATOM   1190 C  CD  . GLU A 1 151 ? 6.101   11.225  12.879  1.00 50.47 ? 151  GLU A CD  1 
ATOM   1191 O  OE1 . GLU A 1 151 ? 5.609   11.351  14.041  1.00 51.70 ? 151  GLU A OE1 1 
ATOM   1192 O  OE2 . GLU A 1 151 ? 6.585   10.112  12.472  1.00 51.21 ? 151  GLU A OE2 1 
ATOM   1193 N  N   . SER A 1 152 ? 2.190   11.991  9.230   1.00 36.79 ? 152  SER A N   1 
ATOM   1194 C  CA  . SER A 1 152 ? 0.778   12.175  8.965   1.00 36.07 ? 152  SER A CA  1 
ATOM   1195 C  C   . SER A 1 152 ? 0.030   10.857  9.196   1.00 34.38 ? 152  SER A C   1 
ATOM   1196 O  O   . SER A 1 152 ? -1.133  10.861  9.592   1.00 33.60 ? 152  SER A O   1 
ATOM   1197 C  CB  . SER A 1 152 ? 0.544   12.666  7.515   1.00 36.70 ? 152  SER A CB  1 
ATOM   1198 O  OG  . SER A 1 152 ? 1.303   11.875  6.604   1.00 39.06 ? 152  SER A OG  1 
ATOM   1199 N  N   . VAL A 1 153 ? 0.693   9.738   8.942   1.00 34.11 ? 153  VAL A N   1 
ATOM   1200 C  CA  . VAL A 1 153 ? 0.038   8.447   9.114   1.00 33.24 ? 153  VAL A CA  1 
ATOM   1201 C  C   . VAL A 1 153 ? -0.105  8.187   10.605  1.00 34.32 ? 153  VAL A C   1 
ATOM   1202 O  O   . VAL A 1 153 ? -1.164  7.739   11.077  1.00 32.22 ? 153  VAL A O   1 
ATOM   1203 C  CB  . VAL A 1 153 ? 0.855   7.328   8.402   1.00 34.11 ? 153  VAL A CB  1 
ATOM   1204 C  CG1 . VAL A 1 153 ? 0.275   5.927   8.707   1.00 33.72 ? 153  VAL A CG1 1 
ATOM   1205 C  CG2 . VAL A 1 153 ? 0.834   7.586   6.879   1.00 32.74 ? 153  VAL A CG2 1 
ATOM   1206 N  N   . VAL A 1 154 ? 0.946   8.495   11.369  1.00 34.43 ? 154  VAL A N   1 
ATOM   1207 C  CA  . VAL A 1 154 ? 0.825   8.279   12.807  1.00 35.10 ? 154  VAL A CA  1 
ATOM   1208 C  C   . VAL A 1 154 ? -0.370  9.072   13.314  1.00 34.19 ? 154  VAL A C   1 
ATOM   1209 O  O   . VAL A 1 154 ? -1.150  8.563   14.111  1.00 33.37 ? 154  VAL A O   1 
ATOM   1210 C  CB  . VAL A 1 154 ? 2.119   8.652   13.583  1.00 36.21 ? 154  VAL A CB  1 
ATOM   1211 C  CG1 . VAL A 1 154 ? 3.255   7.711   13.199  1.00 35.27 ? 154  VAL A CG1 1 
ATOM   1212 C  CG2 . VAL A 1 154 ? 2.488   10.058  13.289  1.00 38.99 ? 154  VAL A CG2 1 
ATOM   1213 N  N   . GLU A 1 155 ? -0.568  10.290  12.818  1.00 34.54 ? 155  GLU A N   1 
ATOM   1214 C  CA  . GLU A 1 155 ? -1.723  11.072  13.268  1.00 35.39 ? 155  GLU A CA  1 
ATOM   1215 C  C   . GLU A 1 155 ? -3.037  10.369  12.919  1.00 34.80 ? 155  GLU A C   1 
ATOM   1216 O  O   . GLU A 1 155 ? -4.031  10.410  13.679  1.00 33.69 ? 155  GLU A O   1 
ATOM   1217 C  CB  . GLU A 1 155 ? -1.727  12.459  12.619  1.00 38.29 ? 155  GLU A CB  1 
ATOM   1218 C  CG  . GLU A 1 155 ? -0.485  13.306  12.994  1.00 42.44 ? 155  GLU A CG  1 
ATOM   1219 C  CD  . GLU A 1 155 ? -0.535  14.727  12.429  1.00 45.11 ? 155  GLU A CD  1 
ATOM   1220 O  OE1 . GLU A 1 155 ? -1.447  15.028  11.621  1.00 46.80 ? 155  GLU A OE1 1 
ATOM   1221 O  OE2 . GLU A 1 155 ? 0.344   15.552  12.809  1.00 47.13 ? 155  GLU A OE2 1 
ATOM   1222 N  N   . VAL A 1 156 ? -3.085  9.774   11.733  1.00 33.65 ? 156  VAL A N   1 
ATOM   1223 C  CA  . VAL A 1 156 ? -4.313  9.103   11.381  1.00 33.04 ? 156  VAL A CA  1 
ATOM   1224 C  C   . VAL A 1 156 ? -4.549  7.931   12.329  1.00 32.25 ? 156  VAL A C   1 
ATOM   1225 O  O   . VAL A 1 156 ? -5.639  7.741   12.854  1.00 32.22 ? 156  VAL A O   1 
ATOM   1226 C  CB  . VAL A 1 156 ? -4.286  8.596   9.926   1.00 32.81 ? 156  VAL A CB  1 
ATOM   1227 C  CG1 . VAL A 1 156 ? -5.515  7.676   9.676   1.00 32.85 ? 156  VAL A CG1 1 
ATOM   1228 C  CG2 . VAL A 1 156 ? -4.310  9.804   8.962   1.00 31.85 ? 156  VAL A CG2 1 
ATOM   1229 N  N   . ILE A 1 157 ? -3.514  7.154   12.560  1.00 33.72 ? 157  ILE A N   1 
ATOM   1230 C  CA  . ILE A 1 157 ? -3.653  6.009   13.445  1.00 34.65 ? 157  ILE A CA  1 
ATOM   1231 C  C   . ILE A 1 157 ? -4.111  6.437   14.852  1.00 36.55 ? 157  ILE A C   1 
ATOM   1232 O  O   . ILE A 1 157 ? -4.927  5.759   15.497  1.00 34.75 ? 157  ILE A O   1 
ATOM   1233 C  CB  . ILE A 1 157 ? -2.356  5.226   13.465  1.00 33.44 ? 157  ILE A CB  1 
ATOM   1234 C  CG1 . ILE A 1 157 ? -2.183  4.570   12.092  1.00 33.36 ? 157  ILE A CG1 1 
ATOM   1235 C  CG2 . ILE A 1 157 ? -2.413  4.145   14.532  1.00 33.40 ? 157  ILE A CG2 1 
ATOM   1236 C  CD1 . ILE A 1 157 ? -0.849  3.917   11.857  1.00 30.99 ? 157  ILE A CD1 1 
ATOM   1237 N  N   . ASP A 1 158 ? -3.614  7.586   15.325  1.00 37.74 ? 158  ASP A N   1 
ATOM   1238 C  CA  . ASP A 1 158 ? -4.051  8.081   16.636  1.00 38.70 ? 158  ASP A CA  1 
ATOM   1239 C  C   . ASP A 1 158 ? -5.536  8.463   16.586  1.00 38.08 ? 158  ASP A C   1 
ATOM   1240 O  O   . ASP A 1 158 ? -6.312  8.117   17.468  1.00 37.52 ? 158  ASP A O   1 
ATOM   1241 C  CB  . ASP A 1 158 ? -3.220  9.314   17.066  1.00 40.46 ? 158  ASP A CB  1 
ATOM   1242 C  CG  . ASP A 1 158 ? -1.793  8.967   17.453  1.00 43.33 ? 158  ASP A CG  1 
ATOM   1243 O  OD1 . ASP A 1 158 ? -0.935  9.892   17.403  1.00 46.18 ? 158  ASP A OD1 1 
ATOM   1244 O  OD2 . ASP A 1 158 ? -1.504  7.799   17.816  1.00 44.41 ? 158  ASP A OD2 1 
ATOM   1245 N  N   . GLU A 1 159 ? -5.956  9.181   15.555  1.00 38.43 ? 159  GLU A N   1 
ATOM   1246 C  CA  . GLU A 1 159 ? -7.347  9.573   15.501  1.00 39.64 ? 159  GLU A CA  1 
ATOM   1247 C  C   . GLU A 1 159 ? -8.348  8.440   15.407  1.00 39.40 ? 159  GLU A C   1 
ATOM   1248 O  O   . GLU A 1 159 ? -9.447  8.581   15.905  1.00 39.56 ? 159  GLU A O   1 
ATOM   1249 C  CB  . GLU A 1 159 ? -7.575  10.537  14.352  1.00 42.29 ? 159  GLU A CB  1 
ATOM   1250 C  CG  . GLU A 1 159 ? -6.812  11.822  14.567  1.00 47.93 ? 159  GLU A CG  1 
ATOM   1251 C  CD  . GLU A 1 159 ? -6.668  12.631  13.292  1.00 50.94 ? 159  GLU A CD  1 
ATOM   1252 O  OE1 . GLU A 1 159 ? -7.712  12.941  12.668  1.00 53.08 ? 159  GLU A OE1 1 
ATOM   1253 O  OE2 . GLU A 1 159 ? -5.511  12.954  12.919  1.00 53.39 ? 159  GLU A OE2 1 
ATOM   1254 N  N   . ILE A 1 160 ? -7.989  7.326   14.776  1.00 38.38 ? 160  ILE A N   1 
ATOM   1255 C  CA  . ILE A 1 160 ? -8.925  6.203   14.654  1.00 37.09 ? 160  ILE A CA  1 
ATOM   1256 C  C   . ILE A 1 160 ? -8.692  5.144   15.747  1.00 37.32 ? 160  ILE A C   1 
ATOM   1257 O  O   . ILE A 1 160 ? -9.279  4.070   15.704  1.00 36.06 ? 160  ILE A O   1 
ATOM   1258 C  CB  . ILE A 1 160 ? -8.803  5.481   13.266  1.00 36.82 ? 160  ILE A CB  1 
ATOM   1259 C  CG1 . ILE A 1 160 ? -7.488  4.731   13.180  1.00 35.46 ? 160  ILE A CG1 1 
ATOM   1260 C  CG2 . ILE A 1 160 ? -8.883  6.480   12.128  1.00 36.94 ? 160  ILE A CG2 1 
ATOM   1261 C  CD1 . ILE A 1 160 ? -7.299  4.052   11.868  1.00 35.78 ? 160  ILE A CD1 1 
ATOM   1262 N  N   . ASN A 1 161 ? -7.861  5.461   16.740  1.00 37.68 ? 161  ASN A N   1 
ATOM   1263 C  CA  . ASN A 1 161 ? -7.535  4.514   17.820  1.00 37.89 ? 161  ASN A CA  1 
ATOM   1264 C  C   . ASN A 1 161 ? -7.010  3.163   17.315  1.00 37.42 ? 161  ASN A C   1 
ATOM   1265 O  O   . ASN A 1 161 ? -7.374  2.102   17.856  1.00 35.97 ? 161  ASN A O   1 
ATOM   1266 C  CB  . ASN A 1 161 ? -8.755  4.257   18.696  1.00 39.80 ? 161  ASN A CB  1 
ATOM   1267 C  CG  . ASN A 1 161 ? -9.369  5.535   19.216  1.00 42.56 ? 161  ASN A CG  1 
ATOM   1268 O  OD1 . ASN A 1 161 ? -10.487 5.906   18.837  1.00 44.45 ? 161  ASN A OD1 1 
ATOM   1269 N  ND2 . ASN A 1 161 ? -8.637  6.231   20.078  1.00 43.69 ? 161  ASN A ND2 1 
ATOM   1270 N  N   . GLY A 1 162 ? -6.146  3.212   16.292  1.00 36.20 ? 162  GLY A N   1 
ATOM   1271 C  CA  . GLY A 1 162 ? -5.591  2.006   15.707  1.00 34.15 ? 162  GLY A CA  1 
ATOM   1272 C  C   . GLY A 1 162 ? -4.831  1.093   16.665  1.00 33.82 ? 162  GLY A C   1 
ATOM   1273 O  O   . GLY A 1 162 ? -4.963  -0.130  16.609  1.00 32.61 ? 162  GLY A O   1 
ATOM   1274 N  N   . VAL A 1 163 ? -4.031  1.663   17.558  1.00 32.85 ? 163  VAL A N   1 
ATOM   1275 C  CA  . VAL A 1 163 ? -3.285  0.797   18.448  1.00 32.58 ? 163  VAL A CA  1 
ATOM   1276 C  C   . VAL A 1 163 ? -4.189  0.060   19.423  1.00 32.35 ? 163  VAL A C   1 
ATOM   1277 O  O   . VAL A 1 163 ? -4.020  -1.141  19.643  1.00 33.68 ? 163  VAL A O   1 
ATOM   1278 C  CB  . VAL A 1 163 ? -2.220  1.571   19.194  1.00 33.64 ? 163  VAL A CB  1 
ATOM   1279 C  CG1 . VAL A 1 163 ? -1.399  0.601   20.094  1.00 31.90 ? 163  VAL A CG1 1 
ATOM   1280 C  CG2 . VAL A 1 163 ? -1.347  2.281   18.175  1.00 33.18 ? 163  VAL A CG2 1 
ATOM   1281 N  N   . GLU A 1 164 ? -5.160  0.776   19.964  1.00 32.05 ? 164  GLU A N   1 
ATOM   1282 C  CA  . GLU A 1 164 ? -6.124  0.234   20.903  1.00 32.75 ? 164  GLU A CA  1 
ATOM   1283 C  C   . GLU A 1 164 ? -6.872  -0.920  20.182  1.00 31.60 ? 164  GLU A C   1 
ATOM   1284 O  O   . GLU A 1 164 ? -7.108  -2.012  20.749  1.00 29.88 ? 164  GLU A O   1 
ATOM   1285 C  CB  . GLU A 1 164 ? -7.068  1.373   21.274  1.00 36.24 ? 164  GLU A CB  1 
ATOM   1286 C  CG  . GLU A 1 164 ? -8.156  1.151   22.319  1.00 41.98 ? 164  GLU A CG  1 
ATOM   1287 C  CD  . GLU A 1 164 ? -9.149  2.377   22.364  1.00 45.88 ? 164  GLU A CD  1 
ATOM   1288 O  OE1 . GLU A 1 164 ? -10.153 2.421   21.554  1.00 44.70 ? 164  GLU A OE1 1 
ATOM   1289 O  OE2 . GLU A 1 164 ? -8.893  3.316   23.181  1.00 45.36 ? 164  GLU A OE2 1 
ATOM   1290 N  N   . ARG A 1 165 ? -7.212  -0.679  18.918  1.00 28.93 ? 165  ARG A N   1 
ATOM   1291 C  CA  . ARG A 1 165 ? -7.918  -1.709  18.133  1.00 27.90 ? 165  ARG A CA  1 
ATOM   1292 C  C   . ARG A 1 165 ? -7.096  -2.993  18.013  1.00 26.97 ? 165  ARG A C   1 
ATOM   1293 O  O   . ARG A 1 165 ? -7.538  -4.068  18.414  1.00 28.22 ? 165  ARG A O   1 
ATOM   1294 C  CB  . ARG A 1 165 ? -8.219  -1.191  16.705  1.00 25.35 ? 165  ARG A CB  1 
ATOM   1295 C  CG  . ARG A 1 165 ? -8.937  -2.253  15.856  1.00 25.30 ? 165  ARG A CG  1 
ATOM   1296 C  CD  . ARG A 1 165 ? -9.126  -1.789  14.383  1.00 24.25 ? 165  ARG A CD  1 
ATOM   1297 N  NE  . ARG A 1 165 ? -10.047 -0.661  14.301  1.00 23.77 ? 165  ARG A NE  1 
ATOM   1298 C  CZ  . ARG A 1 165 ? -10.179 0.095   13.212  1.00 24.39 ? 165  ARG A CZ  1 
ATOM   1299 N  NH1 . ARG A 1 165 ? -9.448  -0.184  12.126  1.00 24.81 ? 165  ARG A NH1 1 
ATOM   1300 N  NH2 . ARG A 1 165 ? -10.992 1.134   13.240  1.00 24.80 ? 165  ARG A NH2 1 
ATOM   1301 N  N   . ILE A 1 166 ? -5.893  -2.869  17.473  1.00 28.84 ? 166  ILE A N   1 
ATOM   1302 C  CA  . ILE A 1 166 ? -5.046  -4.022  17.240  1.00 30.31 ? 166  ILE A CA  1 
ATOM   1303 C  C   . ILE A 1 166 ? -4.702  -4.775  18.533  1.00 31.05 ? 166  ILE A C   1 
ATOM   1304 O  O   . ILE A 1 166 ? -4.702  -6.014  18.570  1.00 28.66 ? 166  ILE A O   1 
ATOM   1305 C  CB  . ILE A 1 166 ? -3.788  -3.599  16.439  1.00 32.55 ? 166  ILE A CB  1 
ATOM   1306 C  CG1 . ILE A 1 166 ? -3.324  -4.771  15.565  1.00 33.65 ? 166  ILE A CG1 1 
ATOM   1307 C  CG2 . ILE A 1 166 ? -2.660  -3.148  17.388  1.00 33.91 ? 166  ILE A CG2 1 
ATOM   1308 C  CD1 . ILE A 1 166 ? -2.160  -4.445  14.606  1.00 33.07 ? 166  ILE A CD1 1 
ATOM   1309 N  N   . LYS A 1 167 ? -4.439  -4.025  19.599  1.00 30.71 ? 167  LYS A N   1 
ATOM   1310 C  CA  . LYS A 1 167 ? -4.147  -4.669  20.870  1.00 32.25 ? 167  LYS A CA  1 
ATOM   1311 C  C   . LYS A 1 167 ? -5.379  -5.450  21.349  1.00 31.58 ? 167  LYS A C   1 
ATOM   1312 O  O   . LYS A 1 167 ? -5.260  -6.603  21.809  1.00 32.97 ? 167  LYS A O   1 
ATOM   1313 C  CB  . LYS A 1 167 ? -3.746  -3.622  21.923  1.00 32.00 ? 167  LYS A CB  1 
ATOM   1314 C  CG  . LYS A 1 167 ? -2.334  -3.021  21.675  1.00 34.74 ? 167  LYS A CG  1 
ATOM   1315 C  CD  . LYS A 1 167 ? -1.802  -2.212  22.912  1.00 35.39 ? 167  LYS A CD  1 
ATOM   1316 C  CE  . LYS A 1 167 ? -0.281  -2.047  22.866  1.00 36.52 ? 167  LYS A CE  1 
ATOM   1317 N  NZ  . LYS A 1 167 ? 0.244   -1.709  24.239  1.00 38.57 ? 167  LYS A NZ  1 
ATOM   1318 N  N   . HIS A 1 168 ? -6.557  -4.844  21.259  1.00 30.48 ? 168  HIS A N   1 
ATOM   1319 C  CA  . HIS A 1 168 ? -7.755  -5.537  21.716  1.00 31.14 ? 168  HIS A CA  1 
ATOM   1320 C  C   . HIS A 1 168 ? -7.927  -6.826  20.900  1.00 32.04 ? 168  HIS A C   1 
ATOM   1321 O  O   . HIS A 1 168 ? -8.164  -7.895  21.451  1.00 31.34 ? 168  HIS A O   1 
ATOM   1322 C  CB  . HIS A 1 168 ? -8.978  -4.625  21.594  1.00 32.84 ? 168  HIS A CB  1 
ATOM   1323 C  CG  . HIS A 1 168 ? -10.229 -5.186  22.199  1.00 33.84 ? 168  HIS A CG  1 
ATOM   1324 N  ND1 . HIS A 1 168 ? -11.360 -4.426  22.409  1.00 37.69 ? 168  HIS A ND1 1 
ATOM   1325 C  CD2 . HIS A 1 168 ? -10.526 -6.423  22.651  1.00 35.00 ? 168  HIS A CD2 1 
ATOM   1326 C  CE1 . HIS A 1 168 ? -12.296 -5.172  22.974  1.00 36.61 ? 168  HIS A CE1 1 
ATOM   1327 N  NE2 . HIS A 1 168 ? -11.810 -6.389  23.131  1.00 34.31 ? 168  HIS A NE2 1 
ATOM   1328 N  N   . LEU A 1 169 ? -7.770  -6.729  19.585  1.00 31.65 ? 169  LEU A N   1 
ATOM   1329 C  CA  . LEU A 1 169 ? -7.887  -7.891  18.698  1.00 32.17 ? 169  LEU A CA  1 
ATOM   1330 C  C   . LEU A 1 169 ? -6.873  -9.006  18.994  1.00 32.71 ? 169  LEU A C   1 
ATOM   1331 O  O   . LEU A 1 169 ? -7.109  -10.160 18.691  1.00 31.10 ? 169  LEU A O   1 
ATOM   1332 C  CB  . LEU A 1 169 ? -7.700  -7.450  17.241  1.00 31.17 ? 169  LEU A CB  1 
ATOM   1333 C  CG  . LEU A 1 169 ? -8.808  -6.515  16.759  1.00 30.67 ? 169  LEU A CG  1 
ATOM   1334 C  CD1 . LEU A 1 169 ? -8.498  -5.962  15.369  1.00 32.36 ? 169  LEU A CD1 1 
ATOM   1335 C  CD2 . LEU A 1 169 ? -10.092 -7.300  16.756  1.00 32.12 ? 169  LEU A CD2 1 
ATOM   1336 N  N   . ALA A 1 170 ? -5.733  -8.633  19.564  1.00 34.00 ? 170  ALA A N   1 
ATOM   1337 C  CA  . ALA A 1 170 ? -4.707  -9.618  19.872  1.00 34.98 ? 170  ALA A CA  1 
ATOM   1338 C  C   . ALA A 1 170 ? -4.880  -10.150 21.287  1.00 35.54 ? 170  ALA A C   1 
ATOM   1339 O  O   . ALA A 1 170 ? -4.196  -11.108 21.621  1.00 37.38 ? 170  ALA A O   1 
ATOM   1340 C  CB  . ALA A 1 170 ? -3.315  -9.013  19.712  1.00 35.70 ? 170  ALA A CB  1 
HETATM 1341 S  S   . SO4 B 2 .   ? 2.900   -7.030  5.626   1.00 36.56 ? 1759 SO4 A S   1 
HETATM 1342 O  O1  . SO4 B 2 .   ? 2.154   -8.057  6.358   1.00 35.77 ? 1759 SO4 A O1  1 
HETATM 1343 O  O2  . SO4 B 2 .   ? 2.858   -7.316  4.191   1.00 37.09 ? 1759 SO4 A O2  1 
HETATM 1344 O  O3  . SO4 B 2 .   ? 2.292   -5.713  5.827   1.00 37.17 ? 1759 SO4 A O3  1 
HETATM 1345 O  O4  . SO4 B 2 .   ? 4.342   -7.025  6.061   1.00 36.37 ? 1759 SO4 A O4  1 
HETATM 1346 NA NA  . NA  C 3 .   ? 1.004   -3.956  4.433   1.00 39.60 ? 1000 NA  A NA  1 
HETATM 1347 P  PA  . NAD D 4 .   ? 2.420   -4.520  1.017   1.00 37.02 ? 1339 NAD A PA  1 
HETATM 1348 O  O1A . NAD D 4 .   ? 1.756   -3.282  1.477   1.00 36.27 ? 1339 NAD A O1A 1 
HETATM 1349 O  O2A . NAD D 4 .   ? 3.099   -5.366  2.028   1.00 37.65 ? 1339 NAD A O2A 1 
HETATM 1350 O  O5B . NAD D 4 .   ? 3.491   -4.220  -0.112  1.00 39.36 ? 1339 NAD A O5B 1 
HETATM 1351 C  C5B . NAD D 4 .   ? 3.138   -3.303  -1.153  1.00 42.18 ? 1339 NAD A C5B 1 
HETATM 1352 C  C4B . NAD D 4 .   ? 4.262   -3.152  -2.170  1.00 44.34 ? 1339 NAD A C4B 1 
HETATM 1353 O  O4B . NAD D 4 .   ? 4.978   -1.966  -1.740  1.00 45.32 ? 1339 NAD A O4B 1 
HETATM 1354 C  C3B . NAD D 4 .   ? 5.336   -4.249  -2.217  1.00 46.26 ? 1339 NAD A C3B 1 
HETATM 1355 O  O3B . NAD D 4 .   ? 4.903   -5.367  -3.012  1.00 46.77 ? 1339 NAD A O3B 1 
HETATM 1356 C  C2B . NAD D 4 .   ? 6.512   -3.423  -2.775  1.00 46.56 ? 1339 NAD A C2B 1 
HETATM 1357 O  O2B . NAD D 4 .   ? 6.322   -3.136  -4.182  1.00 46.79 ? 1339 NAD A O2B 1 
HETATM 1358 C  C1B . NAD D 4 .   ? 6.370   -2.134  -1.966  1.00 46.47 ? 1339 NAD A C1B 1 
HETATM 1359 N  N9A . NAD D 4 .   ? 7.076   -2.089  -0.678  1.00 47.74 ? 1339 NAD A N9A 1 
HETATM 1360 C  C8A . NAD D 4 .   ? 6.658   -2.515  0.553   1.00 48.32 ? 1339 NAD A C8A 1 
HETATM 1361 N  N7A . NAD D 4 .   ? 7.565   -2.331  1.522   1.00 49.70 ? 1339 NAD A N7A 1 
HETATM 1362 C  C5A . NAD D 4 .   ? 8.630   -1.748  0.866   1.00 49.08 ? 1339 NAD A C5A 1 
HETATM 1363 C  C6A . NAD D 4 .   ? 9.891   -1.317  1.336   1.00 50.12 ? 1339 NAD A C6A 1 
HETATM 1364 N  N6A . NAD D 4 .   ? 10.330  -1.391  2.597   1.00 49.50 ? 1339 NAD A N6A 1 
HETATM 1365 N  N1A . NAD D 4 .   ? 10.760  -0.769  0.410   1.00 49.75 ? 1339 NAD A N1A 1 
HETATM 1366 C  C2A . NAD D 4 .   ? 10.320  -0.685  -0.897  1.00 50.01 ? 1339 NAD A C2A 1 
HETATM 1367 N  N3A . NAD D 4 .   ? 9.176   -1.049  -1.443  1.00 48.61 ? 1339 NAD A N3A 1 
HETATM 1368 C  C4A . NAD D 4 .   ? 8.352   -1.588  -0.489  1.00 48.91 ? 1339 NAD A C4A 1 
HETATM 1369 O  O3  . NAD D 4 .   ? 1.287   -5.345  0.238   1.00 38.50 ? 1339 NAD A O3  1 
HETATM 1370 P  PN  . NAD D 4 .   ? 1.256   -6.736  -0.693  1.00 38.84 ? 1339 NAD A PN  1 
HETATM 1371 O  O1N . NAD D 4 .   ? 2.487   -6.844  -1.494  1.00 40.30 ? 1339 NAD A O1N 1 
HETATM 1372 O  O2N . NAD D 4 .   ? 1.041   -7.947  0.148   1.00 41.27 ? 1339 NAD A O2N 1 
HETATM 1373 O  O5D . NAD D 4 .   ? 0.041   -6.388  -1.713  1.00 39.77 ? 1339 NAD A O5D 1 
HETATM 1374 C  C5D . NAD D 4 .   ? -0.819  -7.452  -1.743  1.00 37.31 ? 1339 NAD A C5D 1 
HETATM 1375 C  C4D . NAD D 4 .   ? -2.149  -7.156  -2.304  1.00 34.18 ? 1339 NAD A C4D 1 
HETATM 1376 O  O4D . NAD D 4 .   ? -2.391  -7.826  -3.630  1.00 32.81 ? 1339 NAD A O4D 1 
HETATM 1377 C  C3D . NAD D 4 .   ? -3.041  -7.782  -1.303  1.00 31.94 ? 1339 NAD A C3D 1 
HETATM 1378 O  O3D . NAD D 4 .   ? -4.160  -6.999  -0.963  1.00 33.79 ? 1339 NAD A O3D 1 
HETATM 1379 C  C2D . NAD D 4 .   ? -3.336  -9.087  -2.016  1.00 31.79 ? 1339 NAD A C2D 1 
HETATM 1380 O  O2D . NAD D 4 .   ? -4.439  -9.714  -1.438  1.00 31.40 ? 1339 NAD A O2D 1 
HETATM 1381 C  C1D . NAD D 4 .   ? -3.541  -8.574  -3.446  1.00 30.51 ? 1339 NAD A C1D 1 
HETATM 1382 N  N1N . NAD D 4 .   ? -3.652  -9.658  -4.395  1.00 29.83 ? 1339 NAD A N1N 1 
HETATM 1383 C  C2N . NAD D 4 .   ? -4.907  -10.211 -4.624  1.00 28.84 ? 1339 NAD A C2N 1 
HETATM 1384 C  C3N . NAD D 4 .   ? -5.096  -11.426 -5.419  1.00 28.72 ? 1339 NAD A C3N 1 
HETATM 1385 C  C7N . NAD D 4 .   ? -6.496  -11.958 -5.467  1.00 30.51 ? 1339 NAD A C7N 1 
HETATM 1386 O  O7N . NAD D 4 .   ? -7.508  -11.346 -4.879  1.00 25.10 ? 1339 NAD A O7N 1 
HETATM 1387 N  N7N . NAD D 4 .   ? -6.703  -13.049 -6.099  1.00 28.22 ? 1339 NAD A N7N 1 
HETATM 1388 C  C4N . NAD D 4 .   ? -3.936  -11.953 -6.222  1.00 26.62 ? 1339 NAD A C4N 1 
HETATM 1389 C  C5N . NAD D 4 .   ? -2.650  -11.212 -5.933  1.00 29.23 ? 1339 NAD A C5N 1 
HETATM 1390 C  C6N . NAD D 4 .   ? -2.534  -10.185 -5.088  1.00 29.28 ? 1339 NAD A C6N 1 
HETATM 1391 O  O   . HOH E 5 .   ? -8.541  -18.115 -3.398  1.00 41.60 ? 201  HOH A O   1 
HETATM 1392 O  O   . HOH E 5 .   ? 3.147   -13.977 -3.052  1.00 36.06 ? 202  HOH A O   1 
HETATM 1393 O  O   . HOH E 5 .   ? -11.124 -9.116  25.341  1.00 41.00 ? 203  HOH A O   1 
HETATM 1394 O  O   . HOH E 5 .   ? 3.386   -8.564  1.246   1.00 50.76 ? 204  HOH A O   1 
HETATM 1395 O  O   . HOH E 5 .   ? -0.833  -18.448 -17.807 1.00 40.86 ? 205  HOH A O   1 
HETATM 1396 O  O   . HOH E 5 .   ? 11.476  -7.150  -4.330  1.00 38.87 ? 206  HOH A O   1 
HETATM 1397 O  O   . HOH E 5 .   ? -4.589  -14.787 -3.566  1.00 38.94 ? 207  HOH A O   1 
HETATM 1398 O  O   . HOH E 5 .   ? -13.077 3.706   17.384  1.00 44.56 ? 208  HOH A O   1 
HETATM 1399 O  O   . HOH E 5 .   ? 2.238   0.056   21.484  1.00 45.05 ? 209  HOH A O   1 
HETATM 1400 O  O   . HOH E 5 .   ? -9.364  -10.904 17.269  1.00 32.09 ? 210  HOH A O   1 
HETATM 1401 O  O   . HOH E 5 .   ? -6.929  -11.247 14.080  1.00 42.79 ? 211  HOH A O   1 
HETATM 1402 O  O   . HOH E 5 .   ? -14.263 -13.732 -5.573  1.00 43.39 ? 212  HOH A O   1 
HETATM 1403 O  O   . HOH E 5 .   ? -16.294 -2.613  -3.798  1.00 42.05 ? 213  HOH A O   1 
HETATM 1404 O  O   . HOH E 5 .   ? -13.343 -4.790  -20.304 1.00 37.26 ? 214  HOH A O   1 
HETATM 1405 O  O   . HOH E 5 .   ? -3.978  4.472   18.003  1.00 46.40 ? 215  HOH A O   1 
HETATM 1406 O  O   . HOH E 5 .   ? -1.238  14.726  -2.497  1.00 42.33 ? 216  HOH A O   1 
HETATM 1407 O  O   . HOH E 5 .   ? -3.246  3.588   21.974  1.00 47.61 ? 217  HOH A O   1 
HETATM 1408 O  O   . HOH E 5 .   ? 2.279   -3.509  -6.867  1.00 51.24 ? 218  HOH A O   1 
HETATM 1409 O  O   . HOH E 5 .   ? -13.413 1.811   11.005  1.00 35.29 ? 219  HOH A O   1 
HETATM 1410 O  O   . HOH E 5 .   ? 10.875  -9.302  -5.673  1.00 38.93 ? 220  HOH A O   1 
HETATM 1411 O  O   . HOH E 5 .   ? 2.999   -8.600  13.074  1.00 46.91 ? 221  HOH A O   1 
HETATM 1412 O  O   . HOH E 5 .   ? 13.260  -4.554  12.573  1.00 59.58 ? 222  HOH A O   1 
HETATM 1413 O  O   . HOH E 5 .   ? 0.868   -9.290  11.457  1.00 47.64 ? 223  HOH A O   1 
HETATM 1414 O  O   . HOH E 5 .   ? 4.860   -16.595 -18.704 1.00 47.17 ? 224  HOH A O   1 
HETATM 1415 O  O   . HOH E 5 .   ? 1.081   -13.253 -1.613  1.00 45.86 ? 225  HOH A O   1 
HETATM 1416 O  O   . HOH E 5 .   ? 14.317  1.032   13.539  1.00 58.88 ? 226  HOH A O   1 
HETATM 1417 O  O   . HOH E 5 .   ? 3.669   -9.740  17.362  1.00 49.76 ? 227  HOH A O   1 
HETATM 1418 O  O   . HOH E 5 .   ? -2.514  -7.152  23.489  1.00 57.10 ? 228  HOH A O   1 
HETATM 1419 O  O   . HOH E 5 .   ? -4.695  -0.424  24.663  1.00 41.63 ? 229  HOH A O   1 
HETATM 1420 O  O   . HOH E 5 .   ? -4.364  11.510  -17.007 1.00 51.80 ? 230  HOH A O   1 
HETATM 1421 O  O   . HOH E 5 .   ? 7.154   12.012  8.373   1.00 48.17 ? 231  HOH A O   1 
HETATM 1422 O  O   . HOH E 5 .   ? 9.484   11.635  -7.479  1.00 53.08 ? 232  HOH A O   1 
HETATM 1423 O  O   . HOH E 5 .   ? -8.357  -13.007 -16.939 1.00 54.60 ? 233  HOH A O   1 
HETATM 1424 O  O   . HOH E 5 .   ? 10.409  -4.583  -5.069  1.00 49.60 ? 234  HOH A O   1 
HETATM 1425 O  O   . HOH E 5 .   ? 0.821   -5.001  -21.920 1.00 60.45 ? 235  HOH A O   1 
HETATM 1426 O  O   . HOH E 5 .   ? -4.466  12.537  -12.851 1.00 47.46 ? 236  HOH A O   1 
HETATM 1427 O  O   . HOH E 5 .   ? -5.195  -1.746  -18.902 1.00 61.89 ? 237  HOH A O   1 
HETATM 1428 O  O   . HOH E 5 .   ? 8.347   -0.715  25.286  1.00 45.32 ? 238  HOH A O   1 
HETATM 1429 O  O   . HOH E 5 .   ? 4.693   -3.042  27.513  1.00 45.04 ? 239  HOH A O   1 
HETATM 1430 O  O   . HOH E 5 .   ? 7.816   -9.202  -16.352 1.00 64.50 ? 240  HOH A O   1 
HETATM 1431 O  O   . HOH E 5 .   ? -9.461  8.363   -4.534  1.00 43.49 ? 241  HOH A O   1 
HETATM 1432 O  O   . HOH E 5 .   ? -3.979  -12.449 -17.112 1.00 53.43 ? 242  HOH A O   1 
HETATM 1433 O  O   . HOH E 5 .   ? 5.628   -6.872  2.991   1.00 55.06 ? 243  HOH A O   1 
HETATM 1434 O  O   . HOH E 5 .   ? 11.201  -6.675  11.108  1.00 68.09 ? 244  HOH A O   1 
HETATM 1435 O  O   . HOH E 5 .   ? -6.664  -12.700 26.930  1.00 64.71 ? 245  HOH A O   1 
HETATM 1436 O  O   . HOH E 5 .   ? -12.249 4.643   14.281  1.00 53.21 ? 246  HOH A O   1 
HETATM 1437 O  O   . HOH E 5 .   ? -4.924  -11.841 11.178  1.00 44.56 ? 247  HOH A O   1 
HETATM 1438 O  O   . HOH E 5 .   ? 11.038  9.096   1.051   1.00 48.02 ? 248  HOH A O   1 
HETATM 1439 O  O   . HOH E 5 .   ? -2.535  13.161  9.466   1.00 51.09 ? 249  HOH A O   1 
HETATM 1440 O  O   . HOH E 5 .   ? -7.654  -14.488 -2.523  1.00 56.76 ? 250  HOH A O   1 
HETATM 1441 O  O   . HOH E 5 .   ? 6.263   4.430   18.599  1.00 48.15 ? 251  HOH A O   1 
HETATM 1442 O  O   . HOH E 5 .   ? 11.189  -0.579  18.828  1.00 52.51 ? 252  HOH A O   1 
HETATM 1443 O  O   . HOH E 5 .   ? 8.839   13.048  -9.615  1.00 50.05 ? 253  HOH A O   1 
HETATM 1444 O  O   . HOH E 5 .   ? 11.973  1.954   -8.855  1.00 64.76 ? 254  HOH A O   1 
HETATM 1445 O  O   . HOH E 5 .   ? 9.166   9.144   15.920  1.00 56.28 ? 255  HOH A O   1 
HETATM 1446 O  O   . HOH E 5 .   ? -15.366 -10.170 -9.584  1.00 56.96 ? 256  HOH A O   1 
HETATM 1447 O  O   . HOH E 5 .   ? 9.976   -8.045  -1.989  1.00 55.51 ? 257  HOH A O   1 
HETATM 1448 O  O   . HOH E 5 .   ? 5.001   -7.456  -1.108  1.00 46.86 ? 258  HOH A O   1 
HETATM 1449 O  O   . HOH E 5 .   ? -3.261  -12.856 -2.350  1.00 44.60 ? 259  HOH A O   1 
HETATM 1450 O  O   . HOH E 5 .   ? -10.641 -12.038 26.030  1.00 49.70 ? 260  HOH A O   1 
HETATM 1451 O  O   . HOH E 5 .   ? -12.700 9.214   14.505  1.00 58.07 ? 261  HOH A O   1 
HETATM 1452 O  O   . HOH E 5 .   ? -0.593  -11.603 -2.362  1.00 41.99 ? 262  HOH A O   1 
HETATM 1453 O  O   . HOH E 5 .   ? 13.081  -5.006  -11.427 1.00 53.18 ? 263  HOH A O   1 
HETATM 1454 O  O   . HOH E 5 .   ? -6.747  -9.584  -18.197 1.00 56.27 ? 264  HOH A O   1 
HETATM 1455 O  O   . HOH E 5 .   ? 5.106   -14.392 -0.979  1.00 47.77 ? 265  HOH A O   1 
HETATM 1456 O  O   . HOH E 5 .   ? 6.101   1.524   24.627  1.00 51.65 ? 266  HOH A O   1 
HETATM 1457 O  O   . HOH E 5 .   ? 1.560   9.507   18.453  1.00 54.51 ? 267  HOH A O   1 
HETATM 1458 O  O   . HOH E 5 .   ? -6.320  -18.286 -4.171  1.00 56.59 ? 268  HOH A O   1 
HETATM 1459 O  O   . HOH E 5 .   ? 5.511   -10.369 -0.454  1.00 42.90 ? 269  HOH A O   1 
HETATM 1460 O  O   . HOH E 5 .   ? 4.937   -10.848 13.790  1.00 59.25 ? 270  HOH A O   1 
HETATM 1461 O  O   . HOH E 5 .   ? 6.309   18.272  5.222   1.00 61.32 ? 271  HOH A O   1 
HETATM 1462 O  O   . HOH E 5 .   ? -8.391  10.076  19.224  1.00 61.36 ? 272  HOH A O   1 
HETATM 1463 O  O   . HOH E 5 .   ? -0.489  -2.697  -21.547 1.00 64.02 ? 273  HOH A O   1 
HETATM 1464 O  O   . HOH E 5 .   ? 7.656   -4.705  3.041   1.00 52.04 ? 274  HOH A O   1 
HETATM 1465 O  O   . HOH E 5 .   ? -0.719  8.790   20.724  1.00 62.24 ? 275  HOH A O   1 
HETATM 1466 O  O   . HOH E 5 .   ? -14.574 -7.687  -10.190 1.00 49.33 ? 276  HOH A O   1 
HETATM 1467 O  O   . HOH E 5 .   ? 6.238   -8.688  5.197   1.00 50.46 ? 277  HOH A O   1 
HETATM 1468 O  O   . HOH E 5 .   ? -15.064 -4.253  24.587  1.00 51.72 ? 278  HOH A O   1 
HETATM 1469 O  O   . HOH E 5 .   ? -11.938 -13.084 -1.130  1.00 47.06 ? 279  HOH A O   1 
HETATM 1470 O  O   . HOH E 5 .   ? 10.532  7.193   2.690   1.00 42.88 ? 280  HOH A O   1 
HETATM 1471 O  O   . HOH E 5 .   ? -0.484  20.087  -4.340  1.00 53.61 ? 281  HOH A O   1 
HETATM 1472 O  O   . HOH E 5 .   ? 9.709   -6.335  17.149  1.00 57.37 ? 282  HOH A O   1 
HETATM 1473 O  O   . HOH E 5 .   ? 8.507   -9.242  6.988   1.00 58.67 ? 283  HOH A O   1 
HETATM 1474 O  O   . HOH E 5 .   ? 2.568   -11.313 8.322   1.00 65.47 ? 284  HOH A O   1 
HETATM 1475 O  O   . HOH E 5 .   ? -5.688  11.940  -10.332 1.00 55.27 ? 285  HOH A O   1 
HETATM 1476 O  O   . HOH E 5 .   ? -12.959 -9.676  -1.187  1.00 36.11 ? 286  HOH A O   1 
HETATM 1477 O  O   . HOH E 5 .   ? -5.155  16.338  0.014   1.00 52.03 ? 287  HOH A O   1 
HETATM 1478 O  O   . HOH E 5 .   ? 6.610   13.647  -18.879 1.00 64.54 ? 288  HOH A O   1 
HETATM 1479 O  O   . HOH E 5 .   ? 15.620  9.680   -11.485 1.00 56.86 ? 289  HOH A O   1 
HETATM 1480 O  O   . HOH E 5 .   ? -2.314  -15.967 -15.682 1.00 45.77 ? 290  HOH A O   1 
HETATM 1481 O  O   . HOH E 5 .   ? -6.428  -10.656 7.664   1.00 39.67 ? 291  HOH A O   1 
HETATM 1482 O  O   . HOH E 5 .   ? -14.521 -12.550 -8.881  1.00 37.92 ? 292  HOH A O   1 
HETATM 1483 O  O   . HOH E 5 .   ? 16.508  -11.360 3.326   1.00 54.35 ? 293  HOH A O   1 
HETATM 1484 O  O   . HOH E 5 .   ? -4.544  -12.894 -12.909 1.00 24.18 ? 294  HOH A O   1 
HETATM 1485 O  O   . HOH E 5 .   ? -6.802  -0.729  -16.546 1.00 26.48 ? 295  HOH A O   1 
HETATM 1486 O  O   . HOH E 5 .   ? -6.956  -18.817 -6.840  1.00 24.85 ? 296  HOH A O   1 
HETATM 1487 O  O   . HOH E 5 .   ? -12.170 5.015   11.460  1.00 27.46 ? 297  HOH A O   1 
HETATM 1488 O  O   . HOH E 5 .   ? -13.483 3.529   6.815   1.00 29.18 ? 298  HOH A O   1 
HETATM 1489 O  O   . HOH E 5 .   ? -13.792 -5.384  6.749   1.00 20.93 ? 299  HOH A O   1 
HETATM 1490 O  O   . HOH E 5 .   ? -11.756 -2.636  4.666   1.00 25.34 ? 300  HOH A O   1 
HETATM 1491 O  O   . HOH E 5 .   ? -6.701  -12.061 -15.088 1.00 30.07 ? 301  HOH A O   1 
HETATM 1492 O  O   . HOH E 5 .   ? -10.940 -2.587  -19.088 1.00 35.96 ? 302  HOH A O   1 
HETATM 1493 O  O   . HOH E 5 .   ? -12.815 -14.888 -8.668  1.00 32.72 ? 303  HOH A O   1 
HETATM 1494 O  O   . HOH E 5 .   ? -6.982  -7.258  -4.209  1.00 30.51 ? 304  HOH A O   1 
HETATM 1495 O  O   . HOH E 5 .   ? -6.120  -5.479  4.026   1.00 32.36 ? 305  HOH A O   1 
HETATM 1496 O  O   . HOH E 5 .   ? 2.241   -5.804  -4.554  1.00 37.31 ? 306  HOH A O   1 
HETATM 1497 O  O   . HOH E 5 .   ? -3.935  -10.889 4.410   1.00 38.32 ? 307  HOH A O   1 
HETATM 1498 O  O   . HOH E 5 .   ? -10.746 -6.953  -17.339 1.00 27.37 ? 308  HOH A O   1 
HETATM 1499 O  O   . HOH E 5 .   ? -9.547  1.386   -17.924 1.00 31.97 ? 309  HOH A O   1 
HETATM 1500 O  O   . HOH E 5 .   ? -3.435  -17.217 -3.354  1.00 32.22 ? 310  HOH A O   1 
HETATM 1501 O  O   . HOH E 5 .   ? -4.515  8.248   -20.867 1.00 49.67 ? 311  HOH A O   1 
HETATM 1502 O  O   . HOH E 5 .   ? -6.801  -1.928  23.433  1.00 35.26 ? 312  HOH A O   1 
HETATM 1503 O  O   . HOH E 5 .   ? -2.493  -13.451 -15.023 1.00 30.58 ? 313  HOH A O   1 
HETATM 1504 O  O   . HOH E 5 .   ? -11.210 2.203   16.113  1.00 32.47 ? 314  HOH A O   1 
HETATM 1505 O  O   . HOH E 5 .   ? -4.290  -10.413 1.927   1.00 43.07 ? 315  HOH A O   1 
HETATM 1506 O  O   . HOH E 5 .   ? -5.191  3.684   20.093  1.00 34.92 ? 316  HOH A O   1 
HETATM 1507 O  O   . HOH E 5 .   ? -11.381 -1.861  22.781  1.00 37.83 ? 317  HOH A O   1 
HETATM 1508 O  O   . HOH E 5 .   ? -11.650 -4.720  -18.213 1.00 39.04 ? 318  HOH A O   1 
HETATM 1509 O  O   . HOH E 5 .   ? -11.496 -20.571 -2.805  1.00 35.68 ? 319  HOH A O   1 
HETATM 1510 O  O   . HOH E 5 .   ? -9.336  -10.344 14.298  1.00 34.43 ? 320  HOH A O   1 
# 
